data_6CU3
#
_entry.id   6CU3
#
_cell.length_a   249.630
_cell.length_b   101.460
_cell.length_c   105.890
_cell.angle_alpha   90.000
_cell.angle_beta   90.000
_cell.angle_gamma   90.000
#
_symmetry.space_group_name_H-M   'P 21 21 2'
#
loop_
_entity.id
_entity.type
_entity.pdbx_description
1 polymer 'protein arginine N-methyltransferase'
2 non-polymer 1,2-ETHANEDIOL
3 water water
#
_entity_poly.entity_id   1
_entity_poly.type   'polypeptide(L)'
_entity_poly.pdbx_seq_one_letter_code
;MAHHHHHHMNDFHHDFQQQQPTTGIHEEMLKDGIRTNAYKNAILQNKHLFKDKVVLDIGCGTGILCLFAAKAGAKRVIGI
DMSDIIDKARQIVSDNGYSHVIELIKGKVEDIAQLPFGIEKVDIIISEWMGYFLLYESMLQTVLSARDRWLRPGGYLFPD
KCTMYICGIEDSEYKRDKIDFWDNVYGFNFSAIKADALREPLVDFVESQQIITTQSKFLEIDLNTIQPEDLKQITTSFEF
TSQYQEYCQAFVAWFDCVFSRGPHKPVEFSTGPFTEGTHWKQTVFYLENDLPLKPNDVIKGTITISQNKSNHRDLDISMK
YTVNGGAVISQDYIMR
;
_entity_poly.pdbx_strand_id   A,B,C,D,E,F
#
loop_
_chem_comp.id
_chem_comp.type
_chem_comp.name
_chem_comp.formula
EDO non-polymer 1,2-ETHANEDIOL 'C2 H6 O2'
#
# COMPACT_ATOMS: atom_id res chain seq x y z
N HIS A 26 21.01 -16.02 41.94
CA HIS A 26 20.57 -17.34 41.48
C HIS A 26 20.77 -17.52 39.95
N GLU A 27 20.33 -16.55 39.14
CA GLU A 27 20.55 -16.62 37.70
C GLU A 27 22.04 -16.64 37.34
N GLU A 28 22.88 -16.14 38.25
CA GLU A 28 24.34 -16.15 38.11
CA GLU A 28 24.32 -16.14 38.01
C GLU A 28 24.90 -17.55 37.84
N MET A 29 24.15 -18.61 38.16
CA MET A 29 24.67 -19.96 38.02
C MET A 29 23.94 -20.81 36.98
N LEU A 30 23.12 -20.21 36.12
CA LEU A 30 22.41 -21.02 35.13
C LEU A 30 23.37 -21.47 34.03
N LYS A 31 23.33 -22.76 33.72
CA LYS A 31 24.09 -23.39 32.66
C LYS A 31 23.10 -23.83 31.57
N ASP A 32 23.21 -23.25 30.37
CA ASP A 32 22.38 -23.66 29.24
C ASP A 32 23.36 -23.85 28.07
N GLY A 33 23.86 -25.08 27.94
CA GLY A 33 24.88 -25.36 26.94
C GLY A 33 24.40 -25.09 25.52
N ILE A 34 23.18 -25.55 25.19
CA ILE A 34 22.71 -25.34 23.82
C ILE A 34 22.65 -23.85 23.52
N ARG A 35 22.16 -23.07 24.49
CA ARG A 35 22.09 -21.61 24.33
CA ARG A 35 22.09 -21.62 24.30
C ARG A 35 23.48 -21.02 24.13
N THR A 36 24.34 -21.18 25.12
CA THR A 36 25.64 -20.53 25.09
C THR A 36 26.49 -21.01 23.92
N ASN A 37 26.40 -22.29 23.56
CA ASN A 37 27.17 -22.77 22.44
C ASN A 37 26.77 -22.06 21.15
N ALA A 38 25.48 -21.75 20.99
CA ALA A 38 25.06 -21.03 19.79
C ALA A 38 25.65 -19.63 19.76
N TYR A 39 25.55 -18.88 20.86
CA TYR A 39 26.15 -17.55 20.87
C TYR A 39 27.65 -17.63 20.63
N LYS A 40 28.32 -18.63 21.22
CA LYS A 40 29.77 -18.76 21.08
C LYS A 40 30.17 -18.93 19.62
N ASN A 41 29.46 -19.79 18.89
CA ASN A 41 29.76 -19.98 17.49
C ASN A 41 29.42 -18.73 16.68
N ALA A 42 28.31 -18.06 16.99
CA ALA A 42 27.95 -16.88 16.22
C ALA A 42 29.00 -15.79 16.34
N ILE A 43 29.65 -15.68 17.49
CA ILE A 43 30.60 -14.62 17.75
C ILE A 43 32.00 -15.06 17.35
N LEU A 44 32.48 -16.19 17.92
CA LEU A 44 33.88 -16.57 17.72
C LEU A 44 34.16 -17.11 16.33
N GLN A 45 33.13 -17.58 15.61
CA GLN A 45 33.32 -17.94 14.20
C GLN A 45 33.25 -16.74 13.27
N ASN A 46 33.19 -15.52 13.83
CA ASN A 46 33.04 -14.32 13.01
C ASN A 46 33.92 -13.20 13.52
N LYS A 47 35.15 -13.56 13.90
CA LYS A 47 36.13 -12.56 14.35
C LYS A 47 36.31 -11.45 13.33
N HIS A 48 36.37 -11.82 12.04
CA HIS A 48 36.44 -10.85 10.95
C HIS A 48 35.37 -9.77 11.10
N LEU A 49 34.17 -10.15 11.50
CA LEU A 49 33.09 -9.20 11.71
C LEU A 49 33.24 -8.40 13.00
N PHE A 50 33.74 -9.02 14.08
CA PHE A 50 33.76 -8.34 15.37
C PHE A 50 34.98 -7.45 15.52
N LYS A 51 36.01 -7.67 14.71
CA LYS A 51 37.25 -6.91 14.81
C LYS A 51 36.99 -5.41 14.74
N ASP A 52 37.38 -4.71 15.82
CA ASP A 52 37.21 -3.27 16.05
C ASP A 52 35.78 -2.77 16.01
N LYS A 53 34.79 -3.62 16.23
CA LYS A 53 33.45 -3.09 16.39
C LYS A 53 33.19 -2.63 17.84
N VAL A 54 32.09 -1.91 18.00
CA VAL A 54 31.62 -1.46 19.30
C VAL A 54 30.37 -2.26 19.56
N VAL A 55 30.43 -3.12 20.57
CA VAL A 55 29.40 -4.10 20.87
C VAL A 55 28.68 -3.69 22.15
N LEU A 56 27.35 -3.79 22.13
CA LEU A 56 26.53 -3.57 23.32
C LEU A 56 25.83 -4.88 23.69
N ASP A 57 25.94 -5.27 24.95
CA ASP A 57 25.35 -6.52 25.43
C ASP A 57 24.26 -6.21 26.46
N ILE A 58 22.98 -6.39 26.06
CA ILE A 58 21.83 -6.12 26.93
C ILE A 58 21.57 -7.35 27.80
N GLY A 59 21.54 -7.15 29.13
CA GLY A 59 21.34 -8.26 30.06
C GLY A 59 22.51 -9.23 30.11
N CYS A 60 23.73 -8.72 30.37
CA CYS A 60 24.96 -9.49 30.17
C CYS A 60 25.19 -10.57 31.24
N GLY A 61 24.55 -10.47 32.39
CA GLY A 61 24.78 -11.46 33.44
C GLY A 61 26.23 -11.43 33.91
N THR A 62 26.82 -12.62 34.09
CA THR A 62 28.20 -12.72 34.54
C THR A 62 29.22 -12.33 33.46
N GLY A 63 28.81 -12.15 32.21
CA GLY A 63 29.67 -11.57 31.21
C GLY A 63 30.25 -12.47 30.17
N ILE A 64 29.80 -13.73 30.06
CA ILE A 64 30.43 -14.66 29.12
C ILE A 64 30.34 -14.14 27.67
N LEU A 65 29.19 -13.58 27.27
CA LEU A 65 29.06 -13.11 25.88
C LEU A 65 29.94 -11.89 25.61
N CYS A 66 30.08 -11.00 26.60
CA CYS A 66 31.06 -9.93 26.51
C CYS A 66 32.46 -10.48 26.30
N LEU A 67 32.81 -11.56 27.02
CA LEU A 67 34.12 -12.18 26.86
C LEU A 67 34.28 -12.75 25.44
N PHE A 68 33.23 -13.40 24.92
CA PHE A 68 33.29 -13.88 23.55
C PHE A 68 33.54 -12.73 22.60
N ALA A 69 32.81 -11.62 22.79
CA ALA A 69 32.97 -10.47 21.90
C ALA A 69 34.37 -9.88 21.99
N ALA A 70 34.92 -9.76 23.21
CA ALA A 70 36.27 -9.26 23.35
C ALA A 70 37.29 -10.21 22.74
N LYS A 71 37.10 -11.51 22.95
CA LYS A 71 38.00 -12.48 22.36
C LYS A 71 37.88 -12.49 20.84
N ALA A 72 36.70 -12.20 20.30
CA ALA A 72 36.49 -12.12 18.87
C ALA A 72 37.12 -10.86 18.27
N GLY A 73 37.60 -9.94 19.11
CA GLY A 73 38.31 -8.77 18.65
C GLY A 73 37.56 -7.45 18.70
N ALA A 74 36.41 -7.38 19.36
CA ALA A 74 35.75 -6.09 19.50
C ALA A 74 36.71 -5.10 20.13
N LYS A 75 36.58 -3.84 19.76
CA LYS A 75 37.44 -2.87 20.43
C LYS A 75 36.81 -2.35 21.72
N ARG A 76 35.50 -2.46 21.86
CA ARG A 76 34.83 -1.93 23.03
C ARG A 76 33.58 -2.75 23.24
N VAL A 77 33.40 -3.30 24.43
CA VAL A 77 32.16 -3.98 24.79
C VAL A 77 31.56 -3.29 26.01
N ILE A 78 30.29 -2.94 25.89
CA ILE A 78 29.50 -2.35 26.97
C ILE A 78 28.43 -3.35 27.35
N GLY A 79 28.47 -3.82 28.60
CA GLY A 79 27.48 -4.75 29.13
C GLY A 79 26.59 -4.04 30.15
N ILE A 80 25.28 -4.31 30.07
CA ILE A 80 24.29 -3.74 30.98
C ILE A 80 23.57 -4.86 31.73
N ASP A 81 23.37 -4.66 33.02
CA ASP A 81 22.62 -5.58 33.87
C ASP A 81 22.40 -4.92 35.24
N MET A 82 21.82 -5.68 36.17
CA MET A 82 21.50 -5.14 37.48
C MET A 82 22.71 -5.21 38.42
N SER A 83 22.65 -4.35 39.44
CA SER A 83 23.79 -4.03 40.30
C SER A 83 24.56 -5.27 40.76
N ASP A 84 23.89 -6.20 41.43
CA ASP A 84 24.63 -7.28 42.10
C ASP A 84 25.35 -8.20 41.11
N ILE A 85 24.71 -8.50 39.98
CA ILE A 85 25.38 -9.40 39.06
C ILE A 85 26.47 -8.66 38.28
N ILE A 86 26.35 -7.34 38.13
CA ILE A 86 27.39 -6.59 37.42
C ILE A 86 28.68 -6.58 38.24
N ASP A 87 28.56 -6.55 39.57
CA ASP A 87 29.72 -6.63 40.47
C ASP A 87 30.50 -7.91 40.27
N LYS A 88 29.80 -9.03 40.06
CA LYS A 88 30.49 -10.31 39.88
C LYS A 88 31.16 -10.38 38.52
N ALA A 89 30.44 -9.91 37.48
CA ALA A 89 30.97 -9.89 36.13
C ALA A 89 32.22 -9.01 36.02
N ARG A 90 32.24 -7.88 36.73
CA ARG A 90 33.42 -7.03 36.71
C ARG A 90 34.64 -7.79 37.19
N GLN A 91 34.48 -8.64 38.21
CA GLN A 91 35.60 -9.44 38.67
C GLN A 91 36.00 -10.50 37.66
N ILE A 92 35.01 -11.13 37.00
CA ILE A 92 35.29 -12.16 36.01
C ILE A 92 36.00 -11.55 34.80
N VAL A 93 35.57 -10.36 34.39
CA VAL A 93 36.24 -9.69 33.28
C VAL A 93 37.68 -9.37 33.66
N SER A 94 37.91 -8.96 34.90
CA SER A 94 39.25 -8.59 35.31
C SER A 94 40.15 -9.82 35.39
N ASP A 95 39.64 -10.94 35.92
CA ASP A 95 40.40 -12.18 35.97
C ASP A 95 40.72 -12.70 34.59
N ASN A 96 39.95 -12.29 33.58
CA ASN A 96 40.16 -12.80 32.25
C ASN A 96 40.85 -11.80 31.33
N GLY A 97 41.32 -10.68 31.89
CA GLY A 97 42.18 -9.76 31.19
C GLY A 97 41.54 -8.86 30.17
N TYR A 98 40.26 -8.49 30.37
CA TYR A 98 39.55 -7.67 29.39
C TYR A 98 38.95 -6.40 29.98
N SER A 99 39.40 -5.96 31.15
CA SER A 99 38.88 -4.70 31.70
C SER A 99 39.14 -3.53 30.77
N HIS A 100 40.23 -3.59 30.01
CA HIS A 100 40.50 -2.52 29.07
C HIS A 100 39.49 -2.50 27.92
N VAL A 101 38.84 -3.62 27.62
CA VAL A 101 37.89 -3.71 26.50
C VAL A 101 36.44 -3.63 26.97
N ILE A 102 36.09 -4.32 28.07
CA ILE A 102 34.70 -4.52 28.49
C ILE A 102 34.35 -3.55 29.63
N GLU A 103 33.32 -2.73 29.43
CA GLU A 103 32.84 -1.85 30.47
C GLU A 103 31.42 -2.28 30.83
N LEU A 104 31.14 -2.40 32.13
CA LEU A 104 29.87 -2.93 32.60
C LEU A 104 29.17 -1.87 33.42
N ILE A 105 27.94 -1.56 33.05
CA ILE A 105 27.14 -0.54 33.72
C ILE A 105 25.91 -1.18 34.35
N LYS A 106 25.51 -0.64 35.50
CA LYS A 106 24.34 -1.09 36.25
C LYS A 106 23.11 -0.30 35.83
N GLY A 107 21.96 -0.97 35.76
CA GLY A 107 20.70 -0.28 35.61
C GLY A 107 19.90 -0.79 34.44
N LYS A 108 18.76 -0.14 34.21
CA LYS A 108 17.90 -0.47 33.09
C LYS A 108 18.26 0.42 31.90
N VAL A 109 18.04 -0.11 30.70
CA VAL A 109 18.35 0.66 29.48
C VAL A 109 17.59 1.98 29.49
N GLU A 110 16.34 1.93 29.98
CA GLU A 110 15.50 3.12 30.05
C GLU A 110 16.10 4.20 30.93
N ASP A 111 16.84 3.83 31.96
CA ASP A 111 17.33 4.81 32.92
C ASP A 111 18.73 5.30 32.60
N ILE A 112 19.33 4.80 31.53
CA ILE A 112 20.67 5.19 31.12
C ILE A 112 20.55 6.39 30.18
N ALA A 113 20.99 7.56 30.66
CA ALA A 113 20.90 8.76 29.83
C ALA A 113 21.74 8.62 28.57
N GLN A 114 22.96 8.09 28.69
CA GLN A 114 23.80 7.86 27.53
C GLN A 114 24.84 6.81 27.85
N LEU A 115 25.38 6.19 26.79
CA LEU A 115 26.44 5.21 26.91
C LEU A 115 27.73 5.87 27.42
N PRO A 116 28.63 5.10 28.04
CA PRO A 116 29.85 5.68 28.60
C PRO A 116 30.75 6.24 27.50
N PHE A 117 31.70 7.09 27.93
CA PHE A 117 32.83 7.53 27.12
C PHE A 117 32.40 8.33 25.90
N GLY A 118 31.21 8.93 25.93
CA GLY A 118 30.78 9.72 24.81
C GLY A 118 30.32 8.91 23.63
N ILE A 119 30.26 7.58 23.76
CA ILE A 119 29.84 6.74 22.66
C ILE A 119 28.36 7.00 22.38
N GLU A 120 28.04 7.27 21.11
CA GLU A 120 26.66 7.54 20.74
C GLU A 120 26.02 6.44 19.88
N LYS A 121 26.82 5.57 19.26
CA LYS A 121 26.30 4.54 18.37
C LYS A 121 27.09 3.26 18.60
N VAL A 122 26.45 2.11 18.37
CA VAL A 122 27.14 0.84 18.47
C VAL A 122 26.92 0.07 17.17
N ASP A 123 27.84 -0.85 16.90
CA ASP A 123 27.78 -1.62 15.67
C ASP A 123 27.02 -2.92 15.81
N ILE A 124 26.98 -3.51 17.01
CA ILE A 124 26.39 -4.82 17.23
C ILE A 124 25.71 -4.81 18.59
N ILE A 125 24.47 -5.30 18.65
CA ILE A 125 23.76 -5.50 19.91
C ILE A 125 23.64 -7.01 20.11
N ILE A 126 24.25 -7.51 21.21
CA ILE A 126 24.01 -8.87 21.67
C ILE A 126 22.94 -8.82 22.75
N SER A 127 22.00 -9.76 22.69
CA SER A 127 21.01 -9.86 23.77
C SER A 127 20.47 -11.27 23.79
N GLU A 128 19.85 -11.59 24.90
CA GLU A 128 19.11 -12.82 25.10
C GLU A 128 17.66 -12.44 25.36
N TRP A 129 17.00 -11.89 24.34
CA TRP A 129 15.71 -11.25 24.50
C TRP A 129 14.56 -12.24 24.63
N MET A 130 14.72 -13.46 24.13
CA MET A 130 13.63 -14.43 24.11
C MET A 130 13.16 -14.80 25.51
N GLY A 131 11.86 -14.67 25.76
CA GLY A 131 11.25 -15.13 26.99
C GLY A 131 10.63 -16.50 26.82
N TYR A 132 9.95 -16.95 27.87
CA TYR A 132 9.16 -18.16 27.73
C TYR A 132 8.09 -17.91 26.69
N PHE A 133 7.84 -18.92 25.84
CA PHE A 133 6.90 -18.76 24.73
C PHE A 133 7.31 -17.56 23.87
N LEU A 134 8.62 -17.30 23.82
CA LEU A 134 9.26 -16.18 23.13
C LEU A 134 8.92 -14.83 23.76
N LEU A 135 7.64 -14.57 24.05
CA LEU A 135 7.18 -13.23 24.36
C LEU A 135 6.79 -12.98 25.81
N TYR A 136 6.67 -14.01 26.63
CA TYR A 136 6.37 -13.81 28.05
C TYR A 136 7.62 -13.33 28.79
N GLU A 137 7.50 -12.18 29.47
CA GLU A 137 8.62 -11.60 30.22
C GLU A 137 9.91 -11.57 29.40
N SER A 138 9.79 -11.18 28.14
CA SER A 138 10.96 -11.04 27.29
C SER A 138 11.60 -9.68 27.51
N MET A 139 12.80 -9.52 26.95
CA MET A 139 13.45 -8.22 26.86
C MET A 139 13.24 -7.56 25.50
N LEU A 140 12.22 -8.01 24.76
CA LEU A 140 12.01 -7.56 23.38
C LEU A 140 11.83 -6.04 23.29
N GLN A 141 10.94 -5.49 24.10
CA GLN A 141 10.75 -4.04 24.09
C GLN A 141 12.05 -3.29 24.42
N THR A 142 12.82 -3.82 25.38
CA THR A 142 14.06 -3.18 25.75
C THR A 142 15.10 -3.21 24.63
N VAL A 143 15.24 -4.37 23.94
CA VAL A 143 16.21 -4.47 22.85
C VAL A 143 15.82 -3.57 21.69
N LEU A 144 14.53 -3.52 21.36
CA LEU A 144 14.09 -2.64 20.28
C LEU A 144 14.41 -1.19 20.62
N SER A 145 14.23 -0.80 21.87
CA SER A 145 14.51 0.57 22.29
C SER A 145 16.01 0.85 22.22
N ALA A 146 16.84 -0.10 22.66
CA ALA A 146 18.28 0.09 22.55
C ALA A 146 18.70 0.14 21.09
N ARG A 147 18.05 -0.65 20.25
CA ARG A 147 18.33 -0.60 18.82
C ARG A 147 18.05 0.79 18.25
N ASP A 148 16.83 1.30 18.50
CA ASP A 148 16.45 2.60 17.95
C ASP A 148 17.37 3.69 18.46
N ARG A 149 17.80 3.59 19.72
CA ARG A 149 18.62 4.65 20.31
C ARG A 149 20.04 4.58 19.78
N TRP A 150 20.59 3.37 19.64
CA TRP A 150 22.04 3.22 19.53
C TRP A 150 22.57 2.44 18.33
N LEU A 151 21.78 1.55 17.72
CA LEU A 151 22.33 0.77 16.62
C LEU A 151 22.53 1.66 15.40
N ARG A 152 23.71 1.55 14.80
CA ARG A 152 23.99 2.19 13.52
C ARG A 152 23.09 1.58 12.44
N PRO A 153 22.70 2.36 11.43
CA PRO A 153 21.96 1.76 10.32
C PRO A 153 22.78 0.61 9.75
N GLY A 154 22.12 -0.53 9.53
CA GLY A 154 22.82 -1.70 9.05
C GLY A 154 23.54 -2.50 10.10
N GLY A 155 23.64 -2.02 11.34
CA GLY A 155 24.21 -2.80 12.42
C GLY A 155 23.46 -4.12 12.66
N TYR A 156 24.07 -4.94 13.50
CA TYR A 156 23.68 -6.33 13.67
C TYR A 156 23.08 -6.57 15.06
N LEU A 157 22.04 -7.38 15.09
CA LEU A 157 21.48 -7.88 16.33
C LEU A 157 21.79 -9.36 16.39
N PHE A 158 22.51 -9.77 17.43
CA PHE A 158 22.87 -11.16 17.68
C PHE A 158 22.04 -11.66 18.85
N PRO A 159 21.00 -12.49 18.64
CA PRO A 159 20.42 -12.97 17.38
C PRO A 159 19.31 -12.02 16.87
N ASP A 160 18.81 -12.21 15.66
CA ASP A 160 17.84 -11.26 15.11
C ASP A 160 16.55 -11.90 14.61
N LYS A 161 16.45 -13.22 14.48
CA LYS A 161 15.20 -13.83 14.03
C LYS A 161 14.81 -15.00 14.93
N CYS A 162 13.53 -15.05 15.29
CA CYS A 162 12.96 -16.21 15.94
C CYS A 162 11.66 -16.61 15.25
N THR A 163 11.45 -17.91 15.13
CA THR A 163 10.27 -18.46 14.50
C THR A 163 9.56 -19.39 15.48
N MET A 164 8.26 -19.24 15.63
CA MET A 164 7.52 -20.07 16.57
C MET A 164 6.80 -21.19 15.84
N TYR A 165 6.77 -22.36 16.48
CA TYR A 165 6.10 -23.54 15.93
C TYR A 165 5.08 -24.04 16.93
N ILE A 166 4.03 -24.67 16.41
CA ILE A 166 3.02 -25.28 17.25
C ILE A 166 2.55 -26.60 16.64
N CYS A 167 2.18 -27.53 17.52
CA CYS A 167 1.65 -28.82 17.09
C CYS A 167 0.80 -29.40 18.23
N GLY A 168 0.09 -30.49 17.93
CA GLY A 168 -0.79 -31.14 18.89
C GLY A 168 -0.12 -32.36 19.51
N ILE A 169 -0.38 -32.60 20.80
CA ILE A 169 0.21 -33.73 21.50
C ILE A 169 -0.86 -34.54 22.20
N GLU A 170 -0.52 -35.81 22.45
CA GLU A 170 -1.25 -36.66 23.40
C GLU A 170 -0.58 -36.50 24.77
N ASP A 171 -1.39 -36.17 25.78
CA ASP A 171 -0.84 -35.87 27.09
C ASP A 171 -1.82 -36.23 28.20
N SER A 172 -2.53 -37.35 28.03
CA SER A 172 -3.63 -37.65 28.97
C SER A 172 -3.13 -38.00 30.38
N GLU A 173 -1.98 -38.65 30.50
CA GLU A 173 -1.47 -38.96 31.84
C GLU A 173 -1.22 -37.69 32.64
N TYR A 174 -0.56 -36.72 32.05
CA TYR A 174 -0.37 -35.48 32.78
C TYR A 174 -1.69 -34.77 33.03
N LYS A 175 -2.59 -34.75 32.03
CA LYS A 175 -3.86 -34.05 32.23
C LYS A 175 -4.70 -34.70 33.34
N ARG A 176 -4.81 -36.03 33.35
CA ARG A 176 -5.54 -36.72 34.41
C ARG A 176 -4.89 -36.47 35.78
N ASP A 177 -3.57 -36.53 35.84
CA ASP A 177 -2.90 -36.48 37.13
C ASP A 177 -2.83 -35.07 37.71
N LYS A 178 -2.84 -34.05 36.85
CA LYS A 178 -2.54 -32.69 37.30
C LYS A 178 -3.62 -31.68 37.00
N ILE A 179 -4.62 -32.00 36.19
CA ILE A 179 -5.73 -31.11 35.92
C ILE A 179 -7.05 -31.69 36.43
N ASP A 180 -7.39 -32.91 36.00
CA ASP A 180 -8.56 -33.58 36.58
C ASP A 180 -8.40 -33.82 38.08
N PHE A 181 -7.16 -33.84 38.57
CA PHE A 181 -6.87 -34.03 39.99
C PHE A 181 -7.71 -33.10 40.86
N TRP A 182 -7.99 -31.89 40.38
CA TRP A 182 -8.67 -30.89 41.20
C TRP A 182 -10.16 -31.18 41.41
N ASP A 183 -10.75 -32.11 40.66
CA ASP A 183 -12.16 -32.41 40.88
C ASP A 183 -12.41 -33.09 42.22
N ASN A 184 -11.44 -33.87 42.72
CA ASN A 184 -11.61 -34.65 43.97
C ASN A 184 -10.30 -34.59 44.76
N VAL A 185 -10.17 -33.60 45.62
CA VAL A 185 -8.99 -33.43 46.47
C VAL A 185 -9.38 -33.89 47.87
N TYR A 186 -9.04 -35.14 48.20
CA TYR A 186 -9.39 -35.76 49.48
C TYR A 186 -10.89 -35.68 49.76
N GLY A 187 -11.69 -35.83 48.70
CA GLY A 187 -13.13 -35.77 48.84
C GLY A 187 -13.71 -34.39 48.63
N PHE A 188 -12.87 -33.36 48.54
CA PHE A 188 -13.35 -32.00 48.40
C PHE A 188 -13.33 -31.57 46.94
N ASN A 189 -14.20 -30.62 46.63
CA ASN A 189 -14.39 -30.09 45.28
C ASN A 189 -13.48 -28.87 45.10
N PHE A 190 -12.37 -29.06 44.38
CA PHE A 190 -11.44 -27.98 44.03
C PHE A 190 -11.55 -27.57 42.56
N SER A 191 -12.77 -27.63 42.00
CA SER A 191 -13.03 -27.27 40.60
C SER A 191 -12.54 -25.88 40.25
N ALA A 192 -12.75 -24.92 41.17
CA ALA A 192 -12.31 -23.54 40.91
C ALA A 192 -10.83 -23.47 40.57
N ILE A 193 -10.05 -24.42 41.05
CA ILE A 193 -8.64 -24.44 40.71
C ILE A 193 -8.42 -25.02 39.33
N LYS A 194 -9.29 -25.94 38.89
CA LYS A 194 -9.14 -26.55 37.58
C LYS A 194 -9.20 -25.50 36.47
N ALA A 195 -10.15 -24.56 36.60
CA ALA A 195 -10.27 -23.50 35.61
C ALA A 195 -8.96 -22.73 35.46
N ASP A 196 -8.25 -22.52 36.56
CA ASP A 196 -6.99 -21.79 36.51
C ASP A 196 -5.88 -22.63 35.90
N ALA A 197 -5.86 -23.93 36.21
CA ALA A 197 -4.86 -24.80 35.62
C ALA A 197 -4.99 -24.82 34.10
N LEU A 198 -6.23 -24.83 33.60
CA LEU A 198 -6.44 -24.84 32.17
C LEU A 198 -6.02 -23.52 31.54
N ARG A 199 -6.26 -22.41 32.26
CA ARG A 199 -5.95 -21.08 31.75
C ARG A 199 -4.44 -20.78 31.75
N GLU A 200 -3.64 -21.51 32.50
CA GLU A 200 -2.23 -21.16 32.63
C GLU A 200 -1.41 -22.08 31.73
N PRO A 201 -0.77 -21.56 30.69
CA PRO A 201 0.10 -22.39 29.87
C PRO A 201 1.22 -22.95 30.74
N LEU A 202 1.63 -24.17 30.45
CA LEU A 202 2.67 -24.85 31.21
C LEU A 202 4.02 -24.74 30.49
N VAL A 203 5.01 -24.19 31.19
CA VAL A 203 6.37 -24.15 30.71
C VAL A 203 7.05 -25.43 31.22
N ASP A 204 7.23 -26.40 30.33
CA ASP A 204 7.72 -27.71 30.72
C ASP A 204 8.19 -28.45 29.48
N PHE A 205 8.95 -29.51 29.68
CA PHE A 205 9.43 -30.34 28.59
C PHE A 205 8.36 -31.33 28.20
N VAL A 206 8.22 -31.59 26.91
CA VAL A 206 7.40 -32.69 26.45
C VAL A 206 8.27 -33.57 25.57
N GLU A 207 7.97 -34.84 25.53
CA GLU A 207 8.70 -35.76 24.69
C GLU A 207 8.19 -35.68 23.26
N SER A 208 9.11 -35.70 22.30
CA SER A 208 8.73 -35.54 20.90
C SER A 208 7.79 -36.64 20.45
N GLN A 209 7.92 -37.83 21.04
CA GLN A 209 7.06 -38.97 20.76
C GLN A 209 5.61 -38.74 21.14
N GLN A 210 5.29 -37.65 21.85
CA GLN A 210 3.91 -37.30 22.16
C GLN A 210 3.24 -36.53 21.04
N ILE A 211 3.99 -36.07 20.05
CA ILE A 211 3.43 -35.24 19.00
C ILE A 211 2.60 -36.12 18.07
N ILE A 212 1.37 -35.70 17.78
CA ILE A 212 0.45 -36.49 16.97
C ILE A 212 -0.01 -35.73 15.73
N THR A 213 0.57 -34.57 15.45
CA THR A 213 0.22 -33.79 14.27
C THR A 213 1.49 -33.30 13.60
N THR A 214 1.34 -32.80 12.36
CA THR A 214 2.44 -32.08 11.74
C THR A 214 2.72 -30.80 12.53
N GLN A 215 3.83 -30.14 12.19
CA GLN A 215 4.26 -28.94 12.89
C GLN A 215 4.00 -27.70 12.04
N SER A 216 3.46 -26.67 12.67
CA SER A 216 3.07 -25.46 11.97
C SER A 216 3.90 -24.27 12.42
N LYS A 217 4.48 -23.56 11.46
CA LYS A 217 5.04 -22.25 11.72
C LYS A 217 3.89 -21.26 11.92
N PHE A 218 3.97 -20.43 12.96
CA PHE A 218 2.89 -19.46 13.16
C PHE A 218 3.35 -18.06 13.52
N LEU A 219 4.64 -17.80 13.74
CA LEU A 219 5.06 -16.44 14.03
C LEU A 219 6.54 -16.28 13.68
N GLU A 220 6.89 -15.11 13.13
CA GLU A 220 8.28 -14.75 12.95
C GLU A 220 8.52 -13.36 13.51
N ILE A 221 9.61 -13.20 14.24
CA ILE A 221 10.02 -11.91 14.77
C ILE A 221 11.42 -11.63 14.22
N ASP A 222 11.52 -10.58 13.40
CA ASP A 222 12.79 -10.14 12.84
C ASP A 222 13.13 -8.80 13.51
N LEU A 223 14.15 -8.82 14.39
CA LEU A 223 14.56 -7.61 15.10
CA LEU A 223 14.57 -7.62 15.10
C LEU A 223 15.13 -6.55 14.17
N ASN A 224 15.54 -6.92 12.95
CA ASN A 224 16.01 -5.92 12.00
C ASN A 224 14.89 -4.97 11.57
N THR A 225 13.65 -5.46 11.46
CA THR A 225 12.55 -4.67 10.91
C THR A 225 11.38 -4.43 11.86
N ILE A 226 11.17 -5.29 12.86
CA ILE A 226 9.97 -5.15 13.68
C ILE A 226 10.01 -3.84 14.44
N GLN A 227 8.82 -3.32 14.69
CA GLN A 227 8.63 -2.05 15.38
C GLN A 227 7.83 -2.28 16.64
N PRO A 228 8.02 -1.44 17.68
CA PRO A 228 7.28 -1.66 18.94
C PRO A 228 5.77 -1.75 18.73
N GLU A 229 5.21 -0.94 17.84
CA GLU A 229 3.76 -0.94 17.63
C GLU A 229 3.26 -2.29 17.14
N ASP A 230 4.10 -3.02 16.41
CA ASP A 230 3.68 -4.33 15.93
C ASP A 230 3.43 -5.31 17.06
N LEU A 231 3.91 -5.02 18.27
CA LEU A 231 3.78 -5.98 19.36
C LEU A 231 2.64 -5.67 20.32
N LYS A 232 1.76 -4.73 19.96
CA LYS A 232 0.66 -4.43 20.86
C LYS A 232 -0.45 -5.45 20.67
N GLN A 233 -0.67 -5.88 19.43
CA GLN A 233 -1.61 -6.95 19.13
C GLN A 233 -0.98 -7.82 18.04
N ILE A 234 -0.62 -9.04 18.37
CA ILE A 234 -0.15 -10.00 17.39
C ILE A 234 -1.31 -10.90 17.00
N THR A 235 -1.67 -10.91 15.72
CA THR A 235 -2.71 -11.78 15.20
C THR A 235 -2.10 -12.65 14.12
N THR A 236 -2.15 -13.95 14.32
CA THR A 236 -1.56 -14.87 13.36
C THR A 236 -2.39 -16.15 13.30
N SER A 237 -1.94 -17.08 12.45
CA SER A 237 -2.64 -18.31 12.17
C SER A 237 -1.70 -19.51 12.20
N PHE A 238 -2.29 -20.69 12.29
CA PHE A 238 -1.54 -21.93 12.21
C PHE A 238 -2.41 -22.97 11.55
N GLU A 239 -1.78 -24.02 11.04
CA GLU A 239 -2.50 -25.11 10.42
C GLU A 239 -1.66 -26.37 10.52
N PHE A 240 -2.23 -27.44 11.07
CA PHE A 240 -1.52 -28.71 11.04
C PHE A 240 -2.52 -29.84 10.84
N THR A 241 -1.96 -31.00 10.52
CA THR A 241 -2.71 -32.19 10.14
C THR A 241 -2.45 -33.30 11.14
N SER A 242 -3.52 -33.94 11.59
CA SER A 242 -3.42 -35.05 12.50
C SER A 242 -2.85 -36.26 11.79
N GLN A 243 -1.98 -36.99 12.46
CA GLN A 243 -1.39 -38.18 11.87
C GLN A 243 -1.95 -39.47 12.43
N TYR A 244 -2.81 -39.39 13.46
CA TYR A 244 -3.28 -40.60 14.13
C TYR A 244 -4.75 -40.48 14.50
N GLN A 245 -5.34 -41.63 14.81
CA GLN A 245 -6.58 -41.68 15.56
C GLN A 245 -6.22 -41.59 17.05
N GLU A 246 -6.55 -40.48 17.68
CA GLU A 246 -6.06 -40.18 19.02
C GLU A 246 -6.87 -39.02 19.56
N TYR A 247 -6.94 -38.91 20.88
CA TYR A 247 -7.43 -37.70 21.52
C TYR A 247 -6.25 -36.76 21.76
N CYS A 248 -6.47 -35.49 21.48
CA CYS A 248 -5.47 -34.46 21.68
C CYS A 248 -5.84 -33.65 22.92
N GLN A 249 -4.93 -33.62 23.90
CA GLN A 249 -5.15 -32.90 25.14
C GLN A 249 -4.56 -31.50 25.14
N ALA A 250 -3.64 -31.20 24.22
CA ALA A 250 -2.93 -29.92 24.33
C ALA A 250 -2.23 -29.60 23.02
N PHE A 251 -1.92 -28.33 22.84
CA PHE A 251 -0.97 -27.88 21.85
C PHE A 251 0.33 -27.49 22.56
N VAL A 252 1.46 -27.86 21.98
CA VAL A 252 2.76 -27.44 22.52
C VAL A 252 3.39 -26.50 21.51
N ALA A 253 4.06 -25.45 22.02
CA ALA A 253 4.72 -24.47 21.15
C ALA A 253 6.16 -24.26 21.59
N TRP A 254 7.02 -23.93 20.62
CA TRP A 254 8.40 -23.60 20.91
C TRP A 254 8.90 -22.63 19.84
N PHE A 255 10.13 -22.16 20.01
CA PHE A 255 10.72 -21.25 19.03
C PHE A 255 12.13 -21.70 18.68
N ASP A 256 12.48 -21.48 17.42
CA ASP A 256 13.85 -21.58 16.90
C ASP A 256 14.43 -20.18 16.75
N CYS A 257 15.76 -20.09 16.87
CA CYS A 257 16.43 -18.79 16.91
C CYS A 257 17.61 -18.80 15.94
N VAL A 258 17.73 -17.74 15.14
CA VAL A 258 18.74 -17.67 14.08
C VAL A 258 19.55 -16.41 14.26
N PHE A 259 20.87 -16.52 14.09
CA PHE A 259 21.75 -15.35 13.94
C PHE A 259 21.90 -15.16 12.43
N SER A 260 21.03 -14.34 11.83
CA SER A 260 20.95 -14.39 10.38
C SER A 260 21.86 -13.38 9.67
N ARG A 261 21.82 -12.09 10.03
CA ARG A 261 22.75 -11.11 9.46
C ARG A 261 23.97 -10.99 10.36
N GLY A 262 25.14 -11.15 9.77
CA GLY A 262 26.37 -11.05 10.50
C GLY A 262 27.26 -12.26 10.26
N PRO A 263 26.84 -13.44 10.70
CA PRO A 263 27.66 -14.64 10.52
C PRO A 263 27.87 -14.94 9.04
N HIS A 264 28.97 -15.63 8.76
CA HIS A 264 29.28 -15.98 7.38
C HIS A 264 28.64 -17.30 6.97
N LYS A 265 28.16 -18.07 7.94
CA LYS A 265 27.34 -19.26 7.77
C LYS A 265 26.32 -19.17 8.91
N PRO A 266 25.03 -19.40 8.66
CA PRO A 266 24.03 -19.11 9.70
C PRO A 266 24.26 -19.97 10.93
N VAL A 267 23.92 -19.41 12.08
CA VAL A 267 23.99 -20.09 13.36
C VAL A 267 22.60 -20.11 13.94
N GLU A 268 22.13 -21.29 14.33
CA GLU A 268 20.79 -21.33 14.85
C GLU A 268 20.68 -22.39 15.94
N PHE A 269 19.64 -22.26 16.76
CA PHE A 269 19.32 -23.31 17.72
C PHE A 269 17.81 -23.33 17.93
N SER A 270 17.33 -24.45 18.45
CA SER A 270 15.92 -24.69 18.65
C SER A 270 15.63 -24.87 20.13
N THR A 271 14.42 -24.49 20.55
CA THR A 271 13.93 -24.83 21.89
C THR A 271 12.87 -25.93 21.85
N GLY A 272 12.76 -26.64 20.71
CA GLY A 272 11.76 -27.67 20.53
C GLY A 272 12.12 -28.99 21.17
N PRO A 273 11.17 -29.92 21.12
CA PRO A 273 11.31 -31.22 21.79
C PRO A 273 12.09 -32.25 21.01
N PHE A 274 12.53 -31.97 19.78
CA PHE A 274 13.32 -32.93 19.01
C PHE A 274 14.81 -32.86 19.31
N THR A 275 15.26 -31.82 19.99
CA THR A 275 16.67 -31.58 20.24
C THR A 275 16.88 -31.35 21.73
N GLU A 276 18.15 -31.18 22.11
CA GLU A 276 18.50 -31.06 23.51
C GLU A 276 17.73 -29.93 24.16
N GLY A 277 17.35 -30.13 25.42
CA GLY A 277 16.58 -29.14 26.13
C GLY A 277 17.38 -27.88 26.38
N THR A 278 16.66 -26.77 26.51
CA THR A 278 17.18 -25.49 26.96
C THR A 278 16.39 -25.08 28.20
N HIS A 279 16.85 -24.00 28.86
CA HIS A 279 16.10 -23.50 30.01
C HIS A 279 14.74 -22.92 29.62
N TRP A 280 14.48 -22.68 28.33
CA TRP A 280 13.16 -22.26 27.90
C TRP A 280 12.16 -23.42 27.84
N LYS A 281 12.64 -24.66 27.79
CA LYS A 281 11.73 -25.80 27.68
C LYS A 281 10.75 -25.62 26.52
N GLN A 282 9.49 -26.04 26.71
CA GLN A 282 8.42 -25.78 25.77
C GLN A 282 7.25 -25.18 26.53
N THR A 283 6.22 -24.74 25.80
CA THR A 283 5.02 -24.19 26.41
C THR A 283 3.83 -25.02 25.99
N VAL A 284 3.03 -25.47 26.96
CA VAL A 284 1.96 -26.42 26.74
C VAL A 284 0.63 -25.73 27.03
N PHE A 285 -0.29 -25.80 26.06
CA PHE A 285 -1.62 -25.18 26.12
C PHE A 285 -2.64 -26.31 26.23
N TYR A 286 -3.16 -26.56 27.44
CA TYR A 286 -4.13 -27.64 27.64
C TYR A 286 -5.51 -27.23 27.11
N LEU A 287 -6.15 -28.13 26.35
CA LEU A 287 -7.49 -27.85 25.85
C LEU A 287 -8.52 -28.15 26.92
N GLU A 288 -9.59 -27.34 26.95
CA GLU A 288 -10.65 -27.56 27.93
C GLU A 288 -11.31 -28.91 27.72
N ASN A 289 -11.54 -29.28 26.46
CA ASN A 289 -12.10 -30.59 26.10
C ASN A 289 -11.15 -31.23 25.12
N ASP A 290 -10.85 -32.50 25.33
CA ASP A 290 -9.96 -33.19 24.41
C ASP A 290 -10.55 -33.19 23.01
N LEU A 291 -9.65 -33.12 22.04
CA LEU A 291 -10.00 -33.04 20.63
C LEU A 291 -9.94 -34.42 20.02
N PRO A 292 -11.07 -34.99 19.60
CA PRO A 292 -11.03 -36.27 18.86
C PRO A 292 -10.46 -36.06 17.46
N LEU A 293 -9.31 -36.67 17.20
CA LEU A 293 -8.61 -36.53 15.93
C LEU A 293 -8.60 -37.87 15.22
N LYS A 294 -8.70 -37.82 13.90
CA LYS A 294 -8.54 -38.95 12.99
C LYS A 294 -7.40 -38.62 12.05
N PRO A 295 -6.78 -39.63 11.45
CA PRO A 295 -5.67 -39.35 10.53
C PRO A 295 -6.14 -38.46 9.38
N ASN A 296 -5.34 -37.43 9.08
CA ASN A 296 -5.52 -36.44 8.03
C ASN A 296 -6.54 -35.36 8.36
N ASP A 297 -7.11 -35.36 9.57
CA ASP A 297 -7.88 -34.21 10.01
C ASP A 297 -7.03 -32.94 9.97
N VAL A 298 -7.59 -31.87 9.43
CA VAL A 298 -6.90 -30.60 9.28
C VAL A 298 -7.38 -29.67 10.39
N ILE A 299 -6.45 -29.20 11.21
CA ILE A 299 -6.74 -28.27 12.28
C ILE A 299 -6.21 -26.90 11.85
N LYS A 300 -7.10 -25.93 11.69
CA LYS A 300 -6.75 -24.57 11.28
C LYS A 300 -7.12 -23.62 12.41
N GLY A 301 -6.23 -22.69 12.76
CA GLY A 301 -6.50 -21.87 13.91
C GLY A 301 -5.93 -20.47 13.86
N THR A 302 -6.36 -19.68 14.84
CA THR A 302 -5.97 -18.29 14.99
C THR A 302 -5.40 -18.11 16.38
N ILE A 303 -4.26 -17.40 16.48
CA ILE A 303 -3.64 -17.05 17.74
C ILE A 303 -3.51 -15.54 17.81
N THR A 304 -4.03 -14.95 18.86
CA THR A 304 -3.83 -13.53 19.16
C THR A 304 -3.05 -13.42 20.47
N ILE A 305 -2.06 -12.54 20.50
CA ILE A 305 -1.22 -12.34 21.67
C ILE A 305 -1.19 -10.86 22.01
N SER A 306 -1.34 -10.53 23.29
CA SER A 306 -1.27 -9.13 23.70
C SER A 306 -0.91 -9.04 25.17
N GLN A 307 -0.38 -7.88 25.57
CA GLN A 307 -0.08 -7.65 26.97
C GLN A 307 -1.38 -7.51 27.75
N ASN A 308 -1.42 -8.13 28.94
CA ASN A 308 -2.60 -8.08 29.76
C ASN A 308 -2.83 -6.66 30.25
N LYS A 309 -4.10 -6.22 30.21
CA LYS A 309 -4.40 -4.83 30.56
C LYS A 309 -4.30 -4.58 32.06
N SER A 310 -4.69 -5.55 32.89
CA SER A 310 -4.63 -5.38 34.34
C SER A 310 -3.19 -5.42 34.85
N ASN A 311 -2.42 -6.41 34.40
CA ASN A 311 -1.01 -6.53 34.78
C ASN A 311 -0.17 -6.64 33.51
N HIS A 312 0.56 -5.57 33.18
CA HIS A 312 1.28 -5.52 31.92
C HIS A 312 2.39 -6.57 31.82
N ARG A 313 2.79 -7.17 32.94
CA ARG A 313 3.75 -8.26 32.89
C ARG A 313 3.11 -9.59 32.49
N ASP A 314 1.79 -9.68 32.46
CA ASP A 314 1.10 -10.90 32.06
C ASP A 314 0.78 -10.86 30.56
N LEU A 315 0.62 -12.04 29.99
CA LEU A 315 0.44 -12.21 28.54
C LEU A 315 -0.91 -12.86 28.26
N ASP A 316 -1.76 -12.18 27.49
CA ASP A 316 -3.03 -12.77 27.04
C ASP A 316 -2.82 -13.50 25.72
N ILE A 317 -3.16 -14.79 25.68
CA ILE A 317 -3.04 -15.61 24.48
C ILE A 317 -4.39 -16.25 24.24
N SER A 318 -5.06 -15.89 23.14
CA SER A 318 -6.30 -16.53 22.78
C SER A 318 -6.10 -17.38 21.53
N MET A 319 -6.71 -18.55 21.53
CA MET A 319 -6.75 -19.45 20.39
C MET A 319 -8.18 -19.72 19.99
N LYS A 320 -8.37 -19.86 18.67
CA LYS A 320 -9.62 -20.30 18.06
C LYS A 320 -9.24 -21.22 16.91
N TYR A 321 -9.89 -22.38 16.79
CA TYR A 321 -9.49 -23.31 15.75
C TYR A 321 -10.69 -24.16 15.31
N THR A 322 -10.55 -24.76 14.14
CA THR A 322 -11.55 -25.67 13.60
C THR A 322 -10.87 -26.96 13.19
N VAL A 323 -11.64 -28.03 13.11
CA VAL A 323 -11.17 -29.30 12.57
C VAL A 323 -12.02 -29.61 11.35
N ASN A 324 -11.38 -29.69 10.18
CA ASN A 324 -12.08 -29.87 8.90
C ASN A 324 -13.19 -28.84 8.72
N GLY A 325 -12.99 -27.63 9.21
CA GLY A 325 -13.99 -26.60 9.04
C GLY A 325 -15.20 -26.73 9.93
N GLY A 326 -15.12 -27.54 10.99
CA GLY A 326 -16.24 -27.68 11.91
C GLY A 326 -16.45 -26.47 12.80
N ALA A 327 -17.23 -26.63 13.87
CA ALA A 327 -17.53 -25.53 14.77
C ALA A 327 -16.24 -24.99 15.39
N VAL A 328 -16.23 -23.68 15.68
CA VAL A 328 -15.07 -23.02 16.24
C VAL A 328 -14.95 -23.39 17.72
N ILE A 329 -13.80 -23.92 18.10
CA ILE A 329 -13.50 -24.10 19.51
C ILE A 329 -12.65 -22.91 19.90
N SER A 330 -12.94 -22.35 21.06
CA SER A 330 -12.25 -21.16 21.52
C SER A 330 -11.58 -21.47 22.85
N GLN A 331 -10.41 -20.87 23.08
CA GLN A 331 -9.80 -20.99 24.40
C GLN A 331 -8.91 -19.79 24.69
N ASP A 332 -8.99 -19.31 25.92
CA ASP A 332 -8.24 -18.13 26.33
C ASP A 332 -7.27 -18.48 27.45
N TYR A 333 -6.07 -17.91 27.36
CA TYR A 333 -4.99 -18.22 28.27
C TYR A 333 -4.39 -16.92 28.78
N ILE A 334 -3.84 -16.98 29.98
CA ILE A 334 -3.09 -15.88 30.54
C ILE A 334 -1.81 -16.46 31.12
N MET A 335 -0.65 -16.04 30.58
CA MET A 335 0.62 -16.44 31.17
C MET A 335 0.97 -15.49 32.31
N ARG A 336 0.98 -16.02 33.55
CA ARG A 336 1.34 -15.28 34.76
C ARG A 336 2.36 -16.03 35.64
N ILE B 25 -2.33 -8.14 -9.25
CA ILE B 25 -2.11 -7.16 -10.32
C ILE B 25 -2.31 -5.73 -9.81
N HIS B 26 -3.35 -5.07 -10.32
CA HIS B 26 -3.75 -3.75 -9.86
C HIS B 26 -5.20 -3.68 -9.40
N GLU B 27 -6.01 -4.72 -9.68
CA GLU B 27 -7.36 -4.78 -9.14
C GLU B 27 -7.36 -5.08 -7.65
N GLU B 28 -6.30 -5.71 -7.14
CA GLU B 28 -6.12 -5.84 -5.70
C GLU B 28 -6.02 -4.49 -5.00
N MET B 29 -5.93 -3.38 -5.75
CA MET B 29 -5.78 -2.07 -5.13
C MET B 29 -6.96 -1.15 -5.43
N LEU B 30 -8.07 -1.70 -5.92
CA LEU B 30 -9.24 -0.87 -6.19
C LEU B 30 -9.87 -0.45 -4.88
N LYS B 31 -10.13 0.85 -4.75
CA LYS B 31 -10.81 1.47 -3.62
C LYS B 31 -12.13 2.05 -4.12
N ASP B 32 -13.26 1.50 -3.69
CA ASP B 32 -14.60 1.97 -4.09
C ASP B 32 -15.49 2.05 -2.85
N GLY B 33 -15.49 3.23 -2.21
CA GLY B 33 -16.17 3.38 -0.94
C GLY B 33 -17.66 3.12 -1.02
N ILE B 34 -18.32 3.69 -2.03
CA ILE B 34 -19.77 3.51 -2.12
C ILE B 34 -20.08 2.03 -2.23
N ARG B 35 -19.32 1.31 -3.06
CA ARG B 35 -19.53 -0.13 -3.22
C ARG B 35 -19.31 -0.86 -1.91
N THR B 36 -18.10 -0.74 -1.36
CA THR B 36 -17.74 -1.52 -0.18
C THR B 36 -18.63 -1.18 1.02
N ASN B 37 -19.00 0.10 1.19
CA ASN B 37 -19.85 0.48 2.30
C ASN B 37 -21.22 -0.19 2.21
N ALA B 38 -21.75 -0.39 1.00
CA ALA B 38 -23.05 -1.06 0.84
C ALA B 38 -22.98 -2.51 1.28
N TYR B 39 -21.98 -3.26 0.84
CA TYR B 39 -21.84 -4.65 1.29
C TYR B 39 -21.62 -4.71 2.79
N LYS B 40 -20.82 -3.78 3.33
CA LYS B 40 -20.52 -3.79 4.76
C LYS B 40 -21.80 -3.62 5.58
N ASN B 41 -22.65 -2.65 5.20
CA ASN B 41 -23.89 -2.44 5.94
C ASN B 41 -24.86 -3.59 5.74
N ALA B 42 -24.95 -4.13 4.53
CA ALA B 42 -25.84 -5.26 4.28
C ALA B 42 -25.44 -6.45 5.14
N ILE B 43 -24.14 -6.60 5.42
CA ILE B 43 -23.68 -7.76 6.18
C ILE B 43 -23.63 -7.45 7.68
N LEU B 44 -22.95 -6.38 8.12
CA LEU B 44 -22.73 -6.18 9.54
C LEU B 44 -23.98 -5.68 10.28
N GLN B 45 -24.96 -5.12 9.58
CA GLN B 45 -26.23 -4.77 10.20
C GLN B 45 -27.19 -5.96 10.26
N ASN B 46 -26.73 -7.14 9.86
CA ASN B 46 -27.58 -8.34 9.85
C ASN B 46 -26.80 -9.54 10.32
N LYS B 47 -26.02 -9.35 11.38
CA LYS B 47 -25.16 -10.39 11.91
C LYS B 47 -25.92 -11.68 12.20
N HIS B 48 -27.13 -11.57 12.77
CA HIS B 48 -27.91 -12.77 13.07
C HIS B 48 -28.26 -13.55 11.82
N LEU B 49 -28.32 -12.91 10.66
CA LEU B 49 -28.59 -13.67 9.46
C LEU B 49 -27.38 -14.51 9.04
N PHE B 50 -26.17 -14.02 9.28
CA PHE B 50 -24.96 -14.71 8.86
C PHE B 50 -24.46 -15.70 9.91
N LYS B 51 -24.84 -15.49 11.16
CA LYS B 51 -24.33 -16.27 12.29
C LYS B 51 -24.53 -17.75 12.07
N ASP B 52 -23.44 -18.50 12.14
CA ASP B 52 -23.42 -19.95 11.91
C ASP B 52 -23.93 -20.37 10.53
N LYS B 53 -23.95 -19.48 9.55
CA LYS B 53 -24.26 -19.92 8.21
C LYS B 53 -23.01 -20.36 7.45
N VAL B 54 -23.26 -20.92 6.28
CA VAL B 54 -22.21 -21.29 5.33
C VAL B 54 -22.35 -20.27 4.19
N VAL B 55 -21.33 -19.43 4.02
CA VAL B 55 -21.41 -18.39 3.01
CA VAL B 55 -21.35 -18.35 3.04
C VAL B 55 -20.35 -18.66 1.96
N LEU B 56 -20.72 -18.42 0.70
CA LEU B 56 -19.82 -18.55 -0.44
C LEU B 56 -19.67 -17.18 -1.09
N ASP B 57 -18.43 -16.77 -1.33
CA ASP B 57 -18.10 -15.49 -1.93
C ASP B 57 -17.43 -15.73 -3.28
N ILE B 58 -18.11 -15.33 -4.37
CA ILE B 58 -17.59 -15.52 -5.71
CA ILE B 58 -17.61 -15.50 -5.73
C ILE B 58 -16.81 -14.27 -6.12
N GLY B 59 -15.56 -14.48 -6.56
CA GLY B 59 -14.69 -13.40 -6.98
C GLY B 59 -14.29 -12.55 -5.79
N CYS B 60 -13.71 -13.21 -4.77
CA CYS B 60 -13.49 -12.61 -3.46
C CYS B 60 -12.34 -11.61 -3.41
N GLY B 61 -11.42 -11.66 -4.37
CA GLY B 61 -10.34 -10.67 -4.39
C GLY B 61 -9.46 -10.78 -3.16
N THR B 62 -9.13 -9.62 -2.58
CA THR B 62 -8.28 -9.60 -1.38
C THR B 62 -9.02 -10.05 -0.12
N GLY B 63 -10.35 -10.17 -0.13
CA GLY B 63 -11.07 -10.81 0.95
C GLY B 63 -11.88 -9.96 1.91
N ILE B 64 -12.12 -8.68 1.61
CA ILE B 64 -12.85 -7.82 2.56
C ILE B 64 -14.27 -8.36 2.83
N LEU B 65 -14.96 -8.88 1.80
CA LEU B 65 -16.33 -9.35 2.01
C LEU B 65 -16.35 -10.65 2.81
N CYS B 66 -15.37 -11.55 2.57
CA CYS B 66 -15.19 -12.73 3.42
C CYS B 66 -14.95 -12.33 4.87
N LEU B 67 -14.11 -11.31 5.08
CA LEU B 67 -13.85 -10.82 6.43
C LEU B 67 -15.11 -10.24 7.07
N PHE B 68 -15.92 -9.47 6.31
CA PHE B 68 -17.18 -8.99 6.85
C PHE B 68 -18.06 -10.16 7.27
N ALA B 69 -18.20 -11.16 6.38
CA ALA B 69 -19.04 -12.30 6.70
C ALA B 69 -18.49 -13.07 7.91
N ALA B 70 -17.17 -13.24 8.00
CA ALA B 70 -16.61 -13.93 9.16
C ALA B 70 -16.84 -13.12 10.44
N LYS B 71 -16.67 -11.80 10.36
CA LYS B 71 -16.94 -10.97 11.53
C LYS B 71 -18.40 -11.00 11.93
N ALA B 72 -19.31 -11.18 10.97
CA ALA B 72 -20.73 -11.29 11.27
C ALA B 72 -21.09 -12.60 11.97
N GLY B 73 -20.17 -13.55 12.06
CA GLY B 73 -20.41 -14.78 12.75
C GLY B 73 -20.62 -15.98 11.86
N ALA B 74 -20.35 -15.87 10.57
CA ALA B 74 -20.50 -17.02 9.69
C ALA B 74 -19.66 -18.17 10.20
N LYS B 75 -20.25 -19.37 10.21
CA LYS B 75 -19.51 -20.56 10.60
C LYS B 75 -18.39 -20.90 9.61
N ARG B 76 -18.59 -20.57 8.33
CA ARG B 76 -17.74 -21.07 7.27
CA ARG B 76 -17.71 -21.05 7.28
C ARG B 76 -17.88 -20.16 6.07
N VAL B 77 -16.79 -19.53 5.64
CA VAL B 77 -16.79 -18.66 4.45
C VAL B 77 -15.86 -19.27 3.43
N ILE B 78 -16.39 -19.52 2.23
CA ILE B 78 -15.63 -20.05 1.10
C ILE B 78 -15.55 -18.94 0.05
N GLY B 79 -14.33 -18.52 -0.27
CA GLY B 79 -14.10 -17.50 -1.28
C GLY B 79 -13.32 -18.10 -2.43
N ILE B 80 -13.70 -17.72 -3.67
CA ILE B 80 -13.10 -18.22 -4.89
C ILE B 80 -12.58 -17.02 -5.69
N ASP B 81 -11.33 -17.13 -6.18
CA ASP B 81 -10.79 -16.15 -7.10
C ASP B 81 -9.54 -16.74 -7.76
N MET B 82 -8.91 -15.93 -8.62
CA MET B 82 -7.72 -16.35 -9.36
C MET B 82 -6.53 -16.54 -8.42
N SER B 83 -5.58 -17.36 -8.86
CA SER B 83 -4.58 -17.93 -7.94
C SER B 83 -3.73 -16.84 -7.28
N ASP B 84 -3.27 -15.85 -8.05
CA ASP B 84 -2.29 -14.90 -7.49
C ASP B 84 -2.92 -14.01 -6.42
N ILE B 85 -4.18 -13.63 -6.60
CA ILE B 85 -4.83 -12.79 -5.59
C ILE B 85 -5.26 -13.62 -4.37
N ILE B 86 -5.49 -14.93 -4.54
CA ILE B 86 -5.87 -15.78 -3.41
C ILE B 86 -4.70 -15.92 -2.42
N ASP B 87 -3.46 -15.93 -2.93
CA ASP B 87 -2.30 -15.97 -2.05
C ASP B 87 -2.25 -14.74 -1.15
N LYS B 88 -2.59 -13.56 -1.70
CA LYS B 88 -2.55 -12.33 -0.93
C LYS B 88 -3.68 -12.29 0.07
N ALA B 89 -4.87 -12.73 -0.34
CA ALA B 89 -6.02 -12.78 0.57
C ALA B 89 -5.78 -13.69 1.75
N ARG B 90 -5.11 -14.83 1.52
CA ARG B 90 -4.81 -15.75 2.62
C ARG B 90 -3.99 -15.06 3.70
N GLN B 91 -3.04 -14.22 3.29
CA GLN B 91 -2.23 -13.50 4.27
C GLN B 91 -3.07 -12.49 5.02
N ILE B 92 -3.93 -11.77 4.31
CA ILE B 92 -4.80 -10.77 4.93
C ILE B 92 -5.75 -11.42 5.91
N VAL B 93 -6.30 -12.58 5.54
CA VAL B 93 -7.23 -13.30 6.40
C VAL B 93 -6.52 -13.76 7.68
N SER B 94 -5.28 -14.20 7.54
CA SER B 94 -4.53 -14.61 8.70
C SER B 94 -4.18 -13.42 9.59
N ASP B 95 -3.76 -12.30 8.99
CA ASP B 95 -3.42 -11.11 9.76
C ASP B 95 -4.59 -10.56 10.55
N ASN B 96 -5.83 -10.88 10.15
CA ASN B 96 -7.04 -10.36 10.77
C ASN B 96 -7.79 -11.39 11.61
N GLY B 97 -7.19 -12.56 11.82
CA GLY B 97 -7.71 -13.53 12.77
C GLY B 97 -8.93 -14.33 12.39
N TYR B 98 -9.15 -14.59 11.08
CA TYR B 98 -10.29 -15.39 10.62
C TYR B 98 -9.85 -16.57 9.76
N SER B 99 -8.58 -16.95 9.80
CA SER B 99 -8.09 -18.07 9.02
C SER B 99 -8.78 -19.37 9.36
N HIS B 100 -9.19 -19.53 10.63
CA HIS B 100 -9.88 -20.73 11.07
C HIS B 100 -11.28 -20.86 10.49
N VAL B 101 -11.85 -19.75 10.03
CA VAL B 101 -13.22 -19.69 9.51
C VAL B 101 -13.27 -19.62 7.98
N ILE B 102 -12.34 -18.91 7.36
CA ILE B 102 -12.38 -18.58 5.92
C ILE B 102 -11.45 -19.52 5.15
N GLU B 103 -11.99 -20.19 4.13
CA GLU B 103 -11.19 -21.00 3.22
C GLU B 103 -11.30 -20.44 1.82
N LEU B 104 -10.15 -20.33 1.14
CA LEU B 104 -10.04 -19.66 -0.14
C LEU B 104 -9.54 -20.64 -1.19
N ILE B 105 -10.24 -20.69 -2.33
CA ILE B 105 -9.92 -21.61 -3.43
C ILE B 105 -9.51 -20.78 -4.63
N LYS B 106 -8.54 -21.29 -5.38
CA LYS B 106 -8.12 -20.71 -6.62
C LYS B 106 -8.89 -21.37 -7.76
N GLY B 107 -9.33 -20.56 -8.72
CA GLY B 107 -9.89 -21.10 -9.95
C GLY B 107 -11.25 -20.53 -10.27
N LYS B 108 -11.84 -21.07 -11.34
CA LYS B 108 -13.18 -20.68 -11.75
C LYS B 108 -14.20 -21.65 -11.17
N VAL B 109 -15.42 -21.15 -10.95
CA VAL B 109 -16.47 -21.96 -10.34
C VAL B 109 -16.74 -23.20 -11.18
N GLU B 110 -16.70 -23.06 -12.51
CA GLU B 110 -16.94 -24.15 -13.45
C GLU B 110 -15.93 -25.29 -13.31
N ASP B 111 -14.76 -25.05 -12.73
CA ASP B 111 -13.75 -26.09 -12.59
C ASP B 111 -13.68 -26.67 -11.18
N ILE B 112 -14.60 -26.26 -10.32
CA ILE B 112 -14.60 -26.69 -8.93
C ILE B 112 -15.45 -27.96 -8.84
N ALA B 113 -14.79 -29.09 -8.59
CA ALA B 113 -15.51 -30.36 -8.42
C ALA B 113 -16.40 -30.31 -7.18
N GLN B 114 -15.80 -30.09 -6.01
CA GLN B 114 -16.55 -30.05 -4.77
C GLN B 114 -16.03 -28.90 -3.90
N LEU B 115 -16.93 -28.25 -3.18
CA LEU B 115 -16.50 -27.29 -2.17
C LEU B 115 -15.69 -28.01 -1.10
N PRO B 116 -14.87 -27.29 -0.34
CA PRO B 116 -14.03 -27.95 0.67
C PRO B 116 -14.87 -28.74 1.67
N PHE B 117 -14.25 -29.77 2.24
CA PHE B 117 -14.75 -30.44 3.44
C PHE B 117 -16.16 -31.03 3.27
N GLY B 118 -16.49 -31.51 2.07
CA GLY B 118 -17.75 -32.22 1.88
C GLY B 118 -18.99 -31.35 1.77
N ILE B 119 -18.85 -30.02 1.84
CA ILE B 119 -20.01 -29.16 1.77
C ILE B 119 -20.71 -29.32 0.43
N GLU B 120 -22.03 -29.44 0.46
CA GLU B 120 -22.82 -29.58 -0.76
C GLU B 120 -23.85 -28.45 -0.93
N LYS B 121 -24.13 -27.67 0.09
CA LYS B 121 -25.09 -26.59 0.04
C LYS B 121 -24.57 -25.44 0.87
N VAL B 122 -24.98 -24.22 0.52
CA VAL B 122 -24.56 -23.00 1.17
C VAL B 122 -25.83 -22.18 1.48
N ASP B 123 -25.73 -21.33 2.50
CA ASP B 123 -26.90 -20.53 2.86
C ASP B 123 -26.94 -19.19 2.15
N ILE B 124 -25.79 -18.62 1.81
CA ILE B 124 -25.70 -17.24 1.36
C ILE B 124 -24.60 -17.15 0.32
N ILE B 125 -24.88 -16.50 -0.80
CA ILE B 125 -23.89 -16.25 -1.84
C ILE B 125 -23.68 -14.75 -1.94
N ILE B 126 -22.45 -14.34 -1.75
CA ILE B 126 -22.01 -12.97 -1.94
C ILE B 126 -21.31 -12.91 -3.28
N SER B 127 -21.56 -11.85 -4.05
CA SER B 127 -20.86 -11.67 -5.31
C SER B 127 -20.87 -10.20 -5.67
N GLU B 128 -19.97 -9.85 -6.56
CA GLU B 128 -19.91 -8.55 -7.20
C GLU B 128 -19.97 -8.78 -8.70
N TRP B 129 -21.13 -9.27 -9.16
CA TRP B 129 -21.26 -9.79 -10.51
C TRP B 129 -21.44 -8.69 -11.56
N MET B 130 -21.91 -7.51 -11.16
CA MET B 130 -22.23 -6.42 -12.07
C MET B 130 -21.01 -5.94 -12.85
N GLY B 131 -21.13 -5.89 -14.17
CA GLY B 131 -20.11 -5.31 -15.01
C GLY B 131 -20.45 -3.88 -15.39
N TYR B 132 -19.61 -3.30 -16.26
CA TYR B 132 -19.97 -2.02 -16.84
C TYR B 132 -21.28 -2.17 -17.61
N PHE B 133 -22.15 -1.16 -17.51
CA PHE B 133 -23.47 -1.23 -18.12
C PHE B 133 -24.24 -2.47 -17.61
N LEU B 134 -23.96 -2.85 -16.36
CA LEU B 134 -24.49 -4.02 -15.66
C LEU B 134 -24.02 -5.33 -16.28
N LEU B 135 -24.13 -5.46 -17.61
CA LEU B 135 -24.04 -6.75 -18.26
C LEU B 135 -22.77 -6.99 -19.06
N TYR B 136 -21.97 -5.96 -19.34
CA TYR B 136 -20.71 -6.16 -20.06
C TYR B 136 -19.66 -6.81 -19.18
N GLU B 137 -19.10 -7.93 -19.66
CA GLU B 137 -18.08 -8.68 -18.91
C GLU B 137 -18.50 -8.90 -17.47
N SER B 138 -19.76 -9.26 -17.25
CA SER B 138 -20.22 -9.53 -15.90
C SER B 138 -19.86 -10.95 -15.49
N MET B 139 -20.08 -11.24 -14.20
CA MET B 139 -20.02 -12.61 -13.68
C MET B 139 -21.42 -13.19 -13.46
N LEU B 140 -22.41 -12.68 -14.18
CA LEU B 140 -23.79 -13.08 -13.98
C LEU B 140 -24.00 -14.57 -14.19
N GLN B 141 -23.52 -15.10 -15.32
CA GLN B 141 -23.68 -16.53 -15.56
C GLN B 141 -23.01 -17.36 -14.46
N THR B 142 -21.83 -16.94 -14.01
CA THR B 142 -21.14 -17.66 -12.96
C THR B 142 -21.93 -17.66 -11.65
N VAL B 143 -22.49 -16.51 -11.26
CA VAL B 143 -23.26 -16.50 -10.02
C VAL B 143 -24.50 -17.38 -10.15
N LEU B 144 -25.21 -17.29 -11.29
CA LEU B 144 -26.39 -18.14 -11.47
C LEU B 144 -26.01 -19.62 -11.41
N SER B 145 -24.87 -19.99 -11.98
CA SER B 145 -24.45 -21.38 -11.94
C SER B 145 -24.17 -21.82 -10.52
N ALA B 146 -23.52 -20.97 -9.71
CA ALA B 146 -23.29 -21.29 -8.31
C ALA B 146 -24.59 -21.32 -7.52
N ARG B 147 -25.53 -20.42 -7.86
CA ARG B 147 -26.83 -20.46 -7.21
C ARG B 147 -27.51 -21.80 -7.45
N ASP B 148 -27.61 -22.22 -8.72
CA ASP B 148 -28.28 -23.46 -9.05
C ASP B 148 -27.56 -24.65 -8.44
N ARG B 149 -26.24 -24.58 -8.38
CA ARG B 149 -25.46 -25.72 -7.93
C ARG B 149 -25.50 -25.87 -6.40
N TRP B 150 -25.44 -24.76 -5.66
CA TRP B 150 -25.12 -24.79 -4.23
C TRP B 150 -26.10 -24.05 -3.33
N LEU B 151 -26.84 -23.06 -3.83
CA LEU B 151 -27.70 -22.28 -2.97
C LEU B 151 -28.87 -23.11 -2.47
N ARG B 152 -28.99 -23.18 -1.17
CA ARG B 152 -30.08 -23.87 -0.49
C ARG B 152 -31.41 -23.14 -0.75
N PRO B 153 -32.52 -23.86 -0.81
CA PRO B 153 -33.82 -23.20 -1.06
C PRO B 153 -34.07 -22.09 -0.05
N GLY B 154 -34.47 -20.93 -0.56
CA GLY B 154 -34.63 -19.76 0.29
C GLY B 154 -33.34 -19.06 0.67
N GLY B 155 -32.19 -19.60 0.29
CA GLY B 155 -30.92 -18.91 0.53
C GLY B 155 -30.89 -17.53 -0.12
N TYR B 156 -29.93 -16.74 0.31
CA TYR B 156 -29.82 -15.34 -0.06
C TYR B 156 -28.65 -15.09 -1.01
N LEU B 157 -28.83 -14.12 -1.89
CA LEU B 157 -27.78 -13.62 -2.76
C LEU B 157 -27.54 -12.17 -2.38
N PHE B 158 -26.30 -11.87 -1.98
CA PHE B 158 -25.94 -10.51 -1.58
C PHE B 158 -25.05 -9.93 -2.66
N PRO B 159 -25.53 -9.01 -3.50
CA PRO B 159 -26.92 -8.54 -3.60
C PRO B 159 -27.70 -9.33 -4.63
N ASP B 160 -28.95 -8.95 -4.89
CA ASP B 160 -29.78 -9.83 -5.69
C ASP B 160 -30.62 -9.12 -6.75
N LYS B 161 -30.70 -7.80 -6.76
CA LYS B 161 -31.46 -7.06 -7.77
C LYS B 161 -30.67 -5.86 -8.26
N CYS B 162 -30.66 -5.66 -9.58
CA CYS B 162 -30.15 -4.43 -10.15
C CYS B 162 -31.18 -3.87 -11.14
N THR B 163 -31.32 -2.55 -11.16
CA THR B 163 -32.28 -1.87 -12.00
C THR B 163 -31.55 -0.85 -12.85
N MET B 164 -31.83 -0.82 -14.15
CA MET B 164 -31.12 0.09 -15.04
C MET B 164 -31.98 1.28 -15.42
N TYR B 165 -31.33 2.43 -15.50
CA TYR B 165 -32.00 3.67 -15.87
C TYR B 165 -31.30 4.27 -17.07
N ILE B 166 -32.03 5.11 -17.81
CA ILE B 166 -31.50 5.78 -18.98
C ILE B 166 -32.21 7.12 -19.13
N CYS B 167 -31.48 8.10 -19.66
CA CYS B 167 -32.01 9.43 -19.89
C CYS B 167 -31.12 10.12 -20.93
N GLY B 168 -31.57 11.26 -21.42
CA GLY B 168 -30.85 11.97 -22.46
C GLY B 168 -30.05 13.11 -21.85
N ILE B 169 -28.87 13.36 -22.43
CA ILE B 169 -27.99 14.41 -21.94
C ILE B 169 -27.59 15.37 -23.06
N GLU B 170 -27.23 16.57 -22.64
CA GLU B 170 -26.51 17.51 -23.46
C GLU B 170 -25.03 17.22 -23.22
N ASP B 171 -24.27 17.02 -24.30
CA ASP B 171 -22.87 16.65 -24.17
C ASP B 171 -22.10 17.13 -25.41
N SER B 172 -22.45 18.32 -25.90
CA SER B 172 -21.94 18.76 -27.18
C SER B 172 -20.45 19.10 -27.12
N GLU B 173 -19.99 19.62 -25.98
CA GLU B 173 -18.57 19.93 -25.85
C GLU B 173 -17.72 18.68 -25.99
N TYR B 174 -18.13 17.58 -25.36
CA TYR B 174 -17.39 16.33 -25.53
C TYR B 174 -17.57 15.77 -26.94
N LYS B 175 -18.78 15.83 -27.50
CA LYS B 175 -18.99 15.26 -28.83
C LYS B 175 -18.19 16.02 -29.89
N ARG B 176 -18.16 17.35 -29.82
CA ARG B 176 -17.34 18.13 -30.76
C ARG B 176 -15.85 17.80 -30.61
N ASP B 177 -15.38 17.64 -29.37
CA ASP B 177 -13.95 17.52 -29.12
C ASP B 177 -13.41 16.13 -29.45
N LYS B 178 -14.23 15.08 -29.35
CA LYS B 178 -13.76 13.70 -29.42
C LYS B 178 -14.42 12.85 -30.49
N ILE B 179 -15.52 13.29 -31.09
CA ILE B 179 -16.14 12.58 -32.21
C ILE B 179 -16.05 13.41 -33.49
N ASP B 180 -16.55 14.65 -33.46
CA ASP B 180 -16.39 15.55 -34.59
C ASP B 180 -14.93 15.83 -34.87
N PHE B 181 -14.07 15.62 -33.87
CA PHE B 181 -12.63 15.83 -34.04
C PHE B 181 -12.10 15.06 -35.25
N TRP B 182 -12.63 13.86 -35.50
CA TRP B 182 -12.08 12.99 -36.54
C TRP B 182 -12.33 13.50 -37.96
N ASP B 183 -13.22 14.47 -38.15
CA ASP B 183 -13.44 15.00 -39.50
C ASP B 183 -12.24 15.79 -40.01
N ASN B 184 -11.48 16.42 -39.10
CA ASN B 184 -10.36 17.25 -39.52
C ASN B 184 -9.22 17.09 -38.51
N VAL B 185 -8.32 16.15 -38.80
CA VAL B 185 -7.13 15.88 -38.00
C VAL B 185 -5.93 16.48 -38.75
N TYR B 186 -5.52 17.68 -38.33
CA TYR B 186 -4.44 18.43 -38.97
C TYR B 186 -4.64 18.55 -40.47
N GLY B 187 -5.87 18.79 -40.88
CA GLY B 187 -6.16 18.93 -42.29
C GLY B 187 -6.57 17.66 -42.98
N PHE B 188 -6.40 16.51 -42.33
CA PHE B 188 -6.70 15.23 -42.95
C PHE B 188 -8.09 14.74 -42.55
N ASN B 189 -8.68 13.94 -43.42
CA ASN B 189 -10.03 13.42 -43.19
C ASN B 189 -9.89 12.07 -42.50
N PHE B 190 -10.20 12.04 -41.19
CA PHE B 190 -10.25 10.80 -40.44
C PHE B 190 -11.69 10.34 -40.19
N SER B 191 -12.61 10.68 -41.12
CA SER B 191 -14.03 10.33 -41.00
C SER B 191 -14.22 8.85 -40.78
N ALA B 192 -13.43 8.03 -41.50
CA ALA B 192 -13.54 6.59 -41.39
C ALA B 192 -13.44 6.09 -39.95
N ILE B 193 -12.87 6.90 -39.05
CA ILE B 193 -12.80 6.58 -37.62
C ILE B 193 -14.11 6.91 -36.88
N LYS B 194 -14.85 7.92 -37.35
CA LYS B 194 -16.00 8.43 -36.60
C LYS B 194 -17.05 7.36 -36.34
N ALA B 195 -17.35 6.52 -37.32
CA ALA B 195 -18.33 5.46 -37.11
C ALA B 195 -17.94 4.57 -35.93
N ASP B 196 -16.64 4.31 -35.76
CA ASP B 196 -16.18 3.47 -34.66
C ASP B 196 -16.31 4.19 -33.33
N ALA B 197 -16.05 5.50 -33.29
CA ALA B 197 -16.27 6.23 -32.05
C ALA B 197 -17.74 6.18 -31.66
N LEU B 198 -18.64 6.31 -32.64
CA LEU B 198 -20.08 6.30 -32.34
C LEU B 198 -20.55 4.90 -31.92
N ARG B 199 -20.01 3.84 -32.54
CA ARG B 199 -20.47 2.50 -32.23
C ARG B 199 -20.04 2.05 -30.83
N GLU B 200 -19.06 2.71 -30.20
CA GLU B 200 -18.54 2.21 -28.94
C GLU B 200 -19.08 3.04 -27.78
N PRO B 201 -19.92 2.46 -26.91
CA PRO B 201 -20.38 3.22 -25.74
C PRO B 201 -19.19 3.56 -24.87
N LEU B 202 -19.27 4.72 -24.25
CA LEU B 202 -18.18 5.25 -23.42
C LEU B 202 -18.50 5.02 -21.94
N VAL B 203 -17.57 4.40 -21.23
CA VAL B 203 -17.68 4.25 -19.78
C VAL B 203 -16.96 5.44 -19.15
N ASP B 204 -17.74 6.37 -18.59
CA ASP B 204 -17.21 7.63 -18.10
C ASP B 204 -18.25 8.27 -17.20
N PHE B 205 -17.82 9.28 -16.43
CA PHE B 205 -18.74 10.03 -15.58
C PHE B 205 -19.39 11.13 -16.37
N VAL B 206 -20.69 11.37 -16.09
CA VAL B 206 -21.37 12.54 -16.61
C VAL B 206 -21.88 13.32 -15.42
N GLU B 207 -21.98 14.63 -15.57
CA GLU B 207 -22.51 15.47 -14.53
C GLU B 207 -24.03 15.47 -14.58
N SER B 208 -24.67 15.38 -13.41
CA SER B 208 -26.12 15.29 -13.40
C SER B 208 -26.74 16.52 -14.05
N GLN B 209 -26.06 17.67 -13.97
CA GLN B 209 -26.54 18.89 -14.62
C GLN B 209 -26.59 18.80 -16.15
N GLN B 210 -26.00 17.76 -16.76
CA GLN B 210 -26.14 17.61 -18.20
C GLN B 210 -27.41 16.88 -18.59
N ILE B 211 -28.12 16.30 -17.61
CA ILE B 211 -29.32 15.53 -17.93
C ILE B 211 -30.44 16.49 -18.30
N ILE B 212 -31.09 16.23 -19.44
CA ILE B 212 -32.13 17.13 -19.94
C ILE B 212 -33.48 16.44 -20.11
N THR B 213 -33.63 15.22 -19.64
CA THR B 213 -34.90 14.48 -19.73
C THR B 213 -35.18 13.82 -18.40
N THR B 214 -36.41 13.32 -18.25
CA THR B 214 -36.74 12.47 -17.10
C THR B 214 -35.94 11.17 -17.22
N GLN B 215 -35.99 10.35 -16.17
CA GLN B 215 -35.25 9.10 -16.12
C GLN B 215 -36.19 7.92 -16.33
N SER B 216 -35.77 6.98 -17.18
CA SER B 216 -36.60 5.84 -17.52
C SER B 216 -35.97 4.58 -16.97
N LYS B 217 -36.73 3.83 -16.18
CA LYS B 217 -36.36 2.48 -15.81
C LYS B 217 -36.57 1.59 -17.03
N PHE B 218 -35.57 0.78 -17.39
CA PHE B 218 -35.76 -0.07 -18.56
C PHE B 218 -35.35 -1.51 -18.38
N LEU B 219 -34.72 -1.88 -17.26
CA LEU B 219 -34.40 -3.29 -17.09
C LEU B 219 -34.30 -3.60 -15.60
N GLU B 220 -34.77 -4.78 -15.23
CA GLU B 220 -34.52 -5.27 -13.88
C GLU B 220 -34.00 -6.70 -13.95
N ILE B 221 -32.97 -6.98 -13.17
CA ILE B 221 -32.40 -8.32 -13.08
C ILE B 221 -32.49 -8.76 -11.63
N ASP B 222 -33.27 -9.80 -11.40
CA ASP B 222 -33.48 -10.37 -10.08
C ASP B 222 -32.82 -11.73 -10.04
N LEU B 223 -31.73 -11.85 -9.25
CA LEU B 223 -30.97 -13.09 -9.15
C LEU B 223 -31.75 -14.23 -8.48
N ASN B 224 -32.87 -13.93 -7.80
CA ASN B 224 -33.65 -15.00 -7.17
C ASN B 224 -34.43 -15.80 -8.22
N THR B 225 -34.86 -15.16 -9.30
CA THR B 225 -35.74 -15.78 -10.26
C THR B 225 -35.17 -15.90 -11.67
N ILE B 226 -34.21 -15.04 -12.05
CA ILE B 226 -33.73 -15.04 -13.43
C ILE B 226 -33.07 -16.37 -13.75
N GLN B 227 -33.20 -16.78 -15.02
CA GLN B 227 -32.63 -18.04 -15.48
C GLN B 227 -31.64 -17.78 -16.58
N PRO B 228 -30.64 -18.65 -16.76
CA PRO B 228 -29.63 -18.41 -17.80
C PRO B 228 -30.21 -18.16 -19.18
N GLU B 229 -31.29 -18.88 -19.54
CA GLU B 229 -31.87 -18.72 -20.88
C GLU B 229 -32.34 -17.29 -21.12
N ASP B 230 -32.79 -16.61 -20.07
CA ASP B 230 -33.28 -15.25 -20.20
C ASP B 230 -32.21 -14.26 -20.63
N LEU B 231 -30.94 -14.63 -20.55
CA LEU B 231 -29.86 -13.68 -20.84
C LEU B 231 -29.27 -13.84 -22.23
N LYS B 232 -29.91 -14.61 -23.11
CA LYS B 232 -29.34 -14.73 -24.44
C LYS B 232 -29.74 -13.53 -25.29
N GLN B 233 -30.99 -13.10 -25.13
CA GLN B 233 -31.53 -11.91 -25.77
C GLN B 233 -32.37 -11.18 -24.74
N ILE B 234 -31.92 -10.00 -24.33
CA ILE B 234 -32.72 -9.16 -23.46
C ILE B 234 -33.44 -8.14 -24.34
N THR B 235 -34.76 -8.13 -24.33
CA THR B 235 -35.53 -7.20 -25.13
C THR B 235 -36.34 -6.33 -24.19
N THR B 236 -36.12 -5.03 -24.22
CA THR B 236 -36.86 -4.16 -23.33
C THR B 236 -37.16 -2.84 -24.03
N SER B 237 -37.80 -1.95 -23.29
CA SER B 237 -38.24 -0.67 -23.79
C SER B 237 -37.91 0.40 -22.77
N PHE B 238 -37.97 1.66 -23.20
CA PHE B 238 -37.75 2.81 -22.33
C PHE B 238 -38.60 3.96 -22.84
N GLU B 239 -38.85 4.93 -21.98
CA GLU B 239 -39.60 6.13 -22.37
C GLU B 239 -39.21 7.26 -21.45
N PHE B 240 -38.82 8.40 -22.00
CA PHE B 240 -38.59 9.58 -21.16
C PHE B 240 -39.02 10.83 -21.90
N THR B 241 -39.13 11.92 -21.13
CA THR B 241 -39.68 13.17 -21.60
C THR B 241 -38.65 14.30 -21.50
N SER B 242 -38.52 15.07 -22.57
CA SER B 242 -37.60 16.19 -22.56
C SER B 242 -38.10 17.30 -21.64
N GLN B 243 -37.18 17.93 -20.92
CA GLN B 243 -37.53 19.01 -20.01
C GLN B 243 -37.08 20.37 -20.50
N TYR B 244 -36.37 20.46 -21.61
CA TYR B 244 -35.79 21.70 -22.08
C TYR B 244 -35.86 21.80 -23.59
N GLN B 245 -35.67 23.02 -24.10
CA GLN B 245 -35.33 23.23 -25.50
C GLN B 245 -33.82 23.06 -25.64
N GLU B 246 -33.39 21.99 -26.30
CA GLU B 246 -31.98 21.64 -26.27
C GLU B 246 -31.70 20.60 -27.35
N TYR B 247 -30.44 20.52 -27.78
CA TYR B 247 -29.98 19.40 -28.57
C TYR B 247 -29.53 18.27 -27.65
N CYS B 248 -29.92 17.05 -27.98
CA CYS B 248 -29.50 15.88 -27.25
C CYS B 248 -28.46 15.12 -28.08
N GLN B 249 -27.26 14.94 -27.51
CA GLN B 249 -26.16 14.23 -28.14
C GLN B 249 -26.01 12.79 -27.69
N ALA B 250 -26.63 12.39 -26.59
CA ALA B 250 -26.34 11.08 -26.05
C ALA B 250 -27.43 10.67 -25.07
N PHE B 251 -27.55 9.36 -24.89
CA PHE B 251 -28.29 8.76 -23.79
C PHE B 251 -27.27 8.25 -22.80
N VAL B 252 -27.54 8.44 -21.51
CA VAL B 252 -26.68 7.88 -20.47
C VAL B 252 -27.46 6.87 -19.67
N ALA B 253 -26.79 5.75 -19.32
CA ALA B 253 -27.41 4.68 -18.58
C ALA B 253 -26.57 4.31 -17.36
N TRP B 254 -27.25 3.83 -16.32
CA TRP B 254 -26.59 3.36 -15.10
C TRP B 254 -27.49 2.33 -14.43
N PHE B 255 -26.99 1.75 -13.35
CA PHE B 255 -27.76 0.78 -12.63
C PHE B 255 -27.68 1.07 -11.14
N ASP B 256 -28.78 0.77 -10.45
CA ASP B 256 -28.82 0.74 -9.00
C ASP B 256 -28.76 -0.70 -8.57
N CYS B 257 -28.24 -0.91 -7.36
CA CYS B 257 -28.03 -2.26 -6.85
C CYS B 257 -28.65 -2.36 -5.47
N VAL B 258 -29.45 -3.40 -5.25
CA VAL B 258 -30.22 -3.59 -4.04
C VAL B 258 -29.94 -4.96 -3.45
N PHE B 259 -29.74 -5.01 -2.11
CA PHE B 259 -29.74 -6.24 -1.31
C PHE B 259 -31.17 -6.40 -0.80
N SER B 260 -31.98 -7.13 -1.55
CA SER B 260 -33.43 -7.08 -1.36
CA SER B 260 -33.42 -7.06 -1.33
C SER B 260 -33.95 -8.11 -0.37
N ARG B 261 -33.30 -9.28 -0.26
CA ARG B 261 -33.72 -10.27 0.71
C ARG B 261 -32.62 -10.40 1.76
N GLY B 262 -33.00 -10.36 3.02
CA GLY B 262 -32.04 -10.52 4.08
C GLY B 262 -32.01 -9.35 5.05
N PRO B 263 -31.59 -8.18 4.58
CA PRO B 263 -31.44 -7.04 5.49
C PRO B 263 -32.78 -6.57 6.03
N HIS B 264 -32.79 -6.19 7.30
CA HIS B 264 -33.99 -5.57 7.87
CA HIS B 264 -33.98 -5.57 7.87
C HIS B 264 -34.13 -4.14 7.35
N LYS B 265 -33.17 -3.26 7.70
CA LYS B 265 -33.17 -1.93 7.11
C LYS B 265 -32.65 -2.01 5.67
N PRO B 266 -33.32 -1.35 4.72
CA PRO B 266 -32.98 -1.51 3.29
C PRO B 266 -31.55 -1.09 2.95
N VAL B 267 -30.91 -1.83 2.04
CA VAL B 267 -29.54 -1.52 1.65
C VAL B 267 -29.41 -1.46 0.13
N GLU B 268 -29.01 -0.31 -0.37
CA GLU B 268 -28.82 -0.16 -1.80
C GLU B 268 -27.75 0.87 -2.07
N PHE B 269 -27.26 0.86 -3.30
CA PHE B 269 -26.37 1.91 -3.75
C PHE B 269 -26.63 2.15 -5.23
N SER B 270 -26.21 3.31 -5.71
CA SER B 270 -26.44 3.71 -7.07
C SER B 270 -25.11 3.91 -7.79
N THR B 271 -25.10 3.67 -9.12
CA THR B 271 -23.97 4.05 -9.97
C THR B 271 -24.31 5.22 -10.85
N GLY B 272 -25.41 5.93 -10.56
CA GLY B 272 -25.86 7.05 -11.36
C GLY B 272 -25.10 8.34 -11.08
N PRO B 273 -25.43 9.37 -11.86
CA PRO B 273 -24.72 10.64 -11.79
C PRO B 273 -25.23 11.58 -10.71
N PHE B 274 -26.27 11.22 -9.97
CA PHE B 274 -26.75 12.07 -8.89
C PHE B 274 -26.02 11.83 -7.57
N THR B 275 -25.27 10.74 -7.45
CA THR B 275 -24.63 10.37 -6.20
C THR B 275 -23.12 10.18 -6.43
N GLU B 276 -22.40 9.87 -5.35
CA GLU B 276 -20.95 9.76 -5.44
C GLU B 276 -20.57 8.72 -6.49
N GLY B 277 -19.47 8.98 -7.19
CA GLY B 277 -19.04 8.07 -8.23
C GLY B 277 -18.62 6.72 -7.67
N THR B 278 -18.75 5.70 -8.51
CA THR B 278 -18.22 4.37 -8.25
C THR B 278 -17.30 4.01 -9.40
N HIS B 279 -16.58 2.89 -9.28
CA HIS B 279 -15.71 2.46 -10.37
C HIS B 279 -16.49 2.02 -11.61
N TRP B 280 -17.82 1.84 -11.51
CA TRP B 280 -18.62 1.54 -12.68
C TRP B 280 -18.93 2.76 -13.51
N LYS B 281 -18.81 3.96 -12.92
CA LYS B 281 -19.10 5.20 -13.66
C LYS B 281 -20.47 5.14 -14.29
N GLN B 282 -20.61 5.68 -15.50
CA GLN B 282 -21.83 5.56 -16.29
C GLN B 282 -21.45 5.07 -17.68
N THR B 283 -22.47 4.76 -18.47
CA THR B 283 -22.28 4.38 -19.86
C THR B 283 -23.05 5.36 -20.75
N VAL B 284 -22.33 5.94 -21.69
CA VAL B 284 -22.81 7.04 -22.53
C VAL B 284 -22.90 6.50 -23.95
N PHE B 285 -24.07 6.67 -24.58
CA PHE B 285 -24.36 6.20 -25.95
C PHE B 285 -24.52 7.44 -26.83
N TYR B 286 -23.50 7.73 -27.64
CA TYR B 286 -23.57 8.90 -28.53
C TYR B 286 -24.50 8.60 -29.70
N LEU B 287 -25.40 9.55 -29.97
CA LEU B 287 -26.29 9.42 -31.12
C LEU B 287 -25.57 9.86 -32.41
N GLU B 288 -25.91 9.19 -33.51
CA GLU B 288 -25.33 9.53 -34.79
C GLU B 288 -25.68 10.96 -35.17
N ASN B 289 -26.91 11.38 -34.90
CA ASN B 289 -27.36 12.74 -35.16
C ASN B 289 -28.01 13.30 -33.92
N ASP B 290 -27.65 14.54 -33.58
CA ASP B 290 -28.24 15.19 -32.41
C ASP B 290 -29.75 15.28 -32.57
N LEU B 291 -30.45 15.09 -31.45
CA LEU B 291 -31.90 15.24 -31.43
CA LEU B 291 -31.91 15.24 -31.42
C LEU B 291 -32.24 16.65 -31.00
N PRO B 292 -32.96 17.44 -31.83
CA PRO B 292 -33.49 18.72 -31.35
C PRO B 292 -34.71 18.45 -30.47
N LEU B 293 -34.63 18.82 -29.21
CA LEU B 293 -35.69 18.56 -28.25
C LEU B 293 -36.32 19.86 -27.80
N LYS B 294 -37.61 19.79 -27.51
CA LYS B 294 -38.42 20.85 -26.91
C LYS B 294 -39.05 20.33 -25.63
N PRO B 295 -39.48 21.21 -24.73
CA PRO B 295 -40.10 20.74 -23.49
C PRO B 295 -41.31 19.85 -23.80
N ASN B 296 -41.38 18.72 -23.09
CA ASN B 296 -42.43 17.73 -23.15
C ASN B 296 -42.37 16.82 -24.38
N ASP B 297 -41.32 16.91 -25.20
CA ASP B 297 -41.13 15.89 -26.24
C ASP B 297 -40.99 14.51 -25.59
N VAL B 298 -41.69 13.52 -26.15
CA VAL B 298 -41.66 12.16 -25.61
C VAL B 298 -40.75 11.30 -26.47
N ILE B 299 -39.74 10.70 -25.86
CA ILE B 299 -38.79 9.81 -26.52
CA ILE B 299 -38.80 9.82 -26.52
C ILE B 299 -39.07 8.39 -26.05
N LYS B 300 -39.43 7.52 -26.99
CA LYS B 300 -39.93 6.18 -26.70
C LYS B 300 -39.25 5.16 -27.60
N GLY B 301 -38.82 4.05 -27.04
CA GLY B 301 -38.02 3.13 -27.85
C GLY B 301 -37.84 1.74 -27.27
N THR B 302 -37.10 0.93 -28.02
CA THR B 302 -36.77 -0.45 -27.69
C THR B 302 -35.25 -0.58 -27.60
N ILE B 303 -34.78 -1.30 -26.59
CA ILE B 303 -33.36 -1.62 -26.40
C ILE B 303 -33.23 -3.13 -26.36
N THR B 304 -32.40 -3.69 -27.23
CA THR B 304 -32.10 -5.11 -27.21
C THR B 304 -30.62 -5.31 -26.88
N ILE B 305 -30.34 -6.29 -26.02
CA ILE B 305 -28.98 -6.55 -25.59
C ILE B 305 -28.69 -8.04 -25.79
N SER B 306 -27.58 -8.34 -26.46
CA SER B 306 -27.20 -9.73 -26.66
C SER B 306 -25.70 -9.79 -26.84
N GLN B 307 -25.12 -10.92 -26.49
CA GLN B 307 -23.69 -11.05 -26.65
C GLN B 307 -23.35 -11.19 -28.12
N ASN B 308 -22.24 -10.57 -28.51
CA ASN B 308 -21.80 -10.55 -29.90
C ASN B 308 -21.47 -11.95 -30.39
N LYS B 309 -21.92 -12.25 -31.62
CA LYS B 309 -21.72 -13.59 -32.15
C LYS B 309 -20.25 -13.85 -32.50
N SER B 310 -19.52 -12.83 -32.97
CA SER B 310 -18.11 -13.02 -33.32
C SER B 310 -17.24 -13.18 -32.07
N ASN B 311 -17.40 -12.29 -31.09
CA ASN B 311 -16.64 -12.34 -29.85
C ASN B 311 -17.62 -12.35 -28.67
N HIS B 312 -17.76 -13.50 -28.02
CA HIS B 312 -18.78 -13.64 -26.97
C HIS B 312 -18.52 -12.74 -25.76
N ARG B 313 -17.30 -12.22 -25.60
CA ARG B 313 -17.05 -11.25 -24.56
C ARG B 313 -17.54 -9.85 -24.92
N ASP B 314 -17.96 -9.61 -26.16
CA ASP B 314 -18.49 -8.32 -26.57
C ASP B 314 -20.02 -8.30 -26.46
N LEU B 315 -20.56 -7.10 -26.28
CA LEU B 315 -21.98 -6.90 -26.03
C LEU B 315 -22.59 -6.07 -27.16
N ASP B 316 -23.57 -6.63 -27.87
CA ASP B 316 -24.30 -5.91 -28.90
C ASP B 316 -25.50 -5.21 -28.27
N ILE B 317 -25.62 -3.90 -28.48
CA ILE B 317 -26.69 -3.09 -27.92
C ILE B 317 -27.36 -2.35 -29.05
N SER B 318 -28.63 -2.66 -29.31
CA SER B 318 -29.40 -2.02 -30.37
C SER B 318 -30.49 -1.14 -29.77
N MET B 319 -30.67 0.03 -30.37
CA MET B 319 -31.72 0.95 -29.96
C MET B 319 -32.52 1.36 -31.18
N LYS B 320 -33.83 1.45 -31.00
CA LYS B 320 -34.73 2.01 -32.01
C LYS B 320 -35.75 2.84 -31.26
N TYR B 321 -35.93 4.10 -31.68
CA TYR B 321 -36.79 4.97 -30.90
C TYR B 321 -37.42 6.04 -31.77
N THR B 322 -38.45 6.68 -31.21
CA THR B 322 -39.16 7.79 -31.84
C THR B 322 -39.18 8.98 -30.89
N VAL B 323 -39.37 10.15 -31.47
CA VAL B 323 -39.56 11.41 -30.76
C VAL B 323 -40.96 11.91 -31.13
N ASN B 324 -41.84 11.98 -30.14
CA ASN B 324 -43.26 12.30 -30.38
C ASN B 324 -43.87 11.41 -31.45
N GLY B 325 -43.46 10.14 -31.47
CA GLY B 325 -44.04 9.18 -32.40
C GLY B 325 -43.64 9.34 -33.86
N GLY B 326 -42.59 10.13 -34.15
CA GLY B 326 -42.13 10.32 -35.52
C GLY B 326 -41.42 9.13 -36.11
N ALA B 327 -40.66 9.34 -37.19
CA ALA B 327 -39.96 8.23 -37.84
C ALA B 327 -39.00 7.54 -36.86
N VAL B 328 -38.83 6.23 -37.05
CA VAL B 328 -37.98 5.43 -36.17
C VAL B 328 -36.51 5.68 -36.48
N ILE B 329 -35.76 6.07 -35.48
CA ILE B 329 -34.32 6.21 -35.53
C ILE B 329 -33.71 4.92 -34.99
N SER B 330 -32.69 4.40 -35.68
CA SER B 330 -32.03 3.18 -35.27
C SER B 330 -30.55 3.45 -35.00
N GLN B 331 -30.00 2.79 -33.99
CA GLN B 331 -28.57 2.85 -33.77
C GLN B 331 -28.08 1.63 -33.03
N ASP B 332 -26.94 1.13 -33.46
CA ASP B 332 -26.37 -0.11 -32.96
C ASP B 332 -25.01 0.15 -32.34
N TYR B 333 -24.75 -0.52 -31.22
CA TYR B 333 -23.53 -0.34 -30.46
C TYR B 333 -22.91 -1.69 -30.19
N ILE B 334 -21.59 -1.69 -30.04
CA ILE B 334 -20.84 -2.87 -29.61
C ILE B 334 -19.93 -2.43 -28.48
N MET B 335 -20.11 -3.01 -27.30
CA MET B 335 -19.18 -2.82 -26.17
C MET B 335 -18.08 -3.86 -26.30
N ARG B 336 -16.86 -3.39 -26.57
CA ARG B 336 -15.66 -4.22 -26.66
C ARG B 336 -14.52 -3.59 -25.88
N GLU C 27 -24.08 39.47 -3.71
CA GLU C 27 -24.85 38.96 -2.58
C GLU C 27 -26.21 38.43 -3.04
N GLU C 28 -26.79 39.15 -4.00
CA GLU C 28 -28.15 38.87 -4.48
C GLU C 28 -28.23 37.53 -5.22
N MET C 29 -27.11 37.00 -5.68
CA MET C 29 -27.11 35.85 -6.58
C MET C 29 -26.42 34.64 -5.99
N LEU C 30 -26.23 34.60 -4.67
CA LEU C 30 -25.56 33.49 -4.03
C LEU C 30 -26.47 32.27 -3.97
N LYS C 31 -25.95 31.13 -4.39
CA LYS C 31 -26.63 29.85 -4.30
C LYS C 31 -25.88 29.00 -3.29
N ASP C 32 -26.53 28.66 -2.19
CA ASP C 32 -25.96 27.78 -1.16
C ASP C 32 -27.04 26.77 -0.79
N GLY C 33 -27.03 25.64 -1.50
CA GLY C 33 -28.05 24.63 -1.30
C GLY C 33 -28.02 24.02 0.10
N ILE C 34 -26.82 23.78 0.63
CA ILE C 34 -26.68 23.12 1.92
C ILE C 34 -27.39 23.91 3.01
N ARG C 35 -27.17 25.21 3.07
CA ARG C 35 -27.81 25.95 4.14
C ARG C 35 -29.25 26.33 3.84
N THR C 36 -29.58 26.61 2.57
CA THR C 36 -30.98 26.89 2.27
C THR C 36 -31.84 25.67 2.58
N ASN C 37 -31.34 24.48 2.23
CA ASN C 37 -32.07 23.25 2.53
C ASN C 37 -32.21 23.02 4.02
N ALA C 38 -31.20 23.38 4.81
CA ALA C 38 -31.29 23.22 6.26
C ALA C 38 -32.36 24.14 6.84
N TYR C 39 -32.33 25.41 6.44
CA TYR C 39 -33.37 26.34 6.89
C TYR C 39 -34.75 25.87 6.41
N LYS C 40 -34.85 25.41 5.16
CA LYS C 40 -36.13 24.98 4.63
C LYS C 40 -36.68 23.81 5.43
N ASN C 41 -35.85 22.83 5.76
CA ASN C 41 -36.32 21.69 6.55
C ASN C 41 -36.67 22.12 7.98
N ALA C 42 -35.87 23.00 8.58
CA ALA C 42 -36.20 23.44 9.95
C ALA C 42 -37.52 24.18 10.00
N ILE C 43 -37.89 24.89 8.94
CA ILE C 43 -39.08 25.72 8.95
C ILE C 43 -40.28 24.90 8.49
N LEU C 44 -40.19 24.33 7.29
CA LEU C 44 -41.37 23.70 6.70
C LEU C 44 -41.70 22.35 7.33
N GLN C 45 -40.73 21.70 7.98
CA GLN C 45 -41.04 20.47 8.71
C GLN C 45 -41.54 20.76 10.12
N ASN C 46 -41.74 22.02 10.48
CA ASN C 46 -42.18 22.41 11.82
C ASN C 46 -43.26 23.49 11.73
N LYS C 47 -44.18 23.35 10.77
CA LYS C 47 -45.18 24.39 10.53
C LYS C 47 -45.94 24.74 11.81
N HIS C 48 -46.35 23.72 12.58
CA HIS C 48 -47.12 23.95 13.80
C HIS C 48 -46.49 25.04 14.66
N LEU C 49 -45.18 25.21 14.56
CA LEU C 49 -44.48 26.22 15.34
C LEU C 49 -44.66 27.62 14.76
N PHE C 50 -44.78 27.73 13.43
CA PHE C 50 -44.93 29.02 12.77
C PHE C 50 -46.38 29.46 12.60
N LYS C 51 -47.32 28.51 12.69
CA LYS C 51 -48.73 28.79 12.40
C LYS C 51 -49.26 29.96 13.21
N ASP C 52 -49.66 31.01 12.50
CA ASP C 52 -50.21 32.25 13.06
C ASP C 52 -49.28 32.92 14.06
N LYS C 53 -47.99 32.59 14.05
CA LYS C 53 -47.03 33.30 14.88
C LYS C 53 -46.44 34.50 14.13
N VAL C 54 -45.68 35.31 14.86
CA VAL C 54 -45.04 36.49 14.32
C VAL C 54 -43.55 36.21 14.29
N VAL C 55 -42.95 36.28 13.09
CA VAL C 55 -41.59 35.87 12.84
C VAL C 55 -40.77 37.10 12.49
N LEU C 56 -39.58 37.20 13.09
CA LEU C 56 -38.61 38.22 12.73
C LEU C 56 -37.44 37.54 12.03
N ASP C 57 -37.07 38.06 10.87
CA ASP C 57 -35.97 37.50 10.09
C ASP C 57 -34.89 38.57 10.03
N ILE C 58 -33.80 38.35 10.77
CA ILE C 58 -32.68 39.29 10.81
C ILE C 58 -31.80 39.03 9.58
N GLY C 59 -31.58 40.07 8.78
CA GLY C 59 -30.72 39.95 7.63
C GLY C 59 -31.31 39.06 6.56
N CYS C 60 -32.53 39.41 6.13
CA CYS C 60 -33.36 38.55 5.28
C CYS C 60 -32.85 38.42 3.84
N GLY C 61 -31.99 39.34 3.38
CA GLY C 61 -31.48 39.22 2.03
C GLY C 61 -32.59 39.32 1.00
N THR C 62 -32.60 38.38 0.04
CA THR C 62 -33.64 38.33 -0.98
C THR C 62 -34.99 37.83 -0.48
N GLY C 63 -35.06 37.23 0.72
CA GLY C 63 -36.32 36.90 1.37
C GLY C 63 -36.75 35.43 1.38
N ILE C 64 -35.88 34.50 0.97
CA ILE C 64 -36.29 33.10 0.83
C ILE C 64 -36.76 32.52 2.16
N LEU C 65 -36.09 32.90 3.26
CA LEU C 65 -36.49 32.38 4.57
C LEU C 65 -37.80 33.00 5.03
N CYS C 66 -38.03 34.29 4.75
CA CYS C 66 -39.33 34.90 4.97
C CYS C 66 -40.41 34.17 4.18
N LEU C 67 -40.11 33.81 2.92
CA LEU C 67 -41.07 33.05 2.13
C LEU C 67 -41.33 31.69 2.77
N PHE C 68 -40.27 31.04 3.26
CA PHE C 68 -40.44 29.79 3.99
C PHE C 68 -41.34 29.97 5.19
N ALA C 69 -41.09 31.03 5.98
CA ALA C 69 -41.90 31.26 7.17
C ALA C 69 -43.36 31.54 6.80
N ALA C 70 -43.59 32.36 5.78
CA ALA C 70 -44.96 32.63 5.35
C ALA C 70 -45.63 31.38 4.81
N LYS C 71 -44.90 30.56 4.06
CA LYS C 71 -45.50 29.32 3.59
C LYS C 71 -45.83 28.40 4.75
N ALA C 72 -45.06 28.46 5.84
CA ALA C 72 -45.34 27.68 7.03
C ALA C 72 -46.58 28.15 7.78
N GLY C 73 -47.15 29.31 7.41
CA GLY C 73 -48.38 29.76 8.01
C GLY C 73 -48.27 30.89 9.01
N ALA C 74 -47.13 31.56 9.09
CA ALA C 74 -46.97 32.68 10.01
C ALA C 74 -48.02 33.76 9.72
N LYS C 75 -48.41 34.46 10.79
CA LYS C 75 -49.35 35.58 10.61
C LYS C 75 -48.64 36.77 9.99
N ARG C 76 -47.46 37.12 10.50
CA ARG C 76 -46.63 38.15 9.92
C ARG C 76 -45.18 37.71 9.96
N VAL C 77 -44.43 38.14 8.95
CA VAL C 77 -42.98 37.98 8.94
C VAL C 77 -42.40 39.38 8.74
N ILE C 78 -41.62 39.83 9.71
CA ILE C 78 -40.90 41.09 9.61
C ILE C 78 -39.47 40.76 9.18
N GLY C 79 -39.01 41.40 8.11
CA GLY C 79 -37.65 41.18 7.63
C GLY C 79 -36.83 42.45 7.64
N ILE C 80 -35.64 42.38 8.21
CA ILE C 80 -34.71 43.52 8.30
C ILE C 80 -33.45 43.20 7.51
N ASP C 81 -33.04 44.12 6.64
CA ASP C 81 -31.72 44.05 6.03
C ASP C 81 -31.31 45.45 5.60
N MET C 82 -30.35 45.55 4.68
CA MET C 82 -29.82 46.81 4.16
C MET C 82 -30.58 47.25 2.91
N SER C 83 -30.47 48.55 2.60
CA SER C 83 -31.33 49.23 1.63
C SER C 83 -31.40 48.49 0.28
N ASP C 84 -30.27 48.38 -0.42
CA ASP C 84 -30.31 47.96 -1.82
C ASP C 84 -30.83 46.53 -1.98
N ILE C 85 -30.56 45.64 -1.03
CA ILE C 85 -31.07 44.28 -1.20
C ILE C 85 -32.57 44.20 -0.89
N ILE C 86 -33.09 45.07 -0.02
CA ILE C 86 -34.50 44.97 0.36
C ILE C 86 -35.42 45.37 -0.79
N ASP C 87 -35.01 46.30 -1.65
CA ASP C 87 -35.84 46.62 -2.79
C ASP C 87 -36.08 45.39 -3.64
N LYS C 88 -35.06 44.55 -3.82
CA LYS C 88 -35.23 43.33 -4.58
C LYS C 88 -36.13 42.34 -3.86
N ALA C 89 -35.92 42.17 -2.55
CA ALA C 89 -36.74 41.24 -1.79
C ALA C 89 -38.21 41.66 -1.80
N ARG C 90 -38.46 42.98 -1.71
CA ARG C 90 -39.84 43.45 -1.79
C ARG C 90 -40.48 43.08 -3.12
N GLN C 91 -39.72 43.18 -4.22
CA GLN C 91 -40.25 42.77 -5.52
C GLN C 91 -40.47 41.26 -5.56
N ILE C 92 -39.52 40.50 -4.99
CA ILE C 92 -39.64 39.05 -4.97
C ILE C 92 -40.82 38.62 -4.11
N VAL C 93 -41.00 39.24 -2.95
CA VAL C 93 -42.12 38.90 -2.07
C VAL C 93 -43.45 39.21 -2.76
N SER C 94 -43.51 40.34 -3.45
CA SER C 94 -44.75 40.74 -4.12
C SER C 94 -45.06 39.80 -5.27
N ASP C 95 -44.03 39.39 -6.03
CA ASP C 95 -44.23 38.46 -7.12
C ASP C 95 -44.76 37.11 -6.64
N ASN C 96 -44.57 36.79 -5.36
CA ASN C 96 -45.02 35.52 -4.81
C ASN C 96 -46.29 35.68 -3.97
N GLY C 97 -46.90 36.86 -3.99
CA GLY C 97 -48.20 37.08 -3.38
C GLY C 97 -48.19 37.12 -1.87
N TYR C 98 -47.10 37.54 -1.25
CA TYR C 98 -46.98 37.50 0.19
C TYR C 98 -46.74 38.89 0.80
N SER C 99 -47.01 39.95 0.04
CA SER C 99 -46.79 41.28 0.60
C SER C 99 -47.67 41.53 1.81
N HIS C 100 -48.84 40.90 1.88
CA HIS C 100 -49.71 41.06 3.05
C HIS C 100 -49.16 40.33 4.27
N VAL C 101 -48.30 39.33 4.10
CA VAL C 101 -47.73 38.59 5.23
C VAL C 101 -46.32 39.08 5.57
N ILE C 102 -45.50 39.34 4.55
CA ILE C 102 -44.09 39.68 4.75
C ILE C 102 -43.91 41.18 4.58
N GLU C 103 -43.37 41.82 5.62
CA GLU C 103 -43.01 43.23 5.58
C GLU C 103 -41.50 43.35 5.74
N LEU C 104 -40.88 44.13 4.87
CA LEU C 104 -39.43 44.22 4.83
C LEU C 104 -39.05 45.66 5.10
N ILE C 105 -38.20 45.87 6.08
CA ILE C 105 -37.79 47.21 6.47
C ILE C 105 -36.28 47.32 6.32
N LYS C 106 -35.82 48.49 5.91
CA LYS C 106 -34.42 48.78 5.72
C LYS C 106 -33.80 49.31 7.00
N GLY C 107 -32.56 48.93 7.26
CA GLY C 107 -31.78 49.55 8.31
C GLY C 107 -31.20 48.56 9.28
N LYS C 108 -30.54 49.10 10.29
CA LYS C 108 -30.00 48.31 11.38
C LYS C 108 -31.00 48.29 12.53
N VAL C 109 -30.94 47.21 13.31
CA VAL C 109 -31.84 47.05 14.46
C VAL C 109 -31.68 48.22 15.42
N GLU C 110 -30.44 48.69 15.61
CA GLU C 110 -30.18 49.81 16.51
C GLU C 110 -30.93 51.06 16.07
N ASP C 111 -31.24 51.19 14.79
CA ASP C 111 -31.92 52.36 14.26
C ASP C 111 -33.43 52.19 14.20
N ILE C 112 -33.96 51.04 14.62
CA ILE C 112 -35.39 50.75 14.54
C ILE C 112 -36.01 51.09 15.89
N ALA C 113 -36.79 52.18 15.93
CA ALA C 113 -37.45 52.57 17.18
C ALA C 113 -38.52 51.56 17.57
N GLN C 114 -39.38 51.19 16.63
CA GLN C 114 -40.48 50.26 16.88
C GLN C 114 -40.65 49.37 15.66
N LEU C 115 -41.01 48.11 15.93
CA LEU C 115 -41.41 47.22 14.85
C LEU C 115 -42.71 47.72 14.21
N PRO C 116 -42.96 47.38 12.94
CA PRO C 116 -44.19 47.81 12.29
C PRO C 116 -45.42 47.19 12.94
N PHE C 117 -46.59 47.73 12.55
CA PHE C 117 -47.89 47.22 12.95
C PHE C 117 -48.08 47.22 14.46
N GLY C 118 -47.29 48.00 15.19
CA GLY C 118 -47.44 48.02 16.64
C GLY C 118 -47.08 46.74 17.34
N ILE C 119 -46.30 45.87 16.69
CA ILE C 119 -45.83 44.66 17.34
C ILE C 119 -44.81 45.04 18.41
N GLU C 120 -44.96 44.45 19.60
CA GLU C 120 -43.97 44.65 20.67
C GLU C 120 -43.13 43.42 20.95
N LYS C 121 -43.65 42.22 20.70
CA LYS C 121 -42.92 40.98 20.92
C LYS C 121 -43.19 40.02 19.76
N VAL C 122 -42.18 39.19 19.43
CA VAL C 122 -42.28 38.18 18.39
C VAL C 122 -42.10 36.79 19.00
N ASP C 123 -42.50 35.77 18.23
CA ASP C 123 -42.50 34.39 18.68
C ASP C 123 -41.33 33.57 18.17
N ILE C 124 -40.78 33.94 17.02
CA ILE C 124 -39.65 33.24 16.41
C ILE C 124 -38.75 34.29 15.78
N ILE C 125 -37.44 34.12 15.95
CA ILE C 125 -36.46 34.93 15.23
C ILE C 125 -35.69 33.99 14.32
N ILE C 126 -35.79 34.24 13.02
CA ILE C 126 -34.93 33.64 12.02
C ILE C 126 -33.76 34.59 11.77
N SER C 127 -32.56 34.03 11.65
CA SER C 127 -31.41 34.83 11.25
C SER C 127 -30.39 33.91 10.61
N GLU C 128 -29.53 34.51 9.79
CA GLU C 128 -28.35 33.86 9.22
C GLU C 128 -27.15 34.71 9.63
N TRP C 129 -26.85 34.72 10.93
CA TRP C 129 -25.88 35.64 11.50
C TRP C 129 -24.44 35.20 11.27
N MET C 130 -24.22 33.90 11.03
CA MET C 130 -22.87 33.38 10.96
C MET C 130 -22.09 34.05 9.85
N GLY C 131 -20.92 34.59 10.20
CA GLY C 131 -19.97 35.09 9.23
C GLY C 131 -18.87 34.08 8.96
N TYR C 132 -17.87 34.52 8.20
CA TYR C 132 -16.70 33.68 8.01
C TYR C 132 -16.04 33.43 9.36
N PHE C 133 -15.57 32.19 9.56
CA PHE C 133 -15.00 31.80 10.85
C PHE C 133 -15.99 32.03 11.99
N LEU C 134 -17.28 31.94 11.66
CA LEU C 134 -18.42 32.20 12.54
C LEU C 134 -18.56 33.66 12.93
N LEU C 135 -17.48 34.25 13.41
CA LEU C 135 -17.52 35.53 14.11
C LEU C 135 -16.96 36.70 13.32
N TYR C 136 -16.36 36.48 12.15
CA TYR C 136 -15.88 37.61 11.36
C TYR C 136 -17.07 38.27 10.67
N GLU C 137 -17.22 39.58 10.91
CA GLU C 137 -18.31 40.37 10.34
C GLU C 137 -19.66 39.67 10.45
N SER C 138 -19.90 39.04 11.61
CA SER C 138 -21.15 38.34 11.86
C SER C 138 -22.24 39.33 12.30
N MET C 139 -23.47 38.83 12.33
CA MET C 139 -24.60 39.60 12.84
CA MET C 139 -24.62 39.58 12.83
C MET C 139 -25.01 39.14 14.25
N LEU C 140 -24.07 38.56 15.00
CA LEU C 140 -24.38 37.98 16.28
C LEU C 140 -24.89 39.03 17.27
N GLN C 141 -24.14 40.12 17.45
CA GLN C 141 -24.56 41.15 18.40
C GLN C 141 -25.94 41.70 18.05
N THR C 142 -26.22 41.86 16.75
CA THR C 142 -27.54 42.32 16.31
C THR C 142 -28.62 41.31 16.67
N VAL C 143 -28.35 40.02 16.49
CA VAL C 143 -29.38 39.04 16.82
C VAL C 143 -29.67 39.06 18.32
N LEU C 144 -28.63 39.11 19.16
CA LEU C 144 -28.85 39.15 20.61
C LEU C 144 -29.67 40.36 21.00
N SER C 145 -29.43 41.50 20.35
CA SER C 145 -30.21 42.69 20.63
C SER C 145 -31.68 42.54 20.21
N ALA C 146 -31.93 41.89 19.06
CA ALA C 146 -33.31 41.61 18.68
C ALA C 146 -33.95 40.57 19.60
N ARG C 147 -33.16 39.59 20.06
CA ARG C 147 -33.67 38.61 21.02
C ARG C 147 -34.11 39.32 22.30
N ASP C 148 -33.21 40.10 22.89
CA ASP C 148 -33.49 40.77 24.14
C ASP C 148 -34.62 41.78 23.99
N ARG C 149 -34.72 42.46 22.84
CA ARG C 149 -35.75 43.48 22.70
C ARG C 149 -37.13 42.87 22.42
N TRP C 150 -37.20 41.85 21.57
CA TRP C 150 -38.47 41.47 20.97
C TRP C 150 -38.89 40.02 21.12
N LEU C 151 -37.99 39.08 21.42
CA LEU C 151 -38.42 37.70 21.54
C LEU C 151 -39.27 37.53 22.80
N ARG C 152 -40.49 37.04 22.62
CA ARG C 152 -41.33 36.67 23.76
C ARG C 152 -40.59 35.64 24.61
N PRO C 153 -40.67 35.72 25.93
CA PRO C 153 -40.02 34.71 26.75
C PRO C 153 -40.58 33.33 26.44
N GLY C 154 -39.69 32.35 26.35
CA GLY C 154 -40.10 31.05 25.85
C GLY C 154 -40.18 30.96 24.34
N GLY C 155 -39.51 31.87 23.63
CA GLY C 155 -39.52 31.86 22.19
C GLY C 155 -38.41 30.99 21.61
N TYR C 156 -38.35 30.97 20.28
CA TYR C 156 -37.40 30.14 19.57
C TYR C 156 -36.54 31.01 18.65
N LEU C 157 -35.28 30.61 18.52
CA LEU C 157 -34.35 31.18 17.55
C LEU C 157 -33.95 30.11 16.54
N PHE C 158 -34.23 30.37 15.26
CA PHE C 158 -33.84 29.49 14.16
C PHE C 158 -32.66 30.13 13.43
N PRO C 159 -31.44 29.57 13.48
CA PRO C 159 -30.98 28.49 14.36
C PRO C 159 -30.56 29.04 15.73
N ASP C 160 -30.27 28.17 16.70
CA ASP C 160 -29.94 28.62 18.05
C ASP C 160 -28.58 28.15 18.56
N LYS C 161 -27.91 27.20 17.90
CA LYS C 161 -26.64 26.67 18.39
C LYS C 161 -25.65 26.59 17.26
N CYS C 162 -24.42 27.06 17.51
CA CYS C 162 -23.32 26.88 16.58
C CYS C 162 -22.10 26.39 17.34
N THR C 163 -21.38 25.45 16.74
CA THR C 163 -20.21 24.82 17.35
C THR C 163 -19.03 24.92 16.39
N MET C 164 -17.87 25.33 16.89
CA MET C 164 -16.67 25.48 16.06
C MET C 164 -15.71 24.32 16.28
N TYR C 165 -15.05 23.89 15.20
CA TYR C 165 -14.08 22.81 15.24
C TYR C 165 -12.74 23.28 14.68
N ILE C 166 -11.64 22.65 15.10
CA ILE C 166 -10.29 23.02 14.68
CA ILE C 166 -10.32 23.01 14.63
C ILE C 166 -9.47 21.75 14.53
N CYS C 167 -8.55 21.77 13.56
CA CYS C 167 -7.62 20.66 13.34
C CYS C 167 -6.48 21.15 12.46
N GLY C 168 -5.44 20.31 12.37
CA GLY C 168 -4.24 20.62 11.62
C GLY C 168 -4.24 19.95 10.28
N ILE C 169 -3.69 20.64 9.27
CA ILE C 169 -3.64 20.08 7.93
C ILE C 169 -2.22 20.11 7.40
N GLU C 170 -1.98 19.21 6.43
CA GLU C 170 -0.83 19.31 5.55
C GLU C 170 -1.26 20.14 4.35
N ASP C 171 -0.51 21.19 4.07
CA ASP C 171 -0.87 22.12 2.99
C ASP C 171 0.38 22.71 2.37
N SER C 172 1.45 21.91 2.27
CA SER C 172 2.76 22.46 1.90
C SER C 172 2.82 22.90 0.45
N GLU C 173 2.10 22.22 -0.45
CA GLU C 173 2.08 22.64 -1.84
C GLU C 173 1.52 24.04 -1.96
N TYR C 174 0.45 24.32 -1.23
CA TYR C 174 -0.12 25.66 -1.25
C TYR C 174 0.83 26.66 -0.59
N LYS C 175 1.44 26.29 0.53
CA LYS C 175 2.35 27.20 1.20
C LYS C 175 3.56 27.54 0.34
N ARG C 176 4.19 26.51 -0.26
CA ARG C 176 5.34 26.76 -1.12
C ARG C 176 4.95 27.64 -2.29
N ASP C 177 3.78 27.39 -2.86
CA ASP C 177 3.38 28.03 -4.10
C ASP C 177 2.88 29.46 -3.89
N LYS C 178 2.24 29.77 -2.77
CA LYS C 178 1.64 31.09 -2.59
C LYS C 178 2.10 31.84 -1.34
N ILE C 179 2.87 31.23 -0.44
CA ILE C 179 3.42 31.93 0.73
C ILE C 179 4.95 31.99 0.66
N ASP C 180 5.63 30.84 0.59
CA ASP C 180 7.07 30.84 0.38
C ASP C 180 7.45 31.49 -0.93
N PHE C 181 6.49 31.56 -1.87
CA PHE C 181 6.73 32.18 -3.18
C PHE C 181 7.29 33.58 -3.06
N TRP C 182 6.87 34.35 -2.06
CA TRP C 182 7.30 35.74 -1.97
C TRP C 182 8.76 35.88 -1.51
N ASP C 183 9.39 34.81 -1.00
CA ASP C 183 10.79 34.91 -0.61
C ASP C 183 11.71 35.11 -1.82
N ASN C 184 11.31 34.59 -2.98
CA ASN C 184 12.09 34.71 -4.22
C ASN C 184 11.06 34.92 -5.32
N VAL C 185 10.79 36.19 -5.62
CA VAL C 185 9.88 36.57 -6.70
C VAL C 185 10.80 36.99 -7.84
N TYR C 186 11.09 36.05 -8.73
CA TYR C 186 12.09 36.24 -9.77
C TYR C 186 13.43 36.67 -9.16
N GLY C 187 13.76 36.08 -7.99
CA GLY C 187 15.02 36.35 -7.32
C GLY C 187 15.01 37.45 -6.27
N PHE C 188 13.90 38.19 -6.15
CA PHE C 188 13.81 39.38 -5.31
C PHE C 188 13.28 39.04 -3.92
N ASN C 189 13.60 39.90 -2.95
CA ASN C 189 13.20 39.68 -1.56
C ASN C 189 11.89 40.39 -1.30
N PHE C 190 10.79 39.62 -1.32
CA PHE C 190 9.46 40.08 -0.94
C PHE C 190 9.05 39.49 0.40
N SER C 191 10.02 39.24 1.27
CA SER C 191 9.75 38.60 2.56
C SER C 191 8.69 39.36 3.35
N ALA C 192 8.67 40.69 3.26
CA ALA C 192 7.67 41.48 3.97
C ALA C 192 6.24 41.10 3.57
N ILE C 193 6.04 40.60 2.35
CA ILE C 193 4.69 40.19 1.98
C ILE C 193 4.34 38.85 2.61
N LYS C 194 5.33 37.97 2.78
CA LYS C 194 5.04 36.67 3.38
C LYS C 194 4.46 36.85 4.79
N ALA C 195 5.01 37.79 5.57
CA ALA C 195 4.47 38.06 6.90
C ALA C 195 3.00 38.46 6.84
N ASP C 196 2.62 39.28 5.86
CA ASP C 196 1.22 39.72 5.78
C ASP C 196 0.32 38.59 5.32
N ALA C 197 0.80 37.73 4.42
CA ALA C 197 0.04 36.55 4.02
C ALA C 197 -0.23 35.65 5.22
N LEU C 198 0.74 35.54 6.12
CA LEU C 198 0.57 34.70 7.30
C LEU C 198 -0.44 35.29 8.28
N ARG C 199 -0.43 36.62 8.45
CA ARG C 199 -1.32 37.25 9.41
C ARG C 199 -2.78 37.24 8.96
N GLU C 200 -3.04 36.98 7.66
CA GLU C 200 -4.41 37.05 7.16
C GLU C 200 -4.96 35.63 7.03
N PRO C 201 -5.95 35.25 7.84
CA PRO C 201 -6.55 33.93 7.67
C PRO C 201 -7.19 33.81 6.30
N LEU C 202 -7.09 32.61 5.73
CA LEU C 202 -7.59 32.38 4.39
C LEU C 202 -8.94 31.69 4.47
N VAL C 203 -9.95 32.29 3.84
CA VAL C 203 -11.26 31.68 3.72
C VAL C 203 -11.30 30.95 2.38
N ASP C 204 -11.23 29.63 2.42
CA ASP C 204 -11.12 28.79 1.23
C ASP C 204 -11.44 27.35 1.62
N PHE C 205 -11.64 26.51 0.60
CA PHE C 205 -11.89 25.09 0.82
C PHE C 205 -10.58 24.33 1.00
N VAL C 206 -10.60 23.33 1.88
CA VAL C 206 -9.52 22.36 1.98
C VAL C 206 -10.10 20.97 1.85
N GLU C 207 -9.31 20.05 1.32
CA GLU C 207 -9.74 18.68 1.16
C GLU C 207 -9.58 17.94 2.49
N SER C 208 -10.59 17.11 2.82
CA SER C 208 -10.57 16.44 4.12
C SER C 208 -9.33 15.54 4.26
N GLN C 209 -8.81 15.06 3.13
CA GLN C 209 -7.60 14.27 3.03
C GLN C 209 -6.35 15.04 3.42
N GLN C 210 -6.42 16.35 3.61
CA GLN C 210 -5.30 17.13 4.13
C GLN C 210 -5.26 17.15 5.65
N ILE C 211 -6.31 16.69 6.32
CA ILE C 211 -6.35 16.74 7.78
C ILE C 211 -5.45 15.65 8.34
N ILE C 212 -4.55 16.02 9.25
CA ILE C 212 -3.59 15.09 9.82
C ILE C 212 -3.69 14.98 11.34
N THR C 213 -4.73 15.57 11.93
CA THR C 213 -4.94 15.49 13.38
C THR C 213 -6.40 15.17 13.65
N THR C 214 -6.69 14.79 14.90
CA THR C 214 -8.08 14.67 15.32
C THR C 214 -8.74 16.05 15.31
N GLN C 215 -10.06 16.08 15.48
CA GLN C 215 -10.81 17.32 15.46
C GLN C 215 -11.21 17.72 16.87
N SER C 216 -11.01 18.99 17.20
CA SER C 216 -11.30 19.49 18.53
C SER C 216 -12.48 20.46 18.48
N LYS C 217 -13.47 20.20 19.32
CA LYS C 217 -14.50 21.19 19.57
C LYS C 217 -13.90 22.25 20.49
N PHE C 218 -14.00 23.52 20.08
CA PHE C 218 -13.39 24.58 20.86
C PHE C 218 -14.30 25.77 21.12
N LEU C 219 -15.49 25.82 20.55
CA LEU C 219 -16.37 26.92 20.87
C LEU C 219 -17.81 26.51 20.58
N GLU C 220 -18.71 26.90 21.49
CA GLU C 220 -20.14 26.75 21.27
C GLU C 220 -20.81 28.08 21.55
N ILE C 221 -21.71 28.50 20.68
CA ILE C 221 -22.46 29.72 20.85
C ILE C 221 -23.92 29.30 20.89
N ASP C 222 -24.54 29.47 22.06
CA ASP C 222 -25.92 29.08 22.32
C ASP C 222 -26.74 30.35 22.42
N LEU C 223 -27.50 30.64 21.37
CA LEU C 223 -28.23 31.90 21.28
C LEU C 223 -29.22 32.07 22.43
N ASN C 224 -29.71 30.98 23.00
CA ASN C 224 -30.69 31.07 24.08
C ASN C 224 -30.09 31.66 25.35
N THR C 225 -28.78 31.45 25.59
CA THR C 225 -28.15 31.84 26.85
C THR C 225 -27.06 32.90 26.73
N ILE C 226 -26.36 32.98 25.60
CA ILE C 226 -25.21 33.88 25.49
C ILE C 226 -25.65 35.34 25.62
N GLN C 227 -24.77 36.17 26.19
CA GLN C 227 -25.06 37.57 26.48
C GLN C 227 -24.09 38.51 25.76
N PRO C 228 -24.53 39.74 25.47
CA PRO C 228 -23.67 40.68 24.73
C PRO C 228 -22.29 40.91 25.32
N GLU C 229 -22.16 40.95 26.65
CA GLU C 229 -20.85 41.22 27.24
C GLU C 229 -19.85 40.12 26.92
N ASP C 230 -20.32 38.88 26.74
CA ASP C 230 -19.47 37.73 26.43
C ASP C 230 -18.76 37.84 25.10
N LEU C 231 -19.18 38.76 24.23
CA LEU C 231 -18.61 38.85 22.89
C LEU C 231 -17.54 39.94 22.78
N LYS C 232 -16.98 40.40 23.90
CA LYS C 232 -15.93 41.40 23.76
C LYS C 232 -14.58 40.72 23.58
N GLN C 233 -14.33 39.69 24.39
CA GLN C 233 -13.15 38.84 24.25
C GLN C 233 -13.56 37.41 24.55
N ILE C 234 -13.50 36.56 23.53
CA ILE C 234 -13.78 35.14 23.66
C ILE C 234 -12.45 34.42 23.85
N THR C 235 -12.30 33.75 24.98
CA THR C 235 -11.12 32.95 25.27
C THR C 235 -11.55 31.51 25.52
N THR C 236 -11.08 30.61 24.68
CA THR C 236 -11.48 29.22 24.72
C THR C 236 -10.27 28.35 24.42
N SER C 237 -10.46 27.03 24.50
CA SER C 237 -9.34 26.12 24.39
C SER C 237 -9.63 25.04 23.37
N PHE C 238 -8.57 24.38 22.93
CA PHE C 238 -8.68 23.28 21.98
C PHE C 238 -7.58 22.26 22.24
N GLU C 239 -7.84 21.04 21.81
CA GLU C 239 -6.86 19.98 21.95
C GLU C 239 -7.10 18.94 20.87
N PHE C 240 -6.06 18.60 20.12
CA PHE C 240 -6.14 17.49 19.18
C PHE C 240 -4.81 16.76 19.14
N THR C 241 -4.87 15.54 18.61
CA THR C 241 -3.74 14.64 18.62
C THR C 241 -3.33 14.36 17.18
N SER C 242 -2.04 14.50 16.89
CA SER C 242 -1.56 14.25 15.54
C SER C 242 -1.66 12.76 15.22
N GLN C 243 -2.01 12.48 13.97
CA GLN C 243 -2.18 11.12 13.49
C GLN C 243 -1.05 10.64 12.58
N TYR C 244 -0.06 11.48 12.28
CA TYR C 244 0.95 11.11 11.29
C TYR C 244 2.32 11.69 11.63
N GLN C 245 3.35 11.16 10.97
CA GLN C 245 4.64 11.84 10.86
C GLN C 245 4.52 12.81 9.69
N GLU C 246 4.48 14.10 9.98
CA GLU C 246 4.17 15.07 8.95
C GLU C 246 4.49 16.47 9.46
N TYR C 247 4.79 17.37 8.54
CA TYR C 247 4.88 18.79 8.85
C TYR C 247 3.48 19.39 8.73
N CYS C 248 3.10 20.20 9.70
CA CYS C 248 1.80 20.87 9.69
C CYS C 248 2.01 22.33 9.30
N GLN C 249 1.35 22.76 8.23
CA GLN C 249 1.48 24.13 7.79
C GLN C 249 0.34 25.03 8.27
N ALA C 250 -0.78 24.46 8.73
CA ALA C 250 -1.93 25.29 9.04
C ALA C 250 -2.89 24.54 9.94
N PHE C 251 -3.70 25.33 10.65
CA PHE C 251 -4.91 24.85 11.29
C PHE C 251 -6.07 25.33 10.46
N VAL C 252 -7.07 24.45 10.28
CA VAL C 252 -8.30 24.79 9.58
C VAL C 252 -9.44 24.70 10.58
N ALA C 253 -10.37 25.64 10.48
CA ALA C 253 -11.50 25.72 11.39
C ALA C 253 -12.80 25.86 10.61
N TRP C 254 -13.87 25.32 11.17
CA TRP C 254 -15.18 25.42 10.57
C TRP C 254 -16.19 25.35 11.70
N PHE C 255 -17.47 25.55 11.36
CA PHE C 255 -18.53 25.49 12.34
C PHE C 255 -19.68 24.64 11.83
N ASP C 256 -20.34 23.97 12.77
CA ASP C 256 -21.61 23.31 12.55
C ASP C 256 -22.71 24.19 13.11
N CYS C 257 -23.88 24.09 12.53
CA CYS C 257 -25.00 24.95 12.91
C CYS C 257 -26.21 24.05 13.11
N VAL C 258 -26.89 24.21 14.25
CA VAL C 258 -27.91 23.27 14.67
C VAL C 258 -29.22 24.01 14.93
N PHE C 259 -30.31 23.47 14.36
CA PHE C 259 -31.68 23.89 14.68
C PHE C 259 -32.25 22.90 15.69
N SER C 260 -32.15 23.24 16.97
CA SER C 260 -32.62 22.31 18.00
C SER C 260 -34.06 22.58 18.42
N LYS C 265 -37.48 16.72 15.29
CA LYS C 265 -36.24 16.20 14.74
C LYS C 265 -35.23 17.32 14.39
N PRO C 266 -33.98 17.18 14.86
CA PRO C 266 -33.03 18.30 14.79
C PRO C 266 -32.42 18.43 13.39
N VAL C 267 -32.52 19.63 12.84
CA VAL C 267 -31.88 19.94 11.56
C VAL C 267 -30.52 20.55 11.84
N GLU C 268 -29.50 20.09 11.11
CA GLU C 268 -28.15 20.62 11.25
C GLU C 268 -27.49 20.69 9.88
N PHE C 269 -26.45 21.50 9.79
CA PHE C 269 -25.56 21.46 8.63
C PHE C 269 -24.15 21.86 9.07
N SER C 270 -23.18 21.47 8.26
CA SER C 270 -21.79 21.72 8.57
C SER C 270 -21.17 22.59 7.47
N THR C 271 -20.14 23.34 7.87
CA THR C 271 -19.28 24.05 6.92
C THR C 271 -17.92 23.39 6.81
N GLY C 272 -17.78 22.16 7.34
CA GLY C 272 -16.50 21.48 7.32
C GLY C 272 -16.20 20.86 5.97
N PRO C 273 -14.98 20.33 5.85
CA PRO C 273 -14.52 19.80 4.56
C PRO C 273 -14.94 18.37 4.28
N PHE C 274 -15.60 17.70 5.23
CA PHE C 274 -16.10 16.35 5.04
C PHE C 274 -17.45 16.28 4.33
N THR C 275 -18.14 17.40 4.20
CA THR C 275 -19.48 17.47 3.62
C THR C 275 -19.47 18.49 2.49
N GLU C 276 -20.59 18.60 1.80
CA GLU C 276 -20.67 19.47 0.63
C GLU C 276 -20.32 20.91 1.01
N GLY C 277 -19.67 21.61 0.08
CA GLY C 277 -19.22 22.97 0.36
C GLY C 277 -20.38 23.93 0.56
N THR C 278 -20.14 24.95 1.38
CA THR C 278 -21.03 26.08 1.57
C THR C 278 -20.27 27.35 1.23
N HIS C 279 -21.00 28.47 1.15
CA HIS C 279 -20.30 29.72 0.87
C HIS C 279 -19.42 30.18 2.04
N TRP C 280 -19.54 29.57 3.23
CA TRP C 280 -18.62 29.92 4.29
C TRP C 280 -17.27 29.22 4.13
N LYS C 281 -17.23 28.14 3.35
CA LYS C 281 -16.00 27.39 3.15
C LYS C 281 -15.40 27.03 4.50
N GLN C 282 -14.08 27.11 4.60
CA GLN C 282 -13.38 26.92 5.85
C GLN C 282 -12.46 28.10 6.07
N THR C 283 -11.86 28.16 7.25
CA THR C 283 -10.90 29.21 7.58
C THR C 283 -9.56 28.57 7.91
N VAL C 284 -8.51 28.99 7.20
CA VAL C 284 -7.19 28.36 7.28
C VAL C 284 -6.22 29.37 7.89
N PHE C 285 -5.57 28.94 8.98
CA PHE C 285 -4.63 29.75 9.75
C PHE C 285 -3.23 29.18 9.53
N TYR C 286 -2.45 29.82 8.68
CA TYR C 286 -1.11 29.31 8.41
C TYR C 286 -0.20 29.59 9.60
N LEU C 287 0.59 28.59 9.95
CA LEU C 287 1.57 28.71 11.03
C LEU C 287 2.75 29.54 10.57
N GLU C 288 3.34 30.27 11.52
CA GLU C 288 4.51 31.08 11.21
C GLU C 288 5.65 30.22 10.72
N ASN C 289 5.85 29.07 11.37
CA ASN C 289 6.83 28.07 11.01
C ASN C 289 6.13 26.70 11.04
N ASP C 290 6.48 25.84 10.10
CA ASP C 290 5.88 24.50 10.06
C ASP C 290 6.07 23.77 11.38
N LEU C 291 4.98 23.16 11.87
CA LEU C 291 5.01 22.37 13.10
C LEU C 291 5.43 20.96 12.77
N PRO C 292 6.58 20.48 13.23
CA PRO C 292 6.96 19.06 13.04
C PRO C 292 6.15 18.17 13.96
N LEU C 293 5.35 17.29 13.35
CA LEU C 293 4.46 16.41 14.10
C LEU C 293 4.89 14.96 13.94
N LYS C 294 4.73 14.20 15.01
CA LYS C 294 4.88 12.76 15.05
C LYS C 294 3.54 12.18 15.52
N PRO C 295 3.25 10.92 15.21
CA PRO C 295 1.98 10.34 15.65
C PRO C 295 1.83 10.37 17.17
N ASN C 296 0.63 10.75 17.62
CA ASN C 296 0.18 10.85 19.04
C ASN C 296 0.72 12.09 19.76
N ASP C 297 1.41 12.99 19.06
CA ASP C 297 1.72 14.30 19.62
C ASP C 297 0.44 15.04 19.96
N VAL C 298 0.42 15.64 21.16
CA VAL C 298 -0.75 16.34 21.67
C VAL C 298 -0.53 17.85 21.56
N ILE C 299 -1.46 18.53 20.89
CA ILE C 299 -1.48 19.98 20.74
C ILE C 299 -2.62 20.51 21.61
N LYS C 300 -2.28 21.13 22.74
CA LYS C 300 -3.27 21.76 23.62
C LYS C 300 -3.01 23.25 23.67
N GLY C 301 -4.08 24.03 23.52
CA GLY C 301 -3.91 25.47 23.41
C GLY C 301 -5.17 26.28 23.62
N THR C 302 -5.01 27.59 23.51
CA THR C 302 -6.08 28.57 23.65
C THR C 302 -6.16 29.45 22.41
N ILE C 303 -7.38 29.80 22.04
CA ILE C 303 -7.66 30.75 20.97
C ILE C 303 -8.41 31.92 21.59
N THR C 304 -7.90 33.14 21.40
CA THR C 304 -8.56 34.33 21.88
C THR C 304 -9.05 35.14 20.68
N ILE C 305 -10.28 35.62 20.76
CA ILE C 305 -10.95 36.32 19.67
C ILE C 305 -11.49 37.64 20.20
N SER C 306 -11.25 38.72 19.46
CA SER C 306 -11.78 40.03 19.84
C SER C 306 -11.84 40.93 18.61
N GLN C 307 -12.69 41.94 18.67
CA GLN C 307 -12.75 42.94 17.61
C GLN C 307 -11.51 43.84 17.66
N ASN C 308 -10.98 44.18 16.48
CA ASN C 308 -9.81 45.04 16.42
C ASN C 308 -10.15 46.43 16.91
N LYS C 309 -9.24 47.01 17.72
CA LYS C 309 -9.50 48.31 18.30
C LYS C 309 -9.44 49.41 17.25
N SER C 310 -8.54 49.29 16.28
CA SER C 310 -8.44 50.32 15.24
C SER C 310 -9.64 50.27 14.31
N ASN C 311 -10.01 49.07 13.84
CA ASN C 311 -11.15 48.88 12.97
C ASN C 311 -12.06 47.82 13.57
N HIS C 312 -13.21 48.23 14.10
CA HIS C 312 -14.09 47.29 14.78
C HIS C 312 -14.66 46.22 13.86
N ARG C 313 -14.61 46.45 12.54
CA ARG C 313 -15.07 45.44 11.60
C ARG C 313 -14.04 44.35 11.35
N ASP C 314 -12.79 44.54 11.79
CA ASP C 314 -11.73 43.54 11.70
C ASP C 314 -11.70 42.72 12.98
N LEU C 315 -11.21 41.49 12.87
CA LEU C 315 -11.14 40.58 14.01
C LEU C 315 -9.74 40.05 14.27
N ASP C 316 -9.26 40.32 15.48
CA ASP C 316 -7.98 39.87 16.00
C ASP C 316 -8.17 38.49 16.60
N ILE C 317 -7.36 37.54 16.14
CA ILE C 317 -7.35 36.16 16.61
C ILE C 317 -5.93 35.84 17.06
N SER C 318 -5.77 35.53 18.34
CA SER C 318 -4.47 35.14 18.87
C SER C 318 -4.53 33.69 19.33
N MET C 319 -3.46 32.94 19.08
CA MET C 319 -3.38 31.54 19.42
C MET C 319 -2.15 31.29 20.29
N LYS C 320 -2.31 30.37 21.24
CA LYS C 320 -1.22 29.92 22.10
C LYS C 320 -1.40 28.42 22.27
N TYR C 321 -0.35 27.64 22.03
CA TYR C 321 -0.46 26.20 22.17
C TYR C 321 0.91 25.59 22.44
N THR C 322 0.89 24.36 22.95
CA THR C 322 2.12 23.58 23.15
C THR C 322 1.96 22.22 22.49
N VAL C 323 3.10 21.59 22.25
CA VAL C 323 3.15 20.24 21.70
C VAL C 323 3.74 19.35 22.79
N ASN C 324 2.95 18.38 23.26
CA ASN C 324 3.35 17.51 24.37
C ASN C 324 3.81 18.30 25.59
N GLY C 325 3.22 19.47 25.81
CA GLY C 325 3.54 20.28 26.97
C GLY C 325 4.86 21.03 26.93
N GLY C 326 5.49 21.17 25.76
CA GLY C 326 6.73 21.93 25.63
C GLY C 326 6.52 23.42 25.70
N ALA C 327 7.50 24.20 25.23
CA ALA C 327 7.39 25.66 25.27
C ALA C 327 6.18 26.15 24.49
N VAL C 328 5.65 27.29 24.93
CA VAL C 328 4.45 27.86 24.32
C VAL C 328 4.78 28.50 22.98
N ILE C 329 4.06 28.10 21.95
CA ILE C 329 4.13 28.71 20.64
C ILE C 329 2.95 29.67 20.47
N SER C 330 3.18 30.75 19.72
CA SER C 330 2.18 31.78 19.50
C SER C 330 1.82 31.92 18.02
N GLN C 331 0.62 32.41 17.78
CA GLN C 331 0.20 32.80 16.44
C GLN C 331 -0.74 33.99 16.56
N ASP C 332 -0.54 34.99 15.70
CA ASP C 332 -1.39 36.17 15.67
C ASP C 332 -1.92 36.39 14.27
N TYR C 333 -3.21 36.70 14.20
CA TYR C 333 -3.88 36.93 12.93
C TYR C 333 -4.77 38.15 13.07
N ILE C 334 -5.01 38.83 11.96
CA ILE C 334 -6.04 39.85 11.90
C ILE C 334 -6.86 39.57 10.64
N MET C 335 -8.14 39.25 10.84
CA MET C 335 -9.06 39.06 9.72
C MET C 335 -9.60 40.42 9.32
N ARG C 336 -9.20 40.89 8.13
CA ARG C 336 -9.70 42.15 7.60
C ARG C 336 -10.15 42.00 6.14
N HIS D 26 11.36 -61.56 20.15
CA HIS D 26 12.68 -62.09 20.46
C HIS D 26 13.77 -61.02 20.26
N GLU D 27 14.87 -61.43 19.63
CA GLU D 27 15.90 -60.48 19.21
C GLU D 27 15.48 -59.68 17.99
N GLU D 28 14.42 -60.10 17.30
CA GLU D 28 13.96 -59.46 16.07
C GLU D 28 13.41 -58.06 16.27
N MET D 29 13.16 -57.63 17.50
CA MET D 29 12.50 -56.36 17.77
C MET D 29 13.45 -55.28 18.29
N LEU D 30 14.76 -55.49 18.20
CA LEU D 30 15.71 -54.49 18.67
C LEU D 30 15.75 -53.31 17.71
N LYS D 31 15.54 -52.10 18.24
CA LYS D 31 15.70 -50.88 17.47
C LYS D 31 16.83 -50.08 18.08
N ASP D 32 17.86 -49.82 17.28
CA ASP D 32 19.06 -49.06 17.63
C ASP D 32 19.27 -48.04 16.51
N GLY D 33 18.71 -46.83 16.70
CA GLY D 33 18.78 -45.83 15.65
C GLY D 33 20.19 -45.42 15.30
N ILE D 34 21.05 -45.24 16.30
CA ILE D 34 22.42 -44.80 16.05
C ILE D 34 23.14 -45.79 15.16
N ARG D 35 22.95 -47.09 15.41
CA ARG D 35 23.60 -48.10 14.60
C ARG D 35 23.04 -48.10 13.18
N THR D 36 21.72 -48.26 13.05
CA THR D 36 21.12 -48.40 11.74
C THR D 36 21.34 -47.17 10.87
N ASN D 37 21.25 -45.97 11.46
CA ASN D 37 21.47 -44.75 10.69
C ASN D 37 22.89 -44.68 10.11
N ALA D 38 23.88 -45.21 10.83
CA ALA D 38 25.24 -45.22 10.30
C ALA D 38 25.35 -46.15 9.09
N TYR D 39 24.81 -47.36 9.21
CA TYR D 39 24.77 -48.26 8.06
C TYR D 39 23.94 -47.68 6.92
N LYS D 40 22.80 -47.05 7.23
CA LYS D 40 21.97 -46.48 6.18
C LYS D 40 22.70 -45.38 5.43
N ASN D 41 23.38 -44.49 6.15
CA ASN D 41 24.13 -43.43 5.48
C ASN D 41 25.31 -44.01 4.70
N ALA D 42 25.99 -45.02 5.28
CA ALA D 42 27.12 -45.61 4.58
C ALA D 42 26.71 -46.25 3.27
N ILE D 43 25.50 -46.80 3.21
CA ILE D 43 25.06 -47.49 2.01
C ILE D 43 24.38 -46.55 1.04
N LEU D 44 23.31 -45.87 1.49
CA LEU D 44 22.50 -45.09 0.55
C LEU D 44 23.16 -43.76 0.16
N GLN D 45 24.12 -43.27 0.93
CA GLN D 45 24.84 -42.09 0.46
C GLN D 45 25.98 -42.45 -0.50
N ASN D 46 26.11 -43.73 -0.86
CA ASN D 46 27.18 -44.18 -1.75
C ASN D 46 26.65 -45.18 -2.77
N LYS D 47 25.50 -44.86 -3.37
CA LYS D 47 24.85 -45.82 -4.27
C LYS D 47 25.74 -46.19 -5.45
N HIS D 48 26.63 -45.28 -5.89
CA HIS D 48 27.50 -45.64 -7.00
C HIS D 48 28.45 -46.78 -6.66
N LEU D 49 28.60 -47.09 -5.36
CA LEU D 49 29.46 -48.20 -4.94
C LEU D 49 28.74 -49.54 -5.01
N PHE D 50 27.43 -49.56 -4.76
CA PHE D 50 26.66 -50.80 -4.74
C PHE D 50 26.03 -51.15 -6.09
N LYS D 51 25.86 -50.17 -6.98
CA LYS D 51 25.13 -50.38 -8.24
C LYS D 51 25.68 -51.56 -9.03
N ASP D 52 24.83 -52.56 -9.26
CA ASP D 52 25.13 -53.79 -9.99
C ASP D 52 26.30 -54.58 -9.42
N LYS D 53 26.69 -54.33 -8.17
CA LYS D 53 27.68 -55.16 -7.50
C LYS D 53 26.97 -56.30 -6.77
N VAL D 54 27.76 -57.24 -6.24
CA VAL D 54 27.24 -58.37 -5.46
C VAL D 54 27.68 -58.21 -4.02
N VAL D 55 26.71 -58.17 -3.11
CA VAL D 55 26.93 -57.87 -1.70
C VAL D 55 26.65 -59.13 -0.88
N LEU D 56 27.49 -59.37 0.12
CA LEU D 56 27.28 -60.44 1.09
C LEU D 56 27.10 -59.81 2.46
N ASP D 57 26.02 -60.16 3.15
CA ASP D 57 25.67 -59.60 4.45
C ASP D 57 25.72 -60.74 5.47
N ILE D 58 26.70 -60.70 6.36
CA ILE D 58 26.89 -61.75 7.37
C ILE D 58 26.15 -61.37 8.63
N GLY D 59 25.23 -62.22 9.06
CA GLY D 59 24.40 -61.92 10.21
C GLY D 59 23.35 -60.89 9.85
N CYS D 60 22.54 -61.19 8.84
CA CYS D 60 21.61 -60.19 8.30
C CYS D 60 20.45 -59.90 9.23
N GLY D 61 20.16 -60.78 10.18
CA GLY D 61 19.05 -60.51 11.09
C GLY D 61 17.73 -60.43 10.35
N THR D 62 16.97 -59.37 10.64
CA THR D 62 15.69 -59.14 9.98
C THR D 62 15.82 -58.69 8.53
N GLY D 63 17.02 -58.29 8.09
CA GLY D 63 17.28 -58.00 6.70
C GLY D 63 17.38 -56.53 6.31
N ILE D 64 17.44 -55.62 7.30
CA ILE D 64 17.42 -54.19 7.01
C ILE D 64 18.65 -53.78 6.18
N LEU D 65 19.81 -54.36 6.46
CA LEU D 65 21.01 -53.98 5.72
C LEU D 65 20.95 -54.52 4.29
N CYS D 66 20.43 -55.73 4.12
CA CYS D 66 20.18 -56.27 2.78
C CYS D 66 19.24 -55.36 2.00
N LEU D 67 18.18 -54.87 2.65
CA LEU D 67 17.24 -53.98 1.98
C LEU D 67 17.90 -52.67 1.58
N PHE D 68 18.73 -52.11 2.45
CA PHE D 68 19.47 -50.90 2.09
C PHE D 68 20.30 -51.15 0.84
N ALA D 69 21.05 -52.25 0.84
CA ALA D 69 21.95 -52.56 -0.25
C ALA D 69 21.19 -52.78 -1.56
N ALA D 70 20.05 -53.47 -1.49
CA ALA D 70 19.23 -53.65 -2.69
C ALA D 70 18.67 -52.31 -3.18
N LYS D 71 18.21 -51.46 -2.25
CA LYS D 71 17.72 -50.14 -2.64
C LYS D 71 18.84 -49.28 -3.20
N ALA D 72 20.09 -49.51 -2.75
CA ALA D 72 21.24 -48.82 -3.29
C ALA D 72 21.61 -49.30 -4.69
N GLY D 73 21.00 -50.37 -5.18
CA GLY D 73 21.22 -50.84 -6.52
C GLY D 73 22.04 -52.10 -6.68
N ALA D 74 22.29 -52.86 -5.62
CA ALA D 74 23.05 -54.10 -5.76
C ALA D 74 22.39 -55.02 -6.79
N LYS D 75 23.22 -55.78 -7.51
CA LYS D 75 22.68 -56.79 -8.40
C LYS D 75 22.13 -57.97 -7.61
N ARG D 76 22.96 -58.56 -6.75
CA ARG D 76 22.53 -59.62 -5.85
C ARG D 76 23.03 -59.31 -4.45
N VAL D 77 22.22 -59.71 -3.45
CA VAL D 77 22.58 -59.60 -2.04
C VAL D 77 22.33 -60.95 -1.39
N ILE D 78 23.36 -61.52 -0.79
CA ILE D 78 23.24 -62.80 -0.10
C ILE D 78 23.38 -62.57 1.41
N GLY D 79 22.35 -62.98 2.16
CA GLY D 79 22.34 -62.85 3.61
C GLY D 79 22.44 -64.21 4.28
N ILE D 80 23.23 -64.28 5.35
CA ILE D 80 23.45 -65.52 6.07
CA ILE D 80 23.48 -65.52 6.07
C ILE D 80 23.23 -65.27 7.56
N ASP D 81 22.51 -66.18 8.20
CA ASP D 81 22.22 -66.06 9.63
C ASP D 81 21.63 -67.39 10.11
N MET D 82 21.32 -67.43 11.42
CA MET D 82 20.65 -68.59 12.00
C MET D 82 19.26 -68.75 11.41
N SER D 83 18.74 -69.99 11.45
CA SER D 83 17.57 -70.35 10.66
C SER D 83 16.30 -69.62 11.13
N ASP D 84 16.15 -69.37 12.43
CA ASP D 84 14.89 -68.79 12.90
C ASP D 84 14.74 -67.35 12.43
N ILE D 85 15.85 -66.60 12.40
CA ILE D 85 15.78 -65.22 11.96
C ILE D 85 15.63 -65.15 10.44
N ILE D 86 16.16 -66.14 9.73
CA ILE D 86 16.08 -66.14 8.27
C ILE D 86 14.64 -66.37 7.81
N ASP D 87 13.86 -67.16 8.55
CA ASP D 87 12.47 -67.35 8.21
C ASP D 87 11.70 -66.02 8.26
N LYS D 88 11.94 -65.22 9.31
CA LYS D 88 11.25 -63.93 9.40
C LYS D 88 11.79 -62.96 8.37
N ALA D 89 13.13 -62.88 8.23
CA ALA D 89 13.75 -62.00 7.25
C ALA D 89 13.32 -62.35 5.84
N ARG D 90 13.18 -63.65 5.55
CA ARG D 90 12.71 -64.06 4.23
C ARG D 90 11.33 -63.49 3.96
N GLN D 91 10.47 -63.50 4.98
CA GLN D 91 9.13 -62.95 4.82
C GLN D 91 9.18 -61.43 4.65
N ILE D 92 10.05 -60.76 5.41
CA ILE D 92 10.17 -59.31 5.31
C ILE D 92 10.67 -58.89 3.94
N VAL D 93 11.69 -59.59 3.42
CA VAL D 93 12.22 -59.26 2.10
C VAL D 93 11.14 -59.46 1.03
N SER D 94 10.35 -60.52 1.16
CA SER D 94 9.29 -60.78 0.19
C SER D 94 8.19 -59.72 0.30
N ASP D 95 7.83 -59.34 1.52
CA ASP D 95 6.85 -58.27 1.71
C ASP D 95 7.28 -56.96 1.07
N ASN D 96 8.59 -56.79 0.83
CA ASN D 96 9.10 -55.57 0.23
C ASN D 96 9.47 -55.74 -1.24
N GLY D 97 9.22 -56.89 -1.83
CA GLY D 97 9.42 -57.05 -3.26
C GLY D 97 10.87 -57.14 -3.70
N TYR D 98 11.75 -57.67 -2.86
CA TYR D 98 13.16 -57.75 -3.17
C TYR D 98 13.69 -59.18 -3.13
N SER D 99 12.80 -60.17 -3.17
CA SER D 99 13.21 -61.57 -3.14
C SER D 99 14.11 -61.93 -4.31
N HIS D 100 13.95 -61.25 -5.44
CA HIS D 100 14.80 -61.50 -6.61
C HIS D 100 16.21 -60.98 -6.40
N VAL D 101 16.39 -59.96 -5.56
CA VAL D 101 17.69 -59.36 -5.34
C VAL D 101 18.37 -59.93 -4.11
N ILE D 102 17.59 -60.18 -3.05
CA ILE D 102 18.11 -60.61 -1.77
C ILE D 102 17.85 -62.10 -1.64
N GLU D 103 18.91 -62.87 -1.41
CA GLU D 103 18.82 -64.31 -1.15
C GLU D 103 19.39 -64.58 0.23
N LEU D 104 18.65 -65.34 1.04
CA LEU D 104 18.99 -65.56 2.44
C LEU D 104 19.21 -67.04 2.70
N ILE D 105 20.36 -67.38 3.27
CA ILE D 105 20.70 -68.77 3.54
C ILE D 105 20.82 -68.96 5.04
N LYS D 106 20.36 -70.12 5.51
CA LYS D 106 20.47 -70.48 6.91
C LYS D 106 21.78 -71.23 7.11
N GLY D 107 22.47 -70.93 8.20
CA GLY D 107 23.65 -71.66 8.58
C GLY D 107 24.82 -70.75 8.83
N LYS D 108 25.96 -71.37 9.12
CA LYS D 108 27.22 -70.67 9.36
C LYS D 108 28.04 -70.61 8.07
N VAL D 109 28.90 -69.59 7.97
CA VAL D 109 29.74 -69.44 6.79
C VAL D 109 30.64 -70.66 6.62
N GLU D 110 31.15 -71.20 7.74
CA GLU D 110 32.01 -72.37 7.69
C GLU D 110 31.32 -73.59 7.09
N ASP D 111 29.99 -73.57 6.97
CA ASP D 111 29.22 -74.69 6.46
C ASP D 111 28.66 -74.47 5.05
N ILE D 112 28.90 -73.32 4.44
CA ILE D 112 28.43 -73.02 3.09
C ILE D 112 29.56 -73.35 2.13
N ALA D 113 29.45 -74.50 1.46
CA ALA D 113 30.50 -74.95 0.54
C ALA D 113 30.65 -73.96 -0.61
N GLN D 114 29.57 -73.68 -1.33
CA GLN D 114 29.59 -72.74 -2.44
C GLN D 114 28.43 -71.76 -2.26
N LEU D 115 28.74 -70.45 -2.33
CA LEU D 115 27.76 -69.39 -2.49
C LEU D 115 26.74 -69.73 -3.57
N PRO D 116 25.52 -69.19 -3.51
CA PRO D 116 24.52 -69.50 -4.53
C PRO D 116 24.83 -68.81 -5.85
N PHE D 117 24.19 -69.29 -6.91
CA PHE D 117 24.29 -68.75 -8.27
C PHE D 117 25.73 -68.77 -8.81
N GLY D 118 26.52 -69.75 -8.36
CA GLY D 118 27.89 -69.88 -8.82
C GLY D 118 28.77 -68.67 -8.58
N ILE D 119 28.48 -67.84 -7.58
CA ILE D 119 29.28 -66.66 -7.33
C ILE D 119 30.60 -67.06 -6.70
N GLU D 120 31.70 -66.65 -7.33
CA GLU D 120 33.02 -66.98 -6.82
C GLU D 120 33.57 -65.90 -5.88
N LYS D 121 33.40 -64.62 -6.22
CA LYS D 121 33.94 -63.51 -5.46
C LYS D 121 32.88 -62.42 -5.31
N VAL D 122 32.86 -61.78 -4.13
CA VAL D 122 31.90 -60.72 -3.84
C VAL D 122 32.61 -59.37 -3.81
N ASP D 123 31.85 -58.30 -4.06
CA ASP D 123 32.35 -56.94 -4.12
C ASP D 123 32.38 -56.25 -2.75
N ILE D 124 31.33 -56.40 -1.96
CA ILE D 124 31.22 -55.73 -0.67
C ILE D 124 30.68 -56.71 0.34
N ILE D 125 31.28 -56.72 1.54
CA ILE D 125 30.81 -57.53 2.66
C ILE D 125 30.26 -56.58 3.72
N ILE D 126 28.97 -56.68 3.96
CA ILE D 126 28.32 -56.00 5.08
C ILE D 126 28.31 -56.96 6.26
N SER D 127 28.60 -56.44 7.45
CA SER D 127 28.47 -57.25 8.65
C SER D 127 28.20 -56.36 9.84
N GLU D 128 27.63 -56.98 10.87
CA GLU D 128 27.48 -56.34 12.16
C GLU D 128 28.22 -57.23 13.14
N TRP D 129 29.54 -57.30 12.96
CA TRP D 129 30.32 -58.31 13.66
C TRP D 129 30.60 -57.93 15.11
N MET D 130 30.52 -56.64 15.44
CA MET D 130 30.88 -56.17 16.77
C MET D 130 29.99 -56.80 17.83
N GLY D 131 30.62 -57.41 18.83
CA GLY D 131 29.91 -57.88 20.01
C GLY D 131 30.06 -56.91 21.17
N TYR D 132 29.57 -57.33 22.33
CA TYR D 132 29.80 -56.56 23.54
C TYR D 132 31.29 -56.49 23.81
N PHE D 133 31.76 -55.32 24.26
CA PHE D 133 33.18 -55.11 24.49
C PHE D 133 33.97 -55.42 23.21
N LEU D 134 33.30 -55.21 22.06
CA LEU D 134 33.79 -55.48 20.72
C LEU D 134 33.94 -56.98 20.43
N LEU D 135 34.58 -57.72 21.33
CA LEU D 135 35.05 -59.06 21.04
C LEU D 135 34.28 -60.20 21.72
N TYR D 136 33.39 -59.91 22.67
CA TYR D 136 32.65 -60.98 23.31
C TYR D 136 31.55 -61.50 22.38
N GLU D 137 31.58 -62.81 22.10
CA GLU D 137 30.64 -63.48 21.20
C GLU D 137 30.48 -62.70 19.90
N SER D 138 31.60 -62.18 19.37
CA SER D 138 31.56 -61.43 18.13
C SER D 138 31.56 -62.40 16.94
N MET D 139 31.47 -61.85 15.74
CA MET D 139 31.54 -62.64 14.51
C MET D 139 32.81 -62.35 13.72
N LEU D 140 33.88 -61.97 14.42
CA LEU D 140 35.13 -61.58 13.77
C LEU D 140 35.72 -62.71 12.95
N GLN D 141 35.84 -63.90 13.56
CA GLN D 141 36.39 -65.03 12.83
C GLN D 141 35.57 -65.34 11.59
N THR D 142 34.24 -65.30 11.69
CA THR D 142 33.39 -65.60 10.54
C THR D 142 33.58 -64.58 9.41
N VAL D 143 33.61 -63.29 9.76
CA VAL D 143 33.79 -62.27 8.73
C VAL D 143 35.16 -62.42 8.07
N LEU D 144 36.21 -62.61 8.88
CA LEU D 144 37.55 -62.79 8.33
C LEU D 144 37.62 -64.01 7.44
N SER D 145 36.98 -65.10 7.85
CA SER D 145 36.95 -66.31 7.02
C SER D 145 36.16 -66.07 5.74
N ALA D 146 35.02 -65.37 5.84
CA ALA D 146 34.26 -65.03 4.64
C ALA D 146 35.02 -64.06 3.76
N ARG D 147 35.75 -63.12 4.37
CA ARG D 147 36.59 -62.21 3.60
C ARG D 147 37.64 -62.97 2.81
N ASP D 148 38.39 -63.84 3.49
CA ASP D 148 39.46 -64.59 2.82
C ASP D 148 38.92 -65.44 1.69
N ARG D 149 37.70 -65.99 1.83
CA ARG D 149 37.16 -66.88 0.82
C ARG D 149 36.60 -66.12 -0.38
N TRP D 150 35.88 -65.02 -0.14
CA TRP D 150 35.00 -64.46 -1.15
C TRP D 150 35.24 -63.00 -1.49
N LEU D 151 35.90 -62.23 -0.65
CA LEU D 151 36.08 -60.82 -0.96
C LEU D 151 37.01 -60.64 -2.16
N ARG D 152 36.50 -59.94 -3.17
CA ARG D 152 37.28 -59.51 -4.32
C ARG D 152 38.51 -58.72 -3.87
N PRO D 153 39.59 -58.76 -4.64
CA PRO D 153 40.71 -57.84 -4.37
C PRO D 153 40.25 -56.39 -4.36
N GLY D 154 40.76 -55.63 -3.40
CA GLY D 154 40.31 -54.28 -3.19
C GLY D 154 38.87 -54.15 -2.73
N GLY D 155 38.21 -55.24 -2.39
CA GLY D 155 36.82 -55.19 -2.01
C GLY D 155 36.58 -54.39 -0.75
N TYR D 156 35.31 -54.07 -0.53
CA TYR D 156 34.93 -53.22 0.59
C TYR D 156 34.32 -54.06 1.71
N LEU D 157 34.67 -53.71 2.94
CA LEU D 157 34.03 -54.24 4.14
C LEU D 157 33.34 -53.09 4.85
N PHE D 158 32.04 -53.24 5.09
CA PHE D 158 31.17 -52.24 5.70
C PHE D 158 30.70 -52.79 7.03
N PRO D 159 31.27 -52.37 8.17
CA PRO D 159 32.41 -51.47 8.36
C PRO D 159 33.72 -52.24 8.36
N ASP D 160 34.85 -51.54 8.47
CA ASP D 160 36.14 -52.22 8.42
C ASP D 160 37.10 -51.85 9.54
N LYS D 161 36.82 -50.80 10.33
CA LYS D 161 37.71 -50.41 11.43
C LYS D 161 36.89 -50.17 12.68
N CYS D 162 37.37 -50.70 13.79
CA CYS D 162 36.83 -50.39 15.09
C CYS D 162 37.99 -50.07 16.03
N THR D 163 37.79 -49.06 16.87
CA THR D 163 38.80 -48.58 17.80
C THR D 163 38.22 -48.61 19.20
N MET D 164 38.96 -49.17 20.16
CA MET D 164 38.48 -49.29 21.53
C MET D 164 39.11 -48.22 22.40
N TYR D 165 38.33 -47.73 23.36
CA TYR D 165 38.78 -46.74 24.32
C TYR D 165 38.54 -47.26 25.74
N ILE D 166 39.38 -46.80 26.67
CA ILE D 166 39.23 -47.18 28.06
C ILE D 166 39.62 -45.99 28.93
N CYS D 167 38.90 -45.82 30.04
CA CYS D 167 39.19 -44.74 30.98
C CYS D 167 38.66 -45.15 32.34
N GLY D 168 38.99 -44.34 33.35
CA GLY D 168 38.60 -44.63 34.72
C GLY D 168 37.37 -43.83 35.13
N ILE D 169 36.49 -44.46 35.91
CA ILE D 169 35.29 -43.81 36.40
C ILE D 169 35.18 -43.91 37.91
N GLU D 170 34.41 -42.97 38.46
CA GLU D 170 33.88 -43.03 39.80
C GLU D 170 32.50 -43.67 39.72
N ASP D 171 32.27 -44.72 40.51
CA ASP D 171 31.01 -45.47 40.46
C ASP D 171 30.68 -46.05 41.83
N SER D 172 30.97 -45.31 42.90
CA SER D 172 30.90 -45.89 44.25
C SER D 172 29.46 -46.15 44.69
N GLU D 173 28.52 -45.30 44.27
CA GLU D 173 27.12 -45.55 44.65
C GLU D 173 26.65 -46.89 44.11
N TYR D 174 26.97 -47.18 42.86
CA TYR D 174 26.60 -48.46 42.31
C TYR D 174 27.36 -49.59 42.98
N LYS D 175 28.66 -49.41 43.23
CA LYS D 175 29.44 -50.47 43.87
C LYS D 175 28.91 -50.77 45.27
N ARG D 176 28.67 -49.72 46.08
CA ARG D 176 28.15 -49.95 47.42
C ARG D 176 26.81 -50.66 47.35
N ASP D 177 25.95 -50.25 46.42
CA ASP D 177 24.58 -50.75 46.39
C ASP D 177 24.46 -52.15 45.79
N LYS D 178 25.35 -52.54 44.86
CA LYS D 178 25.18 -53.77 44.10
C LYS D 178 26.33 -54.76 44.24
N ILE D 179 27.47 -54.35 44.79
CA ILE D 179 28.57 -55.30 44.97
C ILE D 179 28.88 -55.49 46.44
N ASP D 180 29.15 -54.41 47.18
CA ASP D 180 29.32 -54.52 48.62
C ASP D 180 28.06 -55.03 49.31
N PHE D 181 26.89 -54.87 48.67
CA PHE D 181 25.65 -55.34 49.26
C PHE D 181 25.73 -56.80 49.66
N TRP D 182 26.45 -57.62 48.89
CA TRP D 182 26.49 -59.06 49.12
C TRP D 182 27.28 -59.47 50.36
N ASP D 183 28.02 -58.54 50.99
CA ASP D 183 28.71 -58.87 52.23
C ASP D 183 27.75 -59.08 53.39
N ASN D 184 26.61 -58.39 53.40
CA ASN D 184 25.62 -58.50 54.48
C ASN D 184 24.23 -58.44 53.85
N VAL D 185 23.70 -59.60 53.53
CA VAL D 185 22.36 -59.75 52.98
C VAL D 185 21.47 -60.22 54.14
N TYR D 186 20.79 -59.27 54.78
CA TYR D 186 19.96 -59.55 55.96
C TYR D 186 20.73 -60.28 57.05
N GLY D 187 22.00 -59.91 57.25
CA GLY D 187 22.82 -60.51 58.28
C GLY D 187 23.63 -61.71 57.84
N PHE D 188 23.35 -62.24 56.66
CA PHE D 188 23.99 -63.44 56.14
C PHE D 188 25.13 -63.06 55.21
N ASN D 189 26.10 -63.96 55.09
CA ASN D 189 27.28 -63.71 54.26
C ASN D 189 27.07 -64.27 52.86
N PHE D 190 26.82 -63.39 51.89
CA PHE D 190 26.76 -63.78 50.48
C PHE D 190 28.01 -63.30 49.74
N SER D 191 29.14 -63.23 50.43
CA SER D 191 30.39 -62.77 49.82
C SER D 191 30.76 -63.57 48.57
N ALA D 192 30.45 -64.87 48.54
CA ALA D 192 30.70 -65.66 47.33
C ALA D 192 30.02 -65.06 46.11
N ILE D 193 28.93 -64.32 46.31
CA ILE D 193 28.32 -63.64 45.17
C ILE D 193 29.15 -62.43 44.81
N LYS D 194 29.72 -61.75 45.81
CA LYS D 194 30.53 -60.57 45.56
C LYS D 194 31.73 -60.90 44.67
N ALA D 195 32.37 -62.04 44.95
CA ALA D 195 33.49 -62.47 44.11
C ALA D 195 33.07 -62.60 42.65
N ASP D 196 31.86 -63.13 42.41
CA ASP D 196 31.42 -63.31 41.04
C ASP D 196 31.10 -61.99 40.37
N ALA D 197 30.53 -61.04 41.13
CA ALA D 197 30.23 -59.72 40.57
C ALA D 197 31.50 -59.00 40.11
N LEU D 198 32.59 -59.13 40.87
CA LEU D 198 33.82 -58.44 40.48
C LEU D 198 34.42 -59.08 39.22
N ARG D 199 34.41 -60.41 39.14
CA ARG D 199 35.02 -61.12 38.04
C ARG D 199 34.23 -60.96 36.74
N GLU D 200 32.97 -60.53 36.81
CA GLU D 200 32.13 -60.44 35.63
C GLU D 200 32.05 -59.01 35.14
N PRO D 201 32.55 -58.68 33.95
CA PRO D 201 32.34 -57.33 33.42
C PRO D 201 30.86 -57.07 33.24
N LEU D 202 30.46 -55.82 33.48
CA LEU D 202 29.06 -55.41 33.42
C LEU D 202 28.80 -54.65 32.12
N VAL D 203 27.84 -55.14 31.33
CA VAL D 203 27.43 -54.46 30.10
C VAL D 203 26.30 -53.50 30.47
N ASP D 204 26.62 -52.20 30.54
CA ASP D 204 25.66 -51.23 31.04
C ASP D 204 26.12 -49.84 30.65
N PHE D 205 25.22 -48.86 30.80
CA PHE D 205 25.52 -47.47 30.51
C PHE D 205 26.15 -46.78 31.71
N VAL D 206 27.14 -45.93 31.45
CA VAL D 206 27.67 -45.05 32.48
C VAL D 206 27.49 -43.64 31.96
N GLU D 207 27.34 -42.70 32.89
CA GLU D 207 27.23 -41.31 32.51
C GLU D 207 28.62 -40.75 32.28
N SER D 208 28.77 -39.94 31.23
CA SER D 208 30.10 -39.43 30.88
C SER D 208 30.69 -38.62 32.02
N GLN D 209 29.83 -37.99 32.84
CA GLN D 209 30.22 -37.21 34.00
C GLN D 209 30.84 -38.06 35.11
N GLN D 210 30.81 -39.39 34.99
CA GLN D 210 31.50 -40.25 35.94
C GLN D 210 32.96 -40.46 35.57
N ILE D 211 33.39 -40.05 34.37
CA ILE D 211 34.76 -40.30 33.94
C ILE D 211 35.69 -39.35 34.66
N ILE D 212 36.75 -39.90 35.28
CA ILE D 212 37.69 -39.12 36.07
C ILE D 212 39.12 -39.21 35.54
N THR D 213 39.32 -39.81 34.37
CA THR D 213 40.64 -39.89 33.73
C THR D 213 40.54 -39.55 32.26
N THR D 214 41.70 -39.31 31.64
CA THR D 214 41.76 -39.17 30.20
C THR D 214 41.35 -40.48 29.54
N GLN D 215 41.14 -40.43 28.22
CA GLN D 215 40.70 -41.61 27.48
C GLN D 215 41.88 -42.16 26.69
N SER D 216 42.06 -43.47 26.77
CA SER D 216 43.17 -44.15 26.13
C SER D 216 42.63 -45.01 25.00
N LYS D 217 43.16 -44.80 23.81
CA LYS D 217 42.97 -45.74 22.72
C LYS D 217 43.88 -46.94 22.98
N PHE D 218 43.31 -48.14 23.02
CA PHE D 218 44.13 -49.28 23.40
C PHE D 218 43.99 -50.46 22.45
N LEU D 219 43.10 -50.39 21.46
CA LEU D 219 43.01 -51.45 20.48
C LEU D 219 42.41 -50.88 19.21
N GLU D 220 42.98 -51.27 18.07
CA GLU D 220 42.46 -50.95 16.75
C GLU D 220 42.33 -52.25 15.97
N ILE D 221 41.19 -52.44 15.32
CA ILE D 221 40.99 -53.65 14.53
C ILE D 221 40.64 -53.23 13.13
N ASP D 222 41.50 -53.58 12.17
CA ASP D 222 41.33 -53.24 10.77
C ASP D 222 40.98 -54.53 10.01
N LEU D 223 39.72 -54.64 9.57
CA LEU D 223 39.28 -55.84 8.88
C LEU D 223 40.02 -56.06 7.56
N ASN D 224 40.62 -55.02 7.00
CA ASN D 224 41.32 -55.21 5.73
C ASN D 224 42.62 -55.99 5.91
N THR D 225 43.28 -55.86 7.06
CA THR D 225 44.61 -56.41 7.25
C THR D 225 44.73 -57.47 8.33
N ILE D 226 43.84 -57.47 9.33
CA ILE D 226 43.98 -58.38 10.46
C ILE D 226 43.87 -59.81 9.96
N GLN D 227 44.58 -60.72 10.63
CA GLN D 227 44.59 -62.11 10.21
C GLN D 227 44.00 -62.97 11.30
N PRO D 228 43.40 -64.12 10.94
CA PRO D 228 42.73 -64.97 11.94
C PRO D 228 43.59 -65.37 13.13
N GLU D 229 44.87 -65.72 12.91
CA GLU D 229 45.73 -66.12 14.02
C GLU D 229 45.97 -64.97 14.99
N ASP D 230 45.91 -63.72 14.53
CA ASP D 230 46.10 -62.58 15.41
C ASP D 230 45.03 -62.48 16.48
N LEU D 231 43.91 -63.18 16.34
CA LEU D 231 42.84 -63.05 17.31
C LEU D 231 42.84 -64.17 18.33
N LYS D 232 43.92 -64.94 18.42
CA LYS D 232 43.93 -66.02 19.39
C LYS D 232 44.30 -65.48 20.77
N GLN D 233 45.25 -64.56 20.82
CA GLN D 233 45.60 -63.85 22.04
C GLN D 233 45.90 -62.41 21.67
N ILE D 234 45.04 -61.50 22.06
CA ILE D 234 45.24 -60.08 21.84
C ILE D 234 45.84 -59.50 23.11
N THR D 235 47.07 -59.00 22.99
CA THR D 235 47.81 -58.35 24.07
C THR D 235 48.07 -56.92 23.61
N THR D 236 47.54 -55.96 24.35
CA THR D 236 47.66 -54.57 23.96
C THR D 236 47.93 -53.74 25.19
N SER D 237 48.16 -52.45 24.99
CA SER D 237 48.56 -51.62 26.10
C SER D 237 47.66 -50.39 26.13
N PHE D 238 47.62 -49.76 27.30
CA PHE D 238 46.79 -48.59 27.48
C PHE D 238 47.47 -47.67 28.48
N GLU D 239 47.10 -46.40 28.42
CA GLU D 239 47.65 -45.42 29.36
C GLU D 239 46.68 -44.24 29.46
N PHE D 240 46.31 -43.88 30.69
CA PHE D 240 45.56 -42.66 30.88
C PHE D 240 46.04 -41.99 32.15
N THR D 241 45.68 -40.71 32.28
CA THR D 241 46.14 -39.86 33.35
C THR D 241 44.94 -39.42 34.17
N SER D 242 45.02 -39.54 35.49
CA SER D 242 43.92 -39.11 36.35
C SER D 242 43.82 -37.59 36.34
N GLN D 243 42.58 -37.09 36.36
CA GLN D 243 42.33 -35.66 36.37
C GLN D 243 41.82 -35.17 37.72
N TYR D 244 41.60 -36.04 38.69
CA TYR D 244 40.97 -35.62 39.94
C TYR D 244 41.61 -36.33 41.12
N GLN D 245 41.39 -35.75 42.30
CA GLN D 245 41.58 -36.49 43.54
C GLN D 245 40.30 -37.27 43.79
N GLU D 246 40.37 -38.59 43.68
CA GLU D 246 39.15 -39.39 43.69
C GLU D 246 39.56 -40.85 43.88
N TYR D 247 38.63 -41.63 44.42
CA TYR D 247 38.75 -43.08 44.39
C TYR D 247 38.13 -43.58 43.09
N CYS D 248 38.82 -44.49 42.42
CA CYS D 248 38.35 -45.09 41.18
C CYS D 248 37.87 -46.51 41.47
N GLN D 249 36.60 -46.78 41.14
CA GLN D 249 36.04 -48.12 41.35
C GLN D 249 36.09 -48.99 40.09
N ALA D 250 36.29 -48.39 38.91
CA ALA D 250 36.13 -49.18 37.69
C ALA D 250 36.80 -48.48 36.52
N PHE D 251 37.11 -49.30 35.51
CA PHE D 251 37.46 -48.82 34.17
C PHE D 251 36.30 -49.10 33.25
N VAL D 252 35.96 -48.14 32.39
CA VAL D 252 34.93 -48.32 31.39
C VAL D 252 35.58 -48.32 30.02
N ALA D 253 35.09 -49.21 29.14
CA ALA D 253 35.59 -49.35 27.79
C ALA D 253 34.43 -49.32 26.81
N TRP D 254 34.71 -48.81 25.61
CA TRP D 254 33.76 -48.80 24.52
C TRP D 254 34.56 -48.78 23.22
N PHE D 255 33.85 -48.87 22.10
CA PHE D 255 34.48 -48.86 20.80
C PHE D 255 33.74 -47.93 19.85
N ASP D 256 34.50 -47.29 18.98
CA ASP D 256 33.98 -46.54 17.85
C ASP D 256 34.16 -47.36 16.58
N CYS D 257 33.29 -47.11 15.62
CA CYS D 257 33.23 -47.93 14.44
C CYS D 257 33.22 -47.04 13.22
N VAL D 258 34.05 -47.36 12.24
CA VAL D 258 34.25 -46.51 11.07
C VAL D 258 34.00 -47.31 9.79
N PHE D 259 33.29 -46.69 8.85
CA PHE D 259 33.21 -47.17 7.47
C PHE D 259 34.26 -46.40 6.67
N SER D 260 35.52 -46.86 6.73
CA SER D 260 36.63 -46.06 6.22
C SER D 260 36.75 -46.15 4.70
N ARG D 261 36.96 -47.36 4.18
CA ARG D 261 37.13 -47.53 2.74
C ARG D 261 35.77 -47.55 2.06
N GLY D 262 35.57 -46.64 1.11
CA GLY D 262 34.36 -46.62 0.32
C GLY D 262 33.65 -45.28 0.26
N PRO D 263 33.12 -44.81 1.39
CA PRO D 263 32.18 -43.67 1.36
C PRO D 263 32.77 -42.40 0.77
N HIS D 264 31.88 -41.56 0.22
CA HIS D 264 32.22 -40.22 -0.22
C HIS D 264 32.73 -39.42 0.99
N LYS D 265 31.82 -39.03 1.89
CA LYS D 265 32.16 -38.45 3.18
C LYS D 265 32.23 -39.55 4.25
N PRO D 266 33.15 -39.43 5.21
CA PRO D 266 33.32 -40.51 6.19
C PRO D 266 32.08 -40.74 7.04
N VAL D 267 31.88 -42.00 7.43
CA VAL D 267 30.73 -42.39 8.23
C VAL D 267 31.23 -43.17 9.44
N GLU D 268 30.85 -42.72 10.63
CA GLU D 268 31.28 -43.40 11.85
C GLU D 268 30.21 -43.32 12.91
N PHE D 269 30.32 -44.18 13.91
CA PHE D 269 29.49 -44.08 15.09
C PHE D 269 30.27 -44.58 16.28
N SER D 270 29.84 -44.14 17.46
CA SER D 270 30.49 -44.46 18.71
C SER D 270 29.51 -45.21 19.60
N THR D 271 30.04 -46.09 20.46
CA THR D 271 29.23 -46.70 21.50
C THR D 271 29.57 -46.16 22.88
N GLY D 272 30.30 -45.03 22.95
CA GLY D 272 30.70 -44.45 24.21
C GLY D 272 29.61 -43.65 24.88
N PRO D 273 29.92 -43.16 26.08
CA PRO D 273 28.91 -42.46 26.89
C PRO D 273 28.74 -40.99 26.58
N PHE D 274 29.54 -40.39 25.71
CA PHE D 274 29.35 -38.98 25.35
C PHE D 274 28.29 -38.81 24.28
N THR D 275 27.86 -39.90 23.65
CA THR D 275 26.90 -39.83 22.56
C THR D 275 25.71 -40.72 22.91
N GLU D 276 24.71 -40.71 22.05
CA GLU D 276 23.47 -41.43 22.30
C GLU D 276 23.76 -42.91 22.55
N GLY D 277 22.93 -43.53 23.38
CA GLY D 277 23.12 -44.94 23.68
C GLY D 277 22.86 -45.81 22.47
N THR D 278 23.57 -46.96 22.44
CA THR D 278 23.34 -48.03 21.48
C THR D 278 23.10 -49.30 22.27
N HIS D 279 22.66 -50.35 21.58
CA HIS D 279 22.43 -51.62 22.26
C HIS D 279 23.72 -52.26 22.76
N TRP D 280 24.89 -51.76 22.33
CA TRP D 280 26.14 -52.25 22.88
C TRP D 280 26.46 -51.63 24.24
N LYS D 281 25.83 -50.50 24.57
CA LYS D 281 26.06 -49.82 25.84
C LYS D 281 27.55 -49.61 26.04
N GLN D 282 28.01 -49.77 27.29
CA GLN D 282 29.44 -49.79 27.61
C GLN D 282 29.74 -51.04 28.40
N THR D 283 31.04 -51.28 28.63
CA THR D 283 31.50 -52.42 29.43
C THR D 283 32.29 -51.91 30.62
N VAL D 284 31.88 -52.32 31.82
CA VAL D 284 32.44 -51.77 33.05
C VAL D 284 33.20 -52.86 33.78
N PHE D 285 34.46 -52.57 34.10
CA PHE D 285 35.36 -53.52 34.74
C PHE D 285 35.61 -53.03 36.16
N TYR D 286 34.93 -53.63 37.13
CA TYR D 286 35.10 -53.20 38.52
C TYR D 286 36.44 -53.67 39.03
N LEU D 287 37.18 -52.76 39.67
CA LEU D 287 38.46 -53.10 40.29
C LEU D 287 38.23 -53.87 41.60
N GLU D 288 39.17 -54.78 41.89
CA GLU D 288 39.07 -55.61 43.09
C GLU D 288 39.06 -54.76 44.35
N ASN D 289 39.85 -53.70 44.37
CA ASN D 289 39.90 -52.72 45.44
C ASN D 289 39.89 -51.34 44.80
N ASP D 290 39.20 -50.39 45.42
CA ASP D 290 39.17 -49.04 44.88
C ASP D 290 40.59 -48.50 44.73
N LEU D 291 40.84 -47.80 43.62
CA LEU D 291 42.14 -47.23 43.34
C LEU D 291 42.16 -45.78 43.79
N PRO D 292 43.02 -45.39 44.73
CA PRO D 292 43.12 -43.97 45.12
C PRO D 292 43.90 -43.19 44.08
N LEU D 293 43.26 -42.20 43.45
CA LEU D 293 43.89 -41.38 42.42
C LEU D 293 44.03 -39.93 42.88
N LYS D 294 45.12 -39.30 42.44
CA LYS D 294 45.38 -37.88 42.58
C LYS D 294 45.53 -37.28 41.18
N PRO D 295 45.32 -35.97 41.02
CA PRO D 295 45.46 -35.37 39.69
C PRO D 295 46.86 -35.61 39.16
N ASN D 296 46.94 -35.97 37.88
CA ASN D 296 48.14 -36.26 37.09
C ASN D 296 48.75 -37.62 37.40
N ASP D 297 48.16 -38.44 38.26
CA ASP D 297 48.61 -39.82 38.38
C ASP D 297 48.49 -40.52 37.04
N VAL D 298 49.55 -41.22 36.63
CA VAL D 298 49.59 -41.89 35.34
C VAL D 298 49.36 -43.37 35.56
N ILE D 299 48.38 -43.93 34.86
CA ILE D 299 47.99 -45.33 34.94
C ILE D 299 48.44 -45.97 33.63
N LYS D 300 49.42 -46.87 33.70
CA LYS D 300 50.02 -47.43 32.49
C LYS D 300 49.98 -48.94 32.59
N GLY D 301 49.52 -49.60 31.54
CA GLY D 301 49.28 -51.04 31.66
C GLY D 301 49.05 -51.75 30.34
N THR D 302 48.82 -53.06 30.46
CA THR D 302 48.52 -53.95 29.36
C THR D 302 47.21 -54.68 29.62
N ILE D 303 46.45 -54.91 28.56
CA ILE D 303 45.20 -55.67 28.61
C ILE D 303 45.37 -56.88 27.70
N THR D 304 45.17 -58.07 28.24
CA THR D 304 45.24 -59.29 27.46
C THR D 304 43.85 -59.92 27.34
N ILE D 305 43.50 -60.31 26.12
CA ILE D 305 42.18 -60.83 25.81
C ILE D 305 42.39 -62.16 25.08
N SER D 306 41.64 -63.18 25.51
CA SER D 306 41.74 -64.50 24.86
C SER D 306 40.46 -65.27 25.13
N GLN D 307 40.23 -66.27 24.30
CA GLN D 307 39.08 -67.15 24.49
C GLN D 307 39.28 -68.03 25.71
N ASN D 308 38.20 -68.20 26.48
CA ASN D 308 38.26 -69.07 27.65
C ASN D 308 38.46 -70.51 27.20
N LYS D 309 39.34 -71.22 27.91
CA LYS D 309 39.69 -72.57 27.49
C LYS D 309 38.58 -73.58 27.79
N SER D 310 37.88 -73.43 28.92
CA SER D 310 36.82 -74.38 29.25
C SER D 310 35.61 -74.20 28.34
N ASN D 311 35.17 -72.95 28.18
CA ASN D 311 34.04 -72.62 27.33
C ASN D 311 34.54 -71.57 26.34
N HIS D 312 34.71 -71.99 25.08
CA HIS D 312 35.29 -71.11 24.07
C HIS D 312 34.43 -69.88 23.79
N ARG D 313 33.15 -69.91 24.17
CA ARG D 313 32.28 -68.76 24.03
C ARG D 313 32.51 -67.70 25.10
N ASP D 314 33.30 -68.00 26.13
CA ASP D 314 33.62 -67.01 27.15
C ASP D 314 34.92 -66.29 26.81
N LEU D 315 35.06 -65.08 27.34
CA LEU D 315 36.16 -64.19 27.03
C LEU D 315 36.97 -63.94 28.29
N ASP D 316 38.25 -64.28 28.26
CA ASP D 316 39.16 -64.00 29.37
C ASP D 316 39.80 -62.64 29.14
N ILE D 317 39.68 -61.76 30.13
CA ILE D 317 40.28 -60.45 30.05
C ILE D 317 41.16 -60.25 31.27
N SER D 318 42.46 -60.08 31.04
CA SER D 318 43.42 -59.87 32.12
C SER D 318 44.03 -58.48 32.00
N MET D 319 44.22 -57.82 33.15
CA MET D 319 44.80 -56.49 33.19
C MET D 319 46.00 -56.48 34.13
N LYS D 320 46.99 -55.68 33.74
CA LYS D 320 48.17 -55.42 34.56
C LYS D 320 48.49 -53.95 34.40
N TYR D 321 48.65 -53.22 35.50
CA TYR D 321 48.97 -51.81 35.36
C TYR D 321 49.71 -51.31 36.59
N THR D 322 50.35 -50.16 36.43
CA THR D 322 51.03 -49.46 37.51
C THR D 322 50.47 -48.04 37.57
N VAL D 323 50.68 -47.42 38.73
CA VAL D 323 50.33 -46.03 38.98
C VAL D 323 51.63 -45.28 39.24
N ASN D 324 51.95 -44.34 38.37
CA ASN D 324 53.20 -43.59 38.47
C ASN D 324 54.41 -44.52 38.58
N GLY D 325 54.34 -45.66 37.90
CA GLY D 325 55.48 -46.56 37.88
C GLY D 325 55.73 -47.36 39.16
N GLY D 326 54.74 -47.42 40.06
CA GLY D 326 54.83 -48.22 41.27
C GLY D 326 54.66 -49.70 40.99
N ALA D 327 54.35 -50.46 42.05
CA ALA D 327 54.20 -51.90 41.92
C ALA D 327 53.03 -52.27 41.00
N VAL D 328 53.17 -53.42 40.32
CA VAL D 328 52.18 -53.85 39.31
C VAL D 328 50.91 -54.36 40.00
N ILE D 329 49.78 -53.81 39.57
CA ILE D 329 48.44 -54.21 39.98
C ILE D 329 47.83 -55.11 38.90
N SER D 330 47.03 -56.09 39.34
CA SER D 330 46.37 -57.05 38.47
C SER D 330 44.85 -57.03 38.62
N GLN D 331 44.15 -57.42 37.55
CA GLN D 331 42.71 -57.66 37.54
C GLN D 331 42.39 -58.78 36.54
N ASP D 332 41.49 -59.68 36.93
CA ASP D 332 41.10 -60.80 36.07
C ASP D 332 39.59 -60.83 35.91
N TYR D 333 39.14 -61.04 34.69
CA TYR D 333 37.72 -61.06 34.37
C TYR D 333 37.45 -62.20 33.42
N ILE D 334 36.22 -62.71 33.50
CA ILE D 334 35.70 -63.66 32.52
C ILE D 334 34.33 -63.15 32.09
N MET D 335 34.18 -62.82 30.82
CA MET D 335 32.88 -62.47 30.27
C MET D 335 32.17 -63.76 29.88
N ARG D 336 31.11 -64.10 30.63
CA ARG D 336 30.27 -65.26 30.32
C ARG D 336 28.78 -64.94 30.41
N GLU E 28 -6.18 3.41 -31.10
CA GLU E 28 -6.88 3.78 -32.33
C GLU E 28 -7.58 5.12 -32.18
N MET E 29 -7.89 5.48 -30.95
CA MET E 29 -8.61 6.73 -30.71
C MET E 29 -7.88 7.64 -29.74
N LEU E 30 -6.58 7.40 -29.49
CA LEU E 30 -5.84 8.25 -28.58
C LEU E 30 -5.51 9.58 -29.25
N LYS E 31 -5.80 10.67 -28.55
CA LYS E 31 -5.45 12.01 -28.97
C LYS E 31 -4.42 12.56 -27.97
N ASP E 32 -3.22 12.85 -28.46
CA ASP E 32 -2.12 13.43 -27.69
C ASP E 32 -1.57 14.57 -28.54
N GLY E 33 -2.13 15.78 -28.33
CA GLY E 33 -1.75 16.93 -29.14
C GLY E 33 -0.29 17.29 -29.03
N ILE E 34 0.25 17.29 -27.80
CA ILE E 34 1.65 17.66 -27.62
C ILE E 34 2.56 16.72 -28.41
N ARG E 35 2.29 15.42 -28.35
CA ARG E 35 3.11 14.45 -29.06
CA ARG E 35 3.20 14.54 -29.07
C ARG E 35 2.97 14.61 -30.57
N THR E 36 1.73 14.76 -31.04
CA THR E 36 1.49 14.78 -32.49
C THR E 36 1.99 16.07 -33.11
N ASN E 37 1.80 17.20 -32.43
CA ASN E 37 2.27 18.48 -32.93
C ASN E 37 3.80 18.51 -33.06
N ALA E 38 4.52 17.83 -32.15
CA ALA E 38 5.97 17.76 -32.27
C ALA E 38 6.38 16.95 -33.51
N TYR E 39 5.77 15.78 -33.72
CA TYR E 39 6.08 15.02 -34.92
C TYR E 39 5.71 15.82 -36.16
N LYS E 40 4.56 16.49 -36.12
CA LYS E 40 4.10 17.25 -37.28
C LYS E 40 5.09 18.35 -37.64
N ASN E 41 5.60 19.08 -36.65
CA ASN E 41 6.58 20.13 -36.92
C ASN E 41 7.90 19.54 -37.40
N ALA E 42 8.31 18.41 -36.81
CA ALA E 42 9.57 17.79 -37.23
C ALA E 42 9.51 17.36 -38.69
N ILE E 43 8.34 16.94 -39.17
CA ILE E 43 8.23 16.46 -40.53
C ILE E 43 7.89 17.60 -41.48
N LEU E 44 6.77 18.29 -41.22
CA LEU E 44 6.25 19.27 -42.19
C LEU E 44 7.06 20.56 -42.23
N GLN E 45 7.86 20.86 -41.20
CA GLN E 45 8.77 22.00 -41.28
C GLN E 45 10.10 21.63 -41.96
N ASN E 46 10.18 20.43 -42.50
CA ASN E 46 11.40 19.94 -43.13
C ASN E 46 11.08 19.22 -44.43
N LYS E 47 10.18 19.83 -45.21
CA LYS E 47 9.83 19.26 -46.51
C LYS E 47 11.06 19.04 -47.38
N HIS E 48 12.05 19.94 -47.28
CA HIS E 48 13.28 19.80 -48.07
C HIS E 48 14.01 18.50 -47.77
N LEU E 49 13.95 18.03 -46.53
CA LEU E 49 14.56 16.78 -46.14
C LEU E 49 13.75 15.56 -46.59
N PHE E 50 12.42 15.65 -46.56
CA PHE E 50 11.64 14.45 -46.84
C PHE E 50 11.43 14.23 -48.32
N LYS E 51 11.55 15.29 -49.11
CA LYS E 51 11.27 15.25 -50.54
C LYS E 51 12.07 14.14 -51.20
N ASP E 52 11.36 13.21 -51.86
CA ASP E 52 11.89 12.02 -52.51
C ASP E 52 12.66 11.09 -51.59
N LYS E 53 12.47 11.16 -50.29
CA LYS E 53 13.06 10.11 -49.50
C LYS E 53 12.14 8.90 -49.42
N VAL E 54 12.71 7.81 -48.92
CA VAL E 54 12.00 6.57 -48.61
C VAL E 54 11.93 6.55 -47.08
N VAL E 55 10.71 6.45 -46.54
CA VAL E 55 10.43 6.63 -45.12
C VAL E 55 9.79 5.35 -44.59
N LEU E 56 10.30 4.83 -43.47
CA LEU E 56 9.67 3.69 -42.79
C LEU E 56 9.08 4.14 -41.47
N ASP E 57 7.81 3.84 -41.25
CA ASP E 57 7.10 4.24 -40.03
C ASP E 57 6.70 3.00 -39.24
N ILE E 58 7.41 2.73 -38.14
CA ILE E 58 7.16 1.55 -37.31
C ILE E 58 6.12 1.86 -36.24
N GLY E 59 5.10 1.00 -36.14
CA GLY E 59 3.95 1.24 -35.29
C GLY E 59 3.10 2.41 -35.76
N CYS E 60 2.68 2.40 -37.03
CA CYS E 60 2.07 3.56 -37.68
C CYS E 60 0.64 3.85 -37.21
N GLY E 61 -0.04 2.90 -36.59
CA GLY E 61 -1.40 3.16 -36.11
C GLY E 61 -2.37 3.49 -37.24
N THR E 62 -3.20 4.53 -37.02
CA THR E 62 -4.14 4.96 -38.05
C THR E 62 -3.46 5.68 -39.22
N GLY E 63 -2.17 6.03 -39.13
CA GLY E 63 -1.42 6.52 -40.26
C GLY E 63 -1.10 8.00 -40.31
N ILE E 64 -1.33 8.76 -39.22
CA ILE E 64 -1.16 10.21 -39.30
C ILE E 64 0.29 10.59 -39.64
N LEU E 65 1.28 9.89 -39.06
CA LEU E 65 2.67 10.25 -39.36
C LEU E 65 3.05 9.88 -40.81
N CYS E 66 2.53 8.75 -41.29
CA CYS E 66 2.67 8.42 -42.70
C CYS E 66 2.09 9.52 -43.57
N LEU E 67 0.91 10.04 -43.20
CA LEU E 67 0.30 11.12 -43.94
C LEU E 67 1.18 12.37 -43.92
N PHE E 68 1.75 12.69 -42.76
CA PHE E 68 2.67 13.82 -42.67
C PHE E 68 3.85 13.62 -43.62
N ALA E 69 4.46 12.44 -43.59
CA ALA E 69 5.66 12.22 -44.41
C ALA E 69 5.35 12.33 -45.88
N ALA E 70 4.22 11.75 -46.32
CA ALA E 70 3.82 11.87 -47.71
C ALA E 70 3.52 13.32 -48.07
N LYS E 71 2.87 14.04 -47.16
CA LYS E 71 2.59 15.46 -47.43
C LYS E 71 3.87 16.27 -47.51
N ALA E 72 4.90 15.88 -46.75
CA ALA E 72 6.19 16.53 -46.85
C ALA E 72 6.92 16.16 -48.13
N GLY E 73 6.41 15.20 -48.90
CA GLY E 73 6.99 14.88 -50.18
C GLY E 73 7.78 13.60 -50.25
N ALA E 74 7.71 12.73 -49.24
CA ALA E 74 8.38 11.45 -49.36
C ALA E 74 7.91 10.75 -50.64
N LYS E 75 8.79 10.03 -51.30
CA LYS E 75 8.31 9.34 -52.49
C LYS E 75 7.69 7.98 -52.16
N ARG E 76 8.03 7.42 -51.00
CA ARG E 76 7.53 6.11 -50.63
C ARG E 76 7.54 6.04 -49.12
N VAL E 77 6.38 5.79 -48.51
CA VAL E 77 6.22 5.66 -47.08
C VAL E 77 5.73 4.25 -46.82
N ILE E 78 6.47 3.51 -46.01
CA ILE E 78 6.08 2.17 -45.57
C ILE E 78 5.71 2.26 -44.09
N GLY E 79 4.55 1.72 -43.76
CA GLY E 79 4.05 1.69 -42.39
C GLY E 79 3.77 0.27 -41.95
N ILE E 80 4.25 -0.09 -40.75
CA ILE E 80 4.09 -1.42 -40.19
C ILE E 80 3.24 -1.31 -38.92
N ASP E 81 2.25 -2.18 -38.79
CA ASP E 81 1.47 -2.30 -37.55
C ASP E 81 0.66 -3.59 -37.60
N MET E 82 -0.19 -3.79 -36.60
CA MET E 82 -0.98 -5.01 -36.50
C MET E 82 -2.20 -4.95 -37.40
N SER E 83 -2.75 -6.13 -37.71
CA SER E 83 -3.66 -6.27 -38.84
C SER E 83 -4.90 -5.39 -38.71
N ASP E 84 -5.48 -5.26 -37.51
CA ASP E 84 -6.77 -4.60 -37.43
C ASP E 84 -6.69 -3.11 -37.69
N ILE E 85 -5.70 -2.43 -37.08
CA ILE E 85 -5.58 -1.00 -37.31
C ILE E 85 -5.03 -0.70 -38.71
N ILE E 86 -4.32 -1.64 -39.34
CA ILE E 86 -3.83 -1.40 -40.70
C ILE E 86 -5.02 -1.32 -41.68
N ASP E 87 -6.09 -2.09 -41.43
CA ASP E 87 -7.30 -1.98 -42.25
C ASP E 87 -7.90 -0.58 -42.19
N LYS E 88 -7.92 0.04 -40.99
CA LYS E 88 -8.50 1.38 -40.89
C LYS E 88 -7.57 2.40 -41.54
N ALA E 89 -6.27 2.27 -41.27
CA ALA E 89 -5.30 3.18 -41.85
C ALA E 89 -5.33 3.14 -43.38
N ARG E 90 -5.50 1.96 -43.96
CA ARG E 90 -5.56 1.87 -45.42
C ARG E 90 -6.71 2.69 -45.97
N GLN E 91 -7.88 2.66 -45.31
CA GLN E 91 -9.00 3.47 -45.76
C GLN E 91 -8.72 4.96 -45.60
N ILE E 92 -8.10 5.34 -44.47
CA ILE E 92 -7.82 6.73 -44.17
C ILE E 92 -6.82 7.29 -45.18
N VAL E 93 -5.78 6.51 -45.50
CA VAL E 93 -4.80 6.93 -46.49
C VAL E 93 -5.47 7.10 -47.85
N SER E 94 -6.42 6.22 -48.18
CA SER E 94 -7.12 6.34 -49.45
C SER E 94 -7.99 7.58 -49.49
N ASP E 95 -8.69 7.88 -48.39
CA ASP E 95 -9.53 9.08 -48.36
C ASP E 95 -8.73 10.35 -48.49
N ASN E 96 -7.45 10.32 -48.14
CA ASN E 96 -6.64 11.52 -48.18
C ASN E 96 -5.74 11.54 -49.40
N GLY E 97 -5.94 10.58 -50.32
CA GLY E 97 -5.28 10.62 -51.60
C GLY E 97 -3.82 10.27 -51.60
N TYR E 98 -3.38 9.36 -50.71
CA TYR E 98 -1.96 8.99 -50.65
C TYR E 98 -1.72 7.49 -50.81
N SER E 99 -2.71 6.74 -51.30
CA SER E 99 -2.52 5.32 -51.52
C SER E 99 -1.40 5.03 -52.51
N HIS E 100 -1.16 5.94 -53.46
CA HIS E 100 -0.06 5.75 -54.40
C HIS E 100 1.31 5.90 -53.72
N VAL E 101 1.40 6.62 -52.60
CA VAL E 101 2.67 6.89 -51.95
C VAL E 101 2.90 5.98 -50.74
N ILE E 102 1.84 5.72 -49.96
CA ILE E 102 1.93 5.05 -48.66
C ILE E 102 1.54 3.59 -48.82
N GLU E 103 2.40 2.67 -48.39
CA GLU E 103 2.14 1.24 -48.37
C GLU E 103 2.14 0.76 -46.92
N LEU E 104 1.12 0.01 -46.54
CA LEU E 104 0.95 -0.42 -45.16
C LEU E 104 0.93 -1.94 -45.11
N ILE E 105 1.80 -2.51 -44.29
CA ILE E 105 1.93 -3.95 -44.18
C ILE E 105 1.62 -4.38 -42.76
N LYS E 106 1.01 -5.55 -42.62
CA LYS E 106 0.67 -6.11 -41.33
C LYS E 106 1.80 -6.98 -40.80
N GLY E 107 2.03 -6.91 -39.49
CA GLY E 107 2.93 -7.83 -38.81
C GLY E 107 3.96 -7.10 -37.95
N LYS E 108 4.85 -7.89 -37.36
CA LYS E 108 5.95 -7.36 -36.59
C LYS E 108 7.19 -7.27 -37.46
N VAL E 109 8.09 -6.33 -37.12
CA VAL E 109 9.33 -6.16 -37.88
C VAL E 109 10.09 -7.47 -37.94
N GLU E 110 10.07 -8.23 -36.85
CA GLU E 110 10.78 -9.50 -36.74
C GLU E 110 10.35 -10.46 -37.83
N ASP E 111 9.07 -10.43 -38.20
CA ASP E 111 8.50 -11.40 -39.13
C ASP E 111 8.46 -10.92 -40.57
N ILE E 112 8.87 -9.67 -40.85
CA ILE E 112 8.89 -9.16 -42.20
C ILE E 112 10.16 -9.69 -42.89
N ALA E 113 9.99 -10.58 -43.86
CA ALA E 113 11.14 -11.11 -44.59
C ALA E 113 11.86 -9.99 -45.35
N GLN E 114 11.10 -9.17 -46.08
CA GLN E 114 11.67 -8.02 -46.77
C GLN E 114 10.62 -6.93 -46.87
N LEU E 115 11.08 -5.70 -46.96
CA LEU E 115 10.20 -4.60 -47.29
C LEU E 115 9.60 -4.79 -48.68
N PRO E 116 8.45 -4.17 -48.96
CA PRO E 116 7.78 -4.45 -50.24
C PRO E 116 8.56 -3.88 -51.42
N PHE E 117 8.31 -4.50 -52.58
CA PHE E 117 8.77 -3.98 -53.86
C PHE E 117 10.29 -3.98 -53.97
N GLY E 118 10.95 -4.90 -53.29
CA GLY E 118 12.39 -5.07 -53.38
C GLY E 118 13.20 -4.00 -52.68
N ILE E 119 12.55 -3.03 -52.05
CA ILE E 119 13.28 -2.01 -51.29
C ILE E 119 14.17 -2.68 -50.24
N GLU E 120 15.42 -2.25 -50.18
CA GLU E 120 16.40 -2.85 -49.28
C GLU E 120 16.90 -1.90 -48.21
N LYS E 121 16.77 -0.60 -48.41
CA LYS E 121 17.21 0.41 -47.48
C LYS E 121 16.21 1.55 -47.52
N VAL E 122 16.15 2.30 -46.42
CA VAL E 122 15.27 3.44 -46.27
C VAL E 122 16.13 4.61 -45.78
N ASP E 123 15.63 5.84 -45.97
CA ASP E 123 16.38 7.02 -45.57
C ASP E 123 16.06 7.50 -44.15
N ILE E 124 14.82 7.28 -43.70
CA ILE E 124 14.28 7.88 -42.50
C ILE E 124 13.39 6.86 -41.84
N ILE E 125 13.58 6.65 -40.53
CA ILE E 125 12.71 5.79 -39.74
C ILE E 125 11.98 6.69 -38.74
N ILE E 126 10.63 6.73 -38.87
CA ILE E 126 9.75 7.34 -37.88
C ILE E 126 9.25 6.26 -36.92
N SER E 127 9.23 6.56 -35.64
CA SER E 127 8.69 5.61 -34.70
C SER E 127 8.25 6.38 -33.48
N GLU E 128 7.43 5.72 -32.69
CA GLU E 128 7.02 6.19 -31.38
C GLU E 128 7.48 5.14 -30.39
N TRP E 129 8.80 5.02 -30.23
CA TRP E 129 9.33 3.87 -29.49
C TRP E 129 9.17 4.03 -27.99
N MET E 130 9.01 5.26 -27.49
CA MET E 130 8.99 5.54 -26.06
C MET E 130 7.83 4.88 -25.34
N GLY E 131 8.14 4.09 -24.30
CA GLY E 131 7.13 3.55 -23.41
C GLY E 131 6.98 4.41 -22.16
N TYR E 132 6.15 3.92 -21.25
CA TYR E 132 6.08 4.56 -19.94
C TYR E 132 7.44 4.46 -19.28
N PHE E 133 7.86 5.53 -18.60
CA PHE E 133 9.19 5.59 -18.01
C PHE E 133 10.27 5.36 -19.06
N LEU E 134 9.97 5.78 -20.29
CA LEU E 134 10.79 5.62 -21.49
C LEU E 134 10.92 4.15 -21.89
N LEU E 135 11.22 3.28 -20.93
CA LEU E 135 11.71 1.94 -21.24
C LEU E 135 10.73 0.81 -20.96
N TYR E 136 9.64 1.06 -20.22
CA TYR E 136 8.65 0.02 -19.97
C TYR E 136 7.81 -0.22 -21.23
N GLU E 137 7.75 -1.48 -21.68
CA GLU E 137 7.01 -1.86 -22.88
C GLU E 137 7.26 -0.93 -24.06
N SER E 138 8.53 -0.56 -24.26
CA SER E 138 8.86 0.29 -25.39
C SER E 138 9.04 -0.56 -26.65
N MET E 139 9.18 0.11 -27.79
CA MET E 139 9.53 -0.56 -29.04
CA MET E 139 9.52 -0.54 -29.05
C MET E 139 11.00 -0.40 -29.39
N LEU E 140 11.83 -0.11 -28.38
CA LEU E 140 13.24 0.22 -28.58
C LEU E 140 13.97 -0.85 -29.37
N GLN E 141 13.88 -2.11 -28.94
CA GLN E 141 14.57 -3.19 -29.64
C GLN E 141 14.11 -3.30 -31.07
N THR E 142 12.81 -3.10 -31.30
CA THR E 142 12.24 -3.20 -32.64
C THR E 142 12.81 -2.12 -33.55
N VAL E 143 12.89 -0.87 -33.06
CA VAL E 143 13.43 0.22 -33.88
C VAL E 143 14.90 -0.03 -34.14
N LEU E 144 15.64 -0.45 -33.12
CA LEU E 144 17.06 -0.73 -33.32
C LEU E 144 17.26 -1.82 -34.36
N SER E 145 16.37 -2.81 -34.37
CA SER E 145 16.45 -3.86 -35.37
C SER E 145 16.11 -3.32 -36.76
N ALA E 146 15.09 -2.46 -36.88
CA ALA E 146 14.82 -1.87 -38.19
C ALA E 146 15.94 -0.94 -38.61
N ARG E 147 16.53 -0.22 -37.66
CA ARG E 147 17.66 0.63 -37.99
C ARG E 147 18.81 -0.19 -38.56
N ASP E 148 19.21 -1.26 -37.86
CA ASP E 148 20.30 -2.10 -38.33
C ASP E 148 19.97 -2.79 -39.65
N ARG E 149 18.72 -3.21 -39.83
CA ARG E 149 18.41 -3.96 -41.05
C ARG E 149 18.28 -3.03 -42.25
N TRP E 150 17.73 -1.84 -42.06
CA TRP E 150 17.22 -1.06 -43.19
C TRP E 150 17.73 0.37 -43.30
N LEU E 151 18.17 1.01 -42.22
CA LEU E 151 18.59 2.41 -42.35
C LEU E 151 19.90 2.47 -43.14
N ARG E 152 19.93 3.33 -44.13
CA ARG E 152 21.16 3.56 -44.84
C ARG E 152 22.09 4.42 -43.99
N PRO E 153 23.40 4.34 -44.20
CA PRO E 153 24.30 5.07 -43.30
C PRO E 153 24.07 6.57 -43.41
N GLY E 154 24.20 7.26 -42.28
CA GLY E 154 23.80 8.65 -42.20
C GLY E 154 22.31 8.90 -42.07
N GLY E 155 21.47 7.87 -42.25
CA GLY E 155 20.03 8.02 -42.20
C GLY E 155 19.54 8.58 -40.87
N TYR E 156 18.27 9.00 -40.88
CA TYR E 156 17.70 9.73 -39.76
C TYR E 156 16.67 8.89 -39.04
N LEU E 157 16.66 8.99 -37.71
CA LEU E 157 15.59 8.44 -36.87
C LEU E 157 14.78 9.58 -36.29
N PHE E 158 13.45 9.53 -36.50
CA PHE E 158 12.49 10.55 -36.05
C PHE E 158 11.58 9.94 -34.99
N PRO E 159 11.79 10.22 -33.68
CA PRO E 159 12.88 11.03 -33.09
C PRO E 159 14.09 10.15 -32.80
N ASP E 160 15.19 10.73 -32.32
CA ASP E 160 16.40 9.96 -32.12
C ASP E 160 17.05 10.09 -30.74
N LYS E 161 16.64 11.04 -29.90
CA LYS E 161 17.22 11.22 -28.57
C LYS E 161 16.13 11.41 -27.53
N CYS E 162 16.27 10.71 -26.40
CA CYS E 162 15.43 10.96 -25.25
C CYS E 162 16.31 11.07 -24.01
N THR E 163 15.96 12.01 -23.14
CA THR E 163 16.69 12.27 -21.91
C THR E 163 15.73 12.14 -20.72
N MET E 164 16.16 11.40 -19.70
CA MET E 164 15.32 11.17 -18.53
C MET E 164 15.75 12.07 -17.39
N TYR E 165 14.76 12.55 -16.63
CA TYR E 165 14.97 13.40 -15.47
C TYR E 165 14.30 12.78 -14.25
N ILE E 166 14.80 13.12 -13.07
CA ILE E 166 14.23 12.64 -11.82
C ILE E 166 14.39 13.73 -10.77
N CYS E 167 13.46 13.75 -9.82
CA CYS E 167 13.51 14.72 -8.73
C CYS E 167 12.57 14.25 -7.62
N GLY E 168 12.65 14.94 -6.49
CA GLY E 168 11.87 14.56 -5.30
C GLY E 168 10.61 15.39 -5.20
N ILE E 169 9.53 14.74 -4.74
CA ILE E 169 8.25 15.43 -4.55
C ILE E 169 7.71 15.21 -3.15
N GLU E 170 6.88 16.16 -2.73
CA GLU E 170 5.99 15.96 -1.61
C GLU E 170 4.67 15.45 -2.19
N ASP E 171 4.16 14.36 -1.64
CA ASP E 171 2.95 13.72 -2.18
C ASP E 171 2.19 13.05 -1.04
N SER E 172 2.16 13.71 0.14
CA SER E 172 1.67 13.03 1.34
C SER E 172 0.17 12.82 1.31
N GLU E 173 -0.60 13.74 0.73
CA GLU E 173 -2.04 13.52 0.66
C GLU E 173 -2.37 12.26 -0.11
N TYR E 174 -1.70 12.03 -1.26
CA TYR E 174 -1.95 10.81 -2.02
C TYR E 174 -1.46 9.59 -1.26
N LYS E 175 -0.29 9.70 -0.63
CA LYS E 175 0.26 8.59 0.12
C LYS E 175 -0.64 8.19 1.29
N ARG E 176 -1.14 9.19 2.04
CA ARG E 176 -2.04 8.88 3.14
C ARG E 176 -3.31 8.21 2.63
N ASP E 177 -3.86 8.70 1.52
CA ASP E 177 -5.17 8.28 1.06
C ASP E 177 -5.16 6.93 0.32
N LYS E 178 -4.06 6.57 -0.33
CA LYS E 178 -4.05 5.41 -1.19
C LYS E 178 -2.99 4.37 -0.83
N ILE E 179 -2.05 4.69 0.05
CA ILE E 179 -1.03 3.73 0.49
C ILE E 179 -1.13 3.44 1.97
N ASP E 180 -1.12 4.47 2.83
CA ASP E 180 -1.42 4.27 4.24
C ASP E 180 -2.83 3.75 4.43
N PHE E 181 -3.70 3.95 3.42
CA PHE E 181 -5.08 3.49 3.50
C PHE E 181 -5.16 2.02 3.89
N TRP E 182 -4.21 1.20 3.46
CA TRP E 182 -4.31 -0.22 3.70
C TRP E 182 -4.07 -0.62 5.16
N ASP E 183 -3.57 0.27 6.01
CA ASP E 183 -3.37 -0.09 7.41
C ASP E 183 -4.70 -0.25 8.15
N ASN E 184 -5.74 0.45 7.72
CA ASN E 184 -7.04 0.32 8.38
C ASN E 184 -8.14 0.38 7.31
N VAL E 185 -8.55 -0.78 6.83
CA VAL E 185 -9.63 -0.93 5.87
C VAL E 185 -10.84 -1.43 6.65
N TYR E 186 -11.71 -0.51 7.05
CA TYR E 186 -12.90 -0.83 7.85
C TYR E 186 -12.56 -1.62 9.10
N GLY E 187 -11.47 -1.25 9.74
CA GLY E 187 -11.03 -1.92 10.93
C GLY E 187 -10.06 -3.05 10.69
N PHE E 188 -9.90 -3.46 9.44
CA PHE E 188 -9.07 -4.61 9.10
C PHE E 188 -7.69 -4.17 8.69
N ASN E 189 -6.74 -5.07 8.89
CA ASN E 189 -5.33 -4.83 8.59
C ASN E 189 -5.05 -5.34 7.20
N PHE E 190 -4.95 -4.43 6.24
CA PHE E 190 -4.57 -4.79 4.87
C PHE E 190 -3.14 -4.34 4.58
N SER E 191 -2.30 -4.23 5.62
CA SER E 191 -0.92 -3.78 5.44
C SER E 191 -0.16 -4.67 4.45
N ALA E 192 -0.49 -5.96 4.42
CA ALA E 192 0.13 -6.87 3.45
C ALA E 192 0.02 -6.36 2.01
N ILE E 193 -0.96 -5.50 1.72
CA ILE E 193 -1.11 -4.88 0.40
C ILE E 193 -0.10 -3.74 0.21
N LYS E 194 0.30 -3.08 1.30
CA LYS E 194 1.18 -1.92 1.19
C LYS E 194 2.47 -2.27 0.48
N ALA E 195 3.04 -3.44 0.77
CA ALA E 195 4.28 -3.84 0.11
C ALA E 195 4.12 -3.82 -1.40
N ASP E 196 2.98 -4.28 -1.91
CA ASP E 196 2.83 -4.33 -3.36
C ASP E 196 2.62 -2.95 -3.94
N ALA E 197 1.89 -2.09 -3.23
CA ALA E 197 1.70 -0.73 -3.73
C ALA E 197 3.03 0.01 -3.83
N LEU E 198 3.92 -0.19 -2.85
CA LEU E 198 5.20 0.50 -2.89
C LEU E 198 6.08 -0.04 -4.01
N ARG E 199 6.03 -1.35 -4.25
CA ARG E 199 6.91 -1.96 -5.24
C ARG E 199 6.53 -1.57 -6.68
N GLU E 200 5.31 -1.09 -6.94
CA GLU E 200 4.93 -0.82 -8.31
C GLU E 200 4.97 0.68 -8.57
N PRO E 201 5.83 1.17 -9.49
CA PRO E 201 5.82 2.59 -9.86
C PRO E 201 4.45 2.97 -10.40
N LEU E 202 4.03 4.21 -10.13
CA LEU E 202 2.73 4.71 -10.56
C LEU E 202 2.89 5.62 -11.78
N VAL E 203 2.19 5.27 -12.86
CA VAL E 203 2.12 6.13 -14.05
C VAL E 203 0.94 7.06 -13.87
N ASP E 204 1.20 8.33 -13.58
CA ASP E 204 0.15 9.28 -13.25
C ASP E 204 0.76 10.68 -13.34
N PHE E 205 -0.12 11.70 -13.37
CA PHE E 205 0.36 13.08 -13.38
C PHE E 205 0.65 13.58 -11.98
N VAL E 206 1.70 14.38 -11.85
CA VAL E 206 1.97 15.13 -10.62
C VAL E 206 2.02 16.61 -11.00
N GLU E 207 1.68 17.45 -10.04
CA GLU E 207 1.79 18.88 -10.28
C GLU E 207 3.21 19.35 -10.02
N SER E 208 3.70 20.24 -10.87
CA SER E 208 5.07 20.70 -10.75
C SER E 208 5.31 21.34 -9.40
N GLN E 209 4.28 21.91 -8.80
CA GLN E 209 4.39 22.50 -7.47
C GLN E 209 4.66 21.47 -6.38
N GLN E 210 4.54 20.18 -6.66
CA GLN E 210 4.90 19.17 -5.68
C GLN E 210 6.40 18.92 -5.62
N ILE E 211 7.15 19.44 -6.59
CA ILE E 211 8.58 19.20 -6.66
C ILE E 211 9.28 20.02 -5.59
N ILE E 212 10.12 19.36 -4.78
CA ILE E 212 10.81 19.98 -3.66
C ILE E 212 12.33 19.86 -3.76
N THR E 213 12.85 19.38 -4.90
CA THR E 213 14.30 19.27 -5.11
C THR E 213 14.64 19.78 -6.50
N THR E 214 15.94 20.02 -6.73
CA THR E 214 16.40 20.31 -8.08
C THR E 214 16.13 19.10 -8.98
N GLN E 215 16.31 19.28 -10.29
CA GLN E 215 16.02 18.21 -11.24
C GLN E 215 17.31 17.61 -11.76
N SER E 216 17.37 16.28 -11.79
CA SER E 216 18.60 15.59 -12.17
C SER E 216 18.40 14.85 -13.48
N LYS E 217 19.30 15.11 -14.43
CA LYS E 217 19.44 14.29 -15.63
C LYS E 217 20.09 12.96 -15.24
N PHE E 218 19.50 11.85 -15.65
CA PHE E 218 20.08 10.57 -15.26
C PHE E 218 20.18 9.55 -16.38
N LEU E 219 19.65 9.83 -17.56
CA LEU E 219 19.79 8.87 -18.65
C LEU E 219 19.64 9.60 -19.99
N GLU E 220 20.42 9.18 -20.98
CA GLU E 220 20.23 9.62 -22.35
C GLU E 220 20.23 8.42 -23.27
N ILE E 221 19.28 8.37 -24.19
CA ILE E 221 19.23 7.27 -25.16
C ILE E 221 19.29 7.89 -26.55
N ASP E 222 20.38 7.61 -27.26
CA ASP E 222 20.64 8.12 -28.59
C ASP E 222 20.54 6.96 -29.58
N LEU E 223 19.48 7.00 -30.43
CA LEU E 223 19.22 5.92 -31.40
C LEU E 223 20.26 5.87 -32.51
N ASN E 224 21.00 6.96 -32.72
CA ASN E 224 22.04 6.94 -33.74
C ASN E 224 23.20 6.03 -33.34
N THR E 225 23.49 5.92 -32.05
CA THR E 225 24.67 5.19 -31.62
C THR E 225 24.41 3.99 -30.71
N ILE E 226 23.32 4.00 -29.94
CA ILE E 226 23.10 2.95 -28.97
C ILE E 226 22.96 1.59 -29.65
N GLN E 227 23.38 0.54 -28.95
CA GLN E 227 23.37 -0.83 -29.41
C GLN E 227 22.45 -1.66 -28.52
N PRO E 228 21.85 -2.71 -29.07
CA PRO E 228 20.95 -3.55 -28.27
C PRO E 228 21.61 -4.10 -27.01
N GLU E 229 22.90 -4.47 -27.09
CA GLU E 229 23.56 -5.04 -25.92
C GLU E 229 23.64 -4.05 -24.75
N ASP E 230 23.75 -2.76 -25.05
CA ASP E 230 23.80 -1.73 -24.01
C ASP E 230 22.53 -1.67 -23.19
N LEU E 231 21.45 -2.31 -23.65
CA LEU E 231 20.16 -2.25 -22.98
C LEU E 231 19.88 -3.47 -22.13
N LYS E 232 20.86 -4.34 -21.91
CA LYS E 232 20.54 -5.50 -21.07
C LYS E 232 20.53 -5.08 -19.62
N GLN E 233 21.47 -4.21 -19.26
CA GLN E 233 21.55 -3.64 -17.93
C GLN E 233 21.93 -2.18 -18.08
N ILE E 234 21.04 -1.29 -17.71
CA ILE E 234 21.37 0.13 -17.66
C ILE E 234 21.78 0.47 -16.23
N THR E 235 23.00 0.95 -16.07
CA THR E 235 23.49 1.38 -14.76
C THR E 235 23.88 2.85 -14.89
N THR E 236 23.20 3.70 -14.14
CA THR E 236 23.43 5.13 -14.20
C THR E 236 23.29 5.71 -12.80
N SER E 237 23.44 7.03 -12.71
CA SER E 237 23.39 7.74 -11.44
C SER E 237 22.58 9.02 -11.57
N PHE E 238 22.18 9.56 -10.42
CA PHE E 238 21.46 10.82 -10.34
C PHE E 238 21.91 11.55 -9.09
N GLU E 239 21.70 12.86 -9.07
CA GLU E 239 22.04 13.64 -7.89
C GLU E 239 21.16 14.88 -7.86
N PHE E 240 20.49 15.15 -6.74
CA PHE E 240 19.74 16.40 -6.64
C PHE E 240 19.76 16.93 -5.21
N THR E 241 19.37 18.19 -5.10
CA THR E 241 19.47 18.94 -3.86
C THR E 241 18.09 19.38 -3.39
N SER E 242 17.82 19.16 -2.12
CA SER E 242 16.55 19.58 -1.54
C SER E 242 16.52 21.11 -1.46
N GLN E 243 15.35 21.69 -1.70
CA GLN E 243 15.16 23.12 -1.58
C GLN E 243 14.30 23.54 -0.38
N TYR E 244 13.79 22.58 0.40
CA TYR E 244 12.85 22.92 1.47
C TYR E 244 13.10 22.06 2.70
N GLN E 245 12.54 22.49 3.81
CA GLN E 245 12.34 21.60 4.94
C GLN E 245 11.00 20.89 4.69
N GLU E 246 11.06 19.59 4.43
CA GLU E 246 9.90 18.85 3.95
C GLU E 246 10.20 17.36 4.04
N TYR E 247 9.14 16.56 4.13
CA TYR E 247 9.26 15.13 3.95
C TYR E 247 9.04 14.80 2.48
N CYS E 248 9.91 13.96 1.95
CA CYS E 248 9.81 13.52 0.56
C CYS E 248 9.22 12.13 0.54
N GLN E 249 8.09 11.97 -0.15
CA GLN E 249 7.38 10.69 -0.25
C GLN E 249 7.73 9.89 -1.49
N ALA E 250 8.32 10.53 -2.50
CA ALA E 250 8.46 9.85 -3.77
C ALA E 250 9.48 10.58 -4.63
N PHE E 251 10.03 9.86 -5.60
CA PHE E 251 10.75 10.44 -6.71
C PHE E 251 9.87 10.33 -7.95
N VAL E 252 9.85 11.40 -8.74
CA VAL E 252 9.11 11.41 -9.99
C VAL E 252 10.12 11.53 -11.12
N ALA E 253 9.87 10.78 -12.20
CA ALA E 253 10.76 10.75 -13.34
C ALA E 253 9.95 10.97 -14.61
N TRP E 254 10.62 11.54 -15.61
CA TRP E 254 9.99 11.73 -16.91
C TRP E 254 11.10 11.83 -17.96
N PHE E 255 10.68 11.95 -19.22
CA PHE E 255 11.64 12.09 -20.29
C PHE E 255 11.22 13.22 -21.23
N ASP E 256 12.23 13.88 -21.80
CA ASP E 256 12.11 14.82 -22.92
C ASP E 256 12.55 14.10 -24.19
N CYS E 257 11.97 14.50 -25.31
CA CYS E 257 12.25 13.79 -26.55
C CYS E 257 12.65 14.77 -27.65
N VAL E 258 13.74 14.46 -28.36
CA VAL E 258 14.33 15.37 -29.33
C VAL E 258 14.46 14.68 -30.69
N PHE E 259 14.10 15.42 -31.74
CA PHE E 259 14.40 15.07 -33.14
C PHE E 259 15.69 15.84 -33.49
N SER E 260 16.85 15.24 -33.21
CA SER E 260 18.08 16.01 -33.20
C SER E 260 18.73 16.10 -34.59
N ARG E 261 18.94 14.97 -35.28
CA ARG E 261 19.50 15.02 -36.64
C ARG E 261 18.38 15.10 -37.65
N GLY E 262 18.47 16.06 -38.56
CA GLY E 262 17.51 16.16 -39.65
C GLY E 262 16.80 17.50 -39.73
N PRO E 263 16.05 17.87 -38.69
CA PRO E 263 15.35 19.15 -38.74
C PRO E 263 16.33 20.32 -38.82
N HIS E 264 15.95 21.33 -39.60
CA HIS E 264 16.78 22.53 -39.75
C HIS E 264 16.81 23.37 -38.47
N LYS E 265 15.95 23.06 -37.50
CA LYS E 265 16.01 23.65 -36.16
C LYS E 265 15.38 22.62 -35.24
N PRO E 266 16.18 21.91 -34.42
CA PRO E 266 15.67 20.82 -33.56
C PRO E 266 14.28 21.02 -32.96
N VAL E 267 13.61 19.89 -32.85
CA VAL E 267 12.21 19.81 -32.41
C VAL E 267 12.18 18.94 -31.16
N GLU E 268 11.49 19.41 -30.13
CA GLU E 268 11.44 18.64 -28.89
C GLU E 268 10.10 18.80 -28.20
N PHE E 269 9.83 17.85 -27.30
CA PHE E 269 8.69 17.92 -26.41
C PHE E 269 9.09 17.20 -25.12
N SER E 270 8.36 17.51 -24.06
CA SER E 270 8.62 16.98 -22.74
C SER E 270 7.43 16.17 -22.25
N THR E 271 7.69 15.19 -21.38
CA THR E 271 6.61 14.53 -20.66
C THR E 271 6.60 14.89 -19.18
N GLY E 272 7.34 15.93 -18.78
CA GLY E 272 7.40 16.33 -17.40
C GLY E 272 6.19 17.14 -16.96
N PRO E 273 6.15 17.43 -15.66
CA PRO E 273 4.98 18.09 -15.06
C PRO E 273 4.94 19.59 -15.24
N PHE E 274 5.98 20.22 -15.82
CA PHE E 274 5.96 21.66 -16.05
C PHE E 274 5.23 22.05 -17.33
N THR E 275 4.94 21.10 -18.19
CA THR E 275 4.36 21.36 -19.50
C THR E 275 3.09 20.52 -19.64
N GLU E 276 2.38 20.75 -20.73
CA GLU E 276 1.08 20.13 -20.93
C GLU E 276 1.22 18.60 -20.87
N GLY E 277 0.18 17.95 -20.35
CA GLY E 277 0.24 16.52 -20.20
C GLY E 277 0.31 15.80 -21.54
N THR E 278 0.94 14.64 -21.51
CA THR E 278 0.94 13.71 -22.64
C THR E 278 0.36 12.41 -22.11
N HIS E 279 0.09 11.47 -23.01
CA HIS E 279 -0.42 10.16 -22.57
C HIS E 279 0.63 9.35 -21.80
N TRP E 280 1.91 9.74 -21.84
CA TRP E 280 2.92 9.09 -21.02
C TRP E 280 2.87 9.55 -19.55
N LYS E 281 2.27 10.71 -19.27
CA LYS E 281 2.21 11.23 -17.91
C LYS E 281 3.61 11.29 -17.28
N GLN E 282 3.72 10.98 -15.99
CA GLN E 282 5.00 10.82 -15.31
C GLN E 282 5.01 9.47 -14.60
N THR E 283 6.16 9.11 -14.03
CA THR E 283 6.31 7.86 -13.28
C THR E 283 6.75 8.20 -11.86
N VAL E 284 6.03 7.68 -10.88
CA VAL E 284 6.18 8.06 -9.49
C VAL E 284 6.66 6.83 -8.72
N PHE E 285 7.77 6.99 -8.01
CA PHE E 285 8.38 5.92 -7.24
C PHE E 285 8.18 6.28 -5.76
N TYR E 286 7.22 5.64 -5.09
CA TYR E 286 7.01 5.93 -3.67
C TYR E 286 8.13 5.31 -2.86
N LEU E 287 8.68 6.10 -1.93
CA LEU E 287 9.70 5.57 -1.03
C LEU E 287 9.05 4.75 0.08
N GLU E 288 9.75 3.69 0.48
CA GLU E 288 9.22 2.85 1.54
C GLU E 288 9.06 3.64 2.83
N ASN E 289 9.98 4.54 3.11
CA ASN E 289 9.91 5.40 4.28
C ASN E 289 10.09 6.84 3.85
N ASP E 290 9.26 7.72 4.40
CA ASP E 290 9.39 9.13 4.05
C ASP E 290 10.79 9.60 4.37
N LEU E 291 11.31 10.48 3.53
CA LEU E 291 12.68 10.93 3.60
C LEU E 291 12.69 12.34 4.16
N PRO E 292 13.19 12.57 5.38
CA PRO E 292 13.19 13.93 5.93
C PRO E 292 14.30 14.75 5.30
N LEU E 293 13.92 15.80 4.58
CA LEU E 293 14.87 16.63 3.86
C LEU E 293 14.91 18.02 4.47
N LYS E 294 16.09 18.64 4.43
CA LYS E 294 16.27 20.01 4.83
C LYS E 294 16.84 20.78 3.64
N PRO E 295 16.73 22.11 3.63
CA PRO E 295 17.28 22.86 2.50
C PRO E 295 18.76 22.56 2.30
N ASN E 296 19.13 22.31 1.04
CA ASN E 296 20.49 22.03 0.59
C ASN E 296 20.98 20.62 0.88
N ASP E 297 20.14 19.73 1.41
CA ASP E 297 20.51 18.31 1.48
C ASP E 297 20.79 17.75 0.09
N VAL E 298 21.86 16.97 -0.04
CA VAL E 298 22.27 16.40 -1.32
C VAL E 298 21.90 14.92 -1.36
N ILE E 299 21.07 14.55 -2.36
CA ILE E 299 20.61 13.18 -2.58
C ILE E 299 21.31 12.63 -3.81
N LYS E 300 22.15 11.63 -3.60
CA LYS E 300 23.03 11.06 -4.61
C LYS E 300 22.73 9.57 -4.71
N GLY E 301 22.63 9.04 -5.93
CA GLY E 301 22.19 7.67 -6.02
C GLY E 301 22.47 6.97 -7.34
N THR E 302 22.12 5.69 -7.35
CA THR E 302 22.32 4.82 -8.50
C THR E 302 20.97 4.22 -8.88
N ILE E 303 20.70 4.18 -10.19
CA ILE E 303 19.53 3.53 -10.75
C ILE E 303 20.01 2.47 -11.72
N THR E 304 19.55 1.24 -11.51
CA THR E 304 19.79 0.13 -12.43
C THR E 304 18.44 -0.32 -13.00
N ILE E 305 18.39 -0.53 -14.32
CA ILE E 305 17.19 -0.90 -15.04
C ILE E 305 17.51 -2.13 -15.89
N SER E 306 16.64 -3.15 -15.80
CA SER E 306 16.81 -4.40 -16.54
C SER E 306 15.48 -5.10 -16.68
N GLN E 307 15.45 -6.07 -17.61
CA GLN E 307 14.30 -6.94 -17.83
C GLN E 307 13.97 -7.59 -16.55
N ASN E 308 12.69 -7.80 -16.29
CA ASN E 308 12.40 -8.82 -15.30
C ASN E 308 12.73 -10.20 -15.89
N LYS E 309 13.42 -11.04 -15.12
CA LYS E 309 13.84 -12.36 -15.63
C LYS E 309 12.67 -13.33 -15.72
N SER E 310 11.74 -13.27 -14.77
CA SER E 310 10.58 -14.15 -14.79
C SER E 310 9.61 -13.78 -15.91
N ASN E 311 9.32 -12.48 -16.06
CA ASN E 311 8.42 -12.00 -17.10
C ASN E 311 9.17 -10.93 -17.90
N HIS E 312 9.54 -11.28 -19.14
CA HIS E 312 10.38 -10.39 -19.93
C HIS E 312 9.69 -9.07 -20.26
N ARG E 313 8.36 -9.00 -20.15
CA ARG E 313 7.64 -7.75 -20.38
C ARG E 313 7.70 -6.83 -19.17
N ASP E 314 8.16 -7.31 -18.02
CA ASP E 314 8.25 -6.48 -16.83
C ASP E 314 9.64 -5.85 -16.70
N LEU E 315 9.69 -4.72 -16.00
CA LEU E 315 10.89 -3.92 -15.88
C LEU E 315 11.30 -3.82 -14.41
N ASP E 316 12.51 -4.29 -14.08
CA ASP E 316 13.07 -4.15 -12.74
C ASP E 316 13.82 -2.84 -12.64
N ILE E 317 13.46 -2.01 -11.67
CA ILE E 317 14.11 -0.73 -11.43
C ILE E 317 14.56 -0.70 -9.98
N SER E 318 15.88 -0.68 -9.77
CA SER E 318 16.45 -0.64 -8.42
CA SER E 318 16.42 -0.62 -8.42
C SER E 318 17.12 0.71 -8.19
N MET E 319 17.01 1.21 -6.97
CA MET E 319 17.59 2.48 -6.55
C MET E 319 18.37 2.26 -5.26
N LYS E 320 19.51 2.94 -5.14
CA LYS E 320 20.28 2.98 -3.90
C LYS E 320 20.81 4.40 -3.80
N TYR E 321 20.56 5.08 -2.67
CA TYR E 321 20.95 6.48 -2.59
C TYR E 321 21.30 6.83 -1.16
N THR E 322 21.99 7.95 -1.01
CA THR E 322 22.40 8.50 0.27
C THR E 322 21.90 9.94 0.37
N VAL E 323 21.83 10.43 1.59
CA VAL E 323 21.52 11.83 1.86
C VAL E 323 22.72 12.42 2.59
N ASN E 324 23.37 13.41 1.98
CA ASN E 324 24.61 14.02 2.51
C ASN E 324 25.63 12.95 2.88
N GLY E 325 25.67 11.89 2.09
CA GLY E 325 26.61 10.79 2.27
C GLY E 325 26.29 9.84 3.40
N GLY E 326 25.08 9.87 3.96
CA GLY E 326 24.72 8.98 5.04
C GLY E 326 24.54 7.54 4.60
N ALA E 327 23.91 6.71 5.44
CA ALA E 327 23.71 5.30 5.11
C ALA E 327 22.89 5.15 3.83
N VAL E 328 23.17 4.09 3.08
CA VAL E 328 22.50 3.87 1.81
C VAL E 328 21.11 3.27 2.04
N ILE E 329 20.11 3.95 1.50
CA ILE E 329 18.77 3.45 1.42
C ILE E 329 18.62 2.80 0.06
N SER E 330 18.05 1.61 0.03
CA SER E 330 17.83 0.94 -1.23
C SER E 330 16.35 0.68 -1.39
N GLN E 331 15.89 0.69 -2.64
CA GLN E 331 14.51 0.31 -2.89
C GLN E 331 14.42 -0.31 -4.27
N ASP E 332 13.59 -1.34 -4.36
CA ASP E 332 13.42 -2.14 -5.56
C ASP E 332 11.99 -2.04 -6.06
N TYR E 333 11.86 -1.91 -7.36
CA TYR E 333 10.59 -1.72 -8.01
C TYR E 333 10.46 -2.69 -9.19
N ILE E 334 9.23 -3.06 -9.49
CA ILE E 334 8.91 -3.83 -10.68
C ILE E 334 7.76 -3.14 -11.39
N MET E 335 7.99 -2.71 -12.63
CA MET E 335 6.90 -2.21 -13.46
C MET E 335 6.30 -3.40 -14.18
N ARG E 336 5.07 -3.75 -13.84
CA ARG E 336 4.39 -4.82 -14.54
C ARG E 336 2.96 -4.42 -14.87
N GLU F 28 -3.94 43.07 -3.79
CA GLU F 28 -2.64 43.49 -3.27
C GLU F 28 -1.63 42.34 -3.23
N MET F 29 -2.12 41.12 -3.48
CA MET F 29 -1.34 39.88 -3.37
C MET F 29 -1.59 38.96 -4.55
N LEU F 30 -2.08 39.49 -5.67
CA LEU F 30 -2.37 38.67 -6.84
C LEU F 30 -1.09 38.17 -7.49
N LYS F 31 -1.05 36.87 -7.79
CA LYS F 31 0.05 36.25 -8.51
C LYS F 31 -0.51 35.86 -9.87
N ASP F 32 -0.01 36.51 -10.92
CA ASP F 32 -0.48 36.29 -12.30
C ASP F 32 0.76 36.15 -13.20
N GLY F 33 1.18 34.91 -13.42
CA GLY F 33 2.40 34.67 -14.17
C GLY F 33 2.35 35.22 -15.59
N ILE F 34 1.23 35.01 -16.29
CA ILE F 34 1.12 35.48 -17.67
C ILE F 34 1.30 37.00 -17.73
N ARG F 35 0.73 37.72 -16.77
CA ARG F 35 0.96 39.16 -16.71
C ARG F 35 2.39 39.48 -16.31
N THR F 36 2.99 38.67 -15.42
CA THR F 36 4.29 39.01 -14.87
C THR F 36 5.41 38.85 -15.89
N ASN F 37 5.40 37.73 -16.62
CA ASN F 37 6.44 37.47 -17.60
C ASN F 37 6.38 38.42 -18.80
N ALA F 38 5.18 38.85 -19.19
CA ALA F 38 5.08 39.75 -20.35
C ALA F 38 5.83 41.04 -20.10
N TYR F 39 5.63 41.66 -18.93
CA TYR F 39 6.45 42.81 -18.57
C TYR F 39 7.91 42.40 -18.34
N LYS F 40 8.15 41.29 -17.62
CA LYS F 40 9.51 40.87 -17.29
C LYS F 40 10.31 40.54 -18.54
N ASN F 41 9.71 39.82 -19.49
CA ASN F 41 10.42 39.56 -20.74
C ASN F 41 10.64 40.86 -21.50
N ALA F 42 9.65 41.77 -21.45
CA ALA F 42 9.78 43.07 -22.10
C ALA F 42 10.90 43.93 -21.50
N ILE F 43 11.18 43.77 -20.21
CA ILE F 43 12.16 44.63 -19.53
C ILE F 43 13.57 44.02 -19.58
N LEU F 44 13.71 42.80 -19.05
CA LEU F 44 15.05 42.24 -18.85
C LEU F 44 15.72 41.80 -20.14
N GLN F 45 14.97 41.58 -21.23
CA GLN F 45 15.55 41.25 -22.53
C GLN F 45 15.93 42.48 -23.36
N ASN F 46 15.78 43.69 -22.82
CA ASN F 46 16.05 44.91 -23.59
C ASN F 46 16.87 45.92 -22.78
N LEU F 49 17.33 49.30 -23.92
CA LEU F 49 16.42 50.45 -23.95
C LEU F 49 16.34 51.16 -22.59
N PHE F 50 16.55 50.41 -21.51
CA PHE F 50 16.46 51.00 -20.19
C PHE F 50 17.76 51.62 -19.70
N LYS F 51 18.90 51.21 -20.27
CA LYS F 51 20.22 51.64 -19.81
C LYS F 51 20.32 53.16 -19.71
N ASP F 52 20.58 53.64 -18.49
CA ASP F 52 20.71 55.06 -18.15
C ASP F 52 19.46 55.87 -18.50
N LYS F 53 18.31 55.22 -18.72
CA LYS F 53 17.04 55.93 -18.81
C LYS F 53 16.42 56.02 -17.43
N VAL F 54 15.37 56.84 -17.31
CA VAL F 54 14.67 56.93 -16.03
C VAL F 54 13.19 57.21 -16.26
N VAL F 55 12.33 56.36 -15.69
CA VAL F 55 10.89 56.38 -15.96
C VAL F 55 10.09 55.99 -14.71
N LEU F 56 8.84 56.40 -14.68
CA LEU F 56 7.93 56.20 -13.55
C LEU F 56 6.83 55.23 -13.96
N ASP F 57 6.49 54.30 -13.07
CA ASP F 57 5.51 53.24 -13.35
C ASP F 57 4.22 53.54 -12.59
N ILE F 58 3.12 53.60 -13.34
CA ILE F 58 1.83 54.03 -12.80
C ILE F 58 1.09 52.80 -12.28
N GLY F 59 0.61 52.87 -11.04
CA GLY F 59 -0.04 51.74 -10.39
C GLY F 59 0.95 50.68 -10.00
N CYS F 60 1.97 51.07 -9.23
CA CYS F 60 3.11 50.18 -9.00
C CYS F 60 2.78 49.02 -8.08
N GLY F 61 1.74 49.11 -7.26
CA GLY F 61 1.39 47.99 -6.40
C GLY F 61 2.55 47.66 -5.47
N THR F 62 2.85 46.37 -5.35
CA THR F 62 3.97 45.95 -4.52
C THR F 62 5.34 46.28 -5.13
N GLY F 63 5.41 46.64 -6.41
CA GLY F 63 6.63 47.19 -6.99
C GLY F 63 7.45 46.30 -7.91
N ILE F 64 6.91 45.17 -8.38
CA ILE F 64 7.71 44.24 -9.19
C ILE F 64 8.20 44.90 -10.48
N LEU F 65 7.36 45.75 -11.09
CA LEU F 65 7.76 46.36 -12.36
C LEU F 65 8.89 47.36 -12.19
N CYS F 66 8.83 48.16 -11.12
CA CYS F 66 9.95 49.03 -10.79
C CYS F 66 11.21 48.22 -10.50
N LEU F 67 11.07 47.16 -9.70
CA LEU F 67 12.22 46.33 -9.36
C LEU F 67 12.84 45.69 -10.61
N PHE F 68 12.01 45.26 -11.57
CA PHE F 68 12.51 44.79 -12.85
C PHE F 68 13.25 45.90 -13.61
N ALA F 69 12.65 47.10 -13.67
CA ALA F 69 13.23 48.21 -14.44
C ALA F 69 14.60 48.61 -13.90
N ALA F 70 14.77 48.61 -12.59
CA ALA F 70 16.08 48.87 -11.99
C ALA F 70 17.08 47.77 -12.31
N LYS F 71 16.62 46.52 -12.39
CA LYS F 71 17.52 45.48 -12.85
C LYS F 71 17.87 45.73 -14.31
N ALA F 72 16.97 46.37 -15.06
CA ALA F 72 17.24 46.74 -16.44
C ALA F 72 18.23 47.89 -16.56
N GLY F 73 18.56 48.56 -15.47
CA GLY F 73 19.58 49.59 -15.46
C GLY F 73 19.09 51.03 -15.41
N ALA F 74 17.81 51.24 -15.13
CA ALA F 74 17.24 52.59 -15.05
C ALA F 74 17.96 53.52 -14.05
N SER F 83 -2.87 54.35 -3.64
CA SER F 83 -3.34 53.54 -2.52
C SER F 83 -2.25 53.31 -1.47
N ASP F 84 -2.67 52.76 -0.32
CA ASP F 84 -1.81 52.57 0.84
C ASP F 84 -0.74 51.50 0.62
N ILE F 85 -0.73 50.88 -0.57
CA ILE F 85 0.27 49.84 -0.88
C ILE F 85 1.65 50.45 -1.07
N ILE F 86 1.72 51.75 -1.39
CA ILE F 86 3.02 52.40 -1.59
C ILE F 86 3.83 52.37 -0.31
N ASP F 87 3.15 52.40 0.85
CA ASP F 87 3.87 52.25 2.11
C ASP F 87 4.59 50.91 2.18
N LYS F 88 3.91 49.83 1.75
CA LYS F 88 4.54 48.51 1.75
C LYS F 88 5.58 48.37 0.64
N ALA F 89 5.25 48.84 -0.57
CA ALA F 89 6.16 48.69 -1.70
C ALA F 89 7.51 49.35 -1.44
N ARG F 90 7.51 50.50 -0.77
CA ARG F 90 8.78 51.14 -0.42
C ARG F 90 9.62 50.23 0.46
N GLN F 91 8.99 49.48 1.37
CA GLN F 91 9.73 48.56 2.24
C GLN F 91 10.34 47.40 1.45
N ILE F 92 9.60 46.86 0.47
CA ILE F 92 10.12 45.77 -0.35
C ILE F 92 11.30 46.23 -1.20
N VAL F 93 11.24 47.44 -1.75
CA VAL F 93 12.33 47.96 -2.57
C VAL F 93 13.61 48.06 -1.76
N SER F 94 13.49 48.50 -0.50
CA SER F 94 14.67 48.60 0.36
C SER F 94 15.19 47.23 0.77
N ASP F 95 14.29 46.30 1.10
CA ASP F 95 14.69 44.95 1.50
C ASP F 95 15.40 44.19 0.38
N ASN F 96 15.23 44.60 -0.87
CA ASN F 96 15.84 43.94 -2.01
C ASN F 96 17.04 44.71 -2.54
N GLY F 97 17.49 45.74 -1.81
CA GLY F 97 18.72 46.44 -2.12
C GLY F 97 18.66 47.40 -3.29
N TYR F 98 17.49 47.99 -3.54
CA TYR F 98 17.31 48.89 -4.68
C TYR F 98 16.76 50.26 -4.26
N SER F 99 16.83 50.58 -2.96
CA SER F 99 16.25 51.82 -2.42
C SER F 99 16.89 53.09 -2.97
N HIS F 100 18.19 53.05 -3.31
CA HIS F 100 18.85 54.24 -3.82
C HIS F 100 18.43 54.60 -5.25
N VAL F 101 17.94 53.64 -6.03
CA VAL F 101 17.57 53.87 -7.43
C VAL F 101 16.07 54.06 -7.60
N ILE F 102 15.26 53.30 -6.85
CA ILE F 102 13.81 53.30 -7.03
C ILE F 102 13.19 54.19 -5.95
N GLU F 103 12.44 55.19 -6.38
CA GLU F 103 11.70 56.07 -5.49
C GLU F 103 10.20 55.97 -5.81
N LEU F 104 9.38 55.87 -4.76
CA LEU F 104 7.95 55.65 -4.87
C LEU F 104 7.21 56.81 -4.22
N ILE F 105 6.22 57.34 -4.92
CA ILE F 105 5.41 58.45 -4.42
C ILE F 105 3.99 57.96 -4.25
N LYS F 106 3.34 58.39 -3.16
CA LYS F 106 1.96 58.01 -2.85
C LYS F 106 0.98 59.04 -3.38
N GLY F 107 -0.16 58.56 -3.88
CA GLY F 107 -1.28 59.41 -4.24
C GLY F 107 -1.79 59.13 -5.64
N LYS F 108 -2.81 59.91 -6.02
CA LYS F 108 -3.44 59.85 -7.34
C LYS F 108 -2.83 60.91 -8.26
N VAL F 109 -2.90 60.64 -9.58
CA VAL F 109 -2.30 61.54 -10.56
C VAL F 109 -2.91 62.94 -10.49
N GLU F 110 -4.22 63.03 -10.32
CA GLU F 110 -4.91 64.32 -10.26
C GLU F 110 -4.39 65.19 -9.10
N ILE F 126 5.35 52.44 -17.88
CA ILE F 126 4.79 51.12 -17.59
C ILE F 126 3.51 51.23 -16.77
N SER F 127 2.48 50.45 -17.13
CA SER F 127 1.23 50.42 -16.37
C SER F 127 0.48 49.12 -16.63
N GLU F 128 -0.52 48.86 -15.78
CA GLU F 128 -1.46 47.76 -15.96
C GLU F 128 -2.86 48.36 -16.07
N TRP F 129 -3.10 49.11 -17.15
CA TRP F 129 -4.28 49.96 -17.27
C TRP F 129 -5.54 49.18 -17.65
N MET F 130 -5.40 48.02 -18.31
CA MET F 130 -6.55 47.27 -18.80
C MET F 130 -7.46 46.81 -17.66
N GLY F 131 -8.76 47.12 -17.77
CA GLY F 131 -9.75 46.62 -16.86
C GLY F 131 -10.51 45.42 -17.41
N TYR F 132 -11.53 45.01 -16.66
CA TYR F 132 -12.41 43.94 -17.12
C TYR F 132 -13.14 44.38 -18.40
N PHE F 133 -13.27 43.45 -19.34
CA PHE F 133 -13.84 43.74 -20.66
C PHE F 133 -13.07 44.88 -21.32
N LEU F 134 -11.78 44.99 -20.99
CA LEU F 134 -10.88 46.05 -21.43
C LEU F 134 -11.25 47.40 -20.80
N LEU F 135 -12.52 47.79 -20.86
CA LEU F 135 -12.92 49.17 -20.59
C LEU F 135 -13.68 49.37 -19.28
N TYR F 136 -14.16 48.33 -18.61
CA TYR F 136 -14.90 48.53 -17.37
C TYR F 136 -13.95 48.85 -16.23
N GLU F 137 -14.25 49.95 -15.52
CA GLU F 137 -13.38 50.44 -14.45
C GLU F 137 -11.93 50.50 -14.92
N SER F 138 -11.74 50.99 -16.15
CA SER F 138 -10.42 51.11 -16.71
C SER F 138 -9.73 52.37 -16.20
N MET F 139 -8.40 52.38 -16.29
CA MET F 139 -7.59 53.54 -15.97
C MET F 139 -7.22 54.34 -17.21
N LEU F 140 -8.07 54.27 -18.25
CA LEU F 140 -7.71 54.86 -19.54
C LEU F 140 -7.55 56.37 -19.46
N GLN F 141 -8.54 57.06 -18.89
CA GLN F 141 -8.43 58.52 -18.76
C GLN F 141 -7.20 58.91 -17.96
N THR F 142 -6.91 58.16 -16.88
CA THR F 142 -5.70 58.42 -16.11
C THR F 142 -4.46 58.10 -16.96
N VAL F 143 -4.49 56.99 -17.71
CA VAL F 143 -3.35 56.63 -18.54
C VAL F 143 -3.14 57.65 -19.65
N LEU F 144 -4.23 58.06 -20.32
CA LEU F 144 -4.13 59.02 -21.42
C LEU F 144 -3.62 60.39 -20.96
N SER F 145 -4.03 60.83 -19.77
CA SER F 145 -3.62 62.15 -19.27
C SER F 145 -2.13 62.22 -18.96
N ALA F 146 -1.55 61.15 -18.39
CA ALA F 146 -0.12 61.17 -18.13
C ALA F 146 0.68 61.24 -19.42
N ARG F 147 0.17 60.63 -20.49
CA ARG F 147 0.79 60.77 -21.80
C ARG F 147 0.82 62.23 -22.24
N ASP F 148 -0.33 62.91 -22.17
CA ASP F 148 -0.42 64.31 -22.57
C ASP F 148 0.46 65.21 -21.70
N ARG F 149 0.56 64.90 -20.42
CA ARG F 149 1.29 65.80 -19.52
C ARG F 149 2.81 65.60 -19.58
N TRP F 150 3.28 64.35 -19.59
CA TRP F 150 4.68 64.08 -19.25
C TRP F 150 5.47 63.26 -20.26
N LEU F 151 4.84 62.49 -21.14
CA LEU F 151 5.59 61.62 -22.04
C LEU F 151 6.38 62.43 -23.06
N ASP F 160 1.14 48.76 -25.02
CA ASP F 160 0.79 50.07 -25.55
C ASP F 160 -0.45 50.04 -26.47
N LYS F 161 -0.83 48.85 -26.93
CA LYS F 161 -2.01 48.66 -27.77
C LYS F 161 -2.71 47.36 -27.35
N CYS F 162 -4.06 47.38 -27.26
CA CYS F 162 -4.88 46.20 -26.97
C CYS F 162 -6.01 46.03 -27.98
N THR F 163 -6.31 44.77 -28.34
CA THR F 163 -7.33 44.42 -29.33
C THR F 163 -8.37 43.44 -28.77
N MET F 164 -9.66 43.70 -29.04
CA MET F 164 -10.76 42.90 -28.51
C MET F 164 -11.37 41.94 -29.53
N TYR F 165 -11.74 40.73 -29.06
CA TYR F 165 -12.36 39.69 -29.88
C TYR F 165 -13.67 39.20 -29.25
N ILE F 166 -14.56 38.67 -30.11
CA ILE F 166 -15.84 38.14 -29.63
C ILE F 166 -16.23 36.94 -30.51
N CYS F 167 -16.92 35.99 -29.89
CA CYS F 167 -17.42 34.78 -30.54
C CYS F 167 -18.57 34.21 -29.70
N GLY F 168 -19.24 33.21 -30.26
CA GLY F 168 -20.37 32.57 -29.61
C GLY F 168 -19.99 31.24 -28.98
N ILE F 169 -20.60 30.94 -27.82
CA ILE F 169 -20.31 29.70 -27.10
C ILE F 169 -21.59 28.94 -26.81
N GLU F 170 -21.41 27.63 -26.60
CA GLU F 170 -22.42 26.77 -26.00
C GLU F 170 -22.18 26.74 -24.49
N ASP F 171 -23.22 27.07 -23.72
CA ASP F 171 -23.08 27.18 -22.28
C ASP F 171 -24.40 26.82 -21.59
N SER F 172 -25.08 25.79 -22.10
CA SER F 172 -26.43 25.54 -21.61
C SER F 172 -26.43 24.97 -20.20
N GLU F 173 -25.42 24.18 -19.84
CA GLU F 173 -25.35 23.63 -18.49
C GLU F 173 -25.26 24.75 -17.46
N TYR F 174 -24.39 25.72 -17.72
CA TYR F 174 -24.29 26.86 -16.81
C TYR F 174 -25.55 27.70 -16.83
N LYS F 175 -26.13 27.92 -18.01
CA LYS F 175 -27.35 28.73 -18.08
C LYS F 175 -28.50 28.06 -17.34
N ARG F 176 -28.69 26.75 -17.56
CA ARG F 176 -29.75 26.04 -16.85
C ARG F 176 -29.53 26.09 -15.35
N ASP F 177 -28.28 25.93 -14.91
CA ASP F 177 -28.00 25.79 -13.48
C ASP F 177 -27.99 27.12 -12.73
N LYS F 178 -27.65 28.22 -13.41
CA LYS F 178 -27.40 29.47 -12.73
C LYS F 178 -28.26 30.65 -13.20
N ILE F 179 -28.98 30.52 -14.31
CA ILE F 179 -29.86 31.59 -14.75
C ILE F 179 -31.32 31.15 -14.73
N ASP F 180 -31.63 30.06 -15.44
CA ASP F 180 -32.98 29.50 -15.42
C ASP F 180 -33.37 29.04 -14.03
N PHE F 181 -32.37 28.77 -13.18
CA PHE F 181 -32.58 28.32 -11.82
C PHE F 181 -33.54 29.22 -11.05
N TRP F 182 -33.47 30.53 -11.29
CA TRP F 182 -34.24 31.49 -10.51
C TRP F 182 -35.73 31.49 -10.83
N ASP F 183 -36.17 30.81 -11.89
CA ASP F 183 -37.60 30.76 -12.18
C ASP F 183 -38.35 29.93 -11.14
N ASN F 184 -37.70 28.92 -10.55
CA ASN F 184 -38.32 28.04 -9.56
C ASN F 184 -37.28 27.75 -8.50
N VAL F 185 -37.31 28.52 -7.42
CA VAL F 185 -36.43 28.32 -6.26
C VAL F 185 -37.31 27.77 -5.13
N TYR F 186 -37.30 26.44 -4.96
CA TYR F 186 -38.12 25.74 -3.96
C TYR F 186 -39.60 26.10 -4.07
N GLY F 187 -40.08 26.27 -5.30
CA GLY F 187 -41.46 26.59 -5.56
C GLY F 187 -41.79 28.07 -5.68
N PHE F 188 -40.86 28.95 -5.33
CA PHE F 188 -41.11 30.39 -5.40
C PHE F 188 -40.57 30.95 -6.71
N ASN F 189 -41.17 32.06 -7.12
CA ASN F 189 -40.78 32.73 -8.36
C ASN F 189 -39.72 33.79 -8.04
N PHE F 190 -38.46 33.50 -8.36
CA PHE F 190 -37.35 34.45 -8.23
C PHE F 190 -36.92 34.98 -9.60
N SER F 191 -37.87 35.07 -10.55
CA SER F 191 -37.55 35.54 -11.89
C SER F 191 -36.89 36.91 -11.88
N ALA F 192 -37.24 37.77 -10.91
CA ALA F 192 -36.58 39.06 -10.82
C ALA F 192 -35.07 38.93 -10.68
N ILE F 193 -34.58 37.83 -10.08
CA ILE F 193 -33.14 37.64 -9.98
C ILE F 193 -32.58 37.22 -11.33
N LYS F 194 -33.34 36.43 -12.07
CA LYS F 194 -32.92 35.98 -13.39
C LYS F 194 -32.70 37.18 -14.32
N ALA F 195 -33.61 38.16 -14.25
CA ALA F 195 -33.49 39.36 -15.08
C ALA F 195 -32.16 40.05 -14.82
N ASP F 196 -31.73 40.11 -13.56
CA ASP F 196 -30.45 40.74 -13.23
C ASP F 196 -29.28 39.90 -13.71
N ALA F 197 -29.41 38.58 -13.63
CA ALA F 197 -28.37 37.72 -14.16
C ALA F 197 -28.17 37.96 -15.65
N LEU F 198 -29.26 38.20 -16.39
CA LEU F 198 -29.13 38.43 -17.82
C LEU F 198 -28.51 39.78 -18.13
N ARG F 199 -28.88 40.82 -17.38
CA ARG F 199 -28.38 42.16 -17.68
C ARG F 199 -26.91 42.32 -17.32
N GLU F 200 -26.36 41.46 -16.45
CA GLU F 200 -25.00 41.65 -15.98
C GLU F 200 -24.06 40.70 -16.70
N PRO F 201 -23.08 41.22 -17.45
CA PRO F 201 -22.07 40.34 -18.03
C PRO F 201 -21.31 39.62 -16.92
N LEU F 202 -20.90 38.40 -17.21
CA LEU F 202 -20.21 37.55 -16.25
C LEU F 202 -18.72 37.57 -16.52
N VAL F 203 -17.93 37.94 -15.51
CA VAL F 203 -16.47 37.85 -15.63
C VAL F 203 -16.05 36.49 -15.06
N ASP F 204 -15.70 35.58 -15.96
CA ASP F 204 -15.45 34.20 -15.58
C ASP F 204 -14.71 33.53 -16.72
N PHE F 205 -14.13 32.36 -16.44
CA PHE F 205 -13.43 31.59 -17.45
C PHE F 205 -14.39 30.73 -18.26
N VAL F 206 -14.13 30.60 -19.55
CA VAL F 206 -14.82 29.60 -20.36
C VAL F 206 -13.77 28.73 -21.00
N GLU F 207 -14.13 27.47 -21.26
CA GLU F 207 -13.22 26.56 -21.94
C GLU F 207 -13.31 26.80 -23.45
N SER F 208 -12.15 26.78 -24.10
CA SER F 208 -12.12 27.09 -25.53
C SER F 208 -12.99 26.12 -26.33
N GLN F 209 -13.16 24.90 -25.83
CA GLN F 209 -13.99 23.89 -26.45
C GLN F 209 -15.48 24.25 -26.47
N GLN F 210 -15.90 25.29 -25.76
CA GLN F 210 -17.29 25.75 -25.84
C GLN F 210 -17.55 26.68 -27.01
N ILE F 211 -16.51 27.14 -27.71
CA ILE F 211 -16.67 28.09 -28.80
C ILE F 211 -17.22 27.35 -30.02
N ILE F 212 -18.31 27.87 -30.58
CA ILE F 212 -18.98 27.25 -31.70
C ILE F 212 -19.01 28.17 -32.93
N THR F 213 -18.29 29.30 -32.88
CA THR F 213 -18.20 30.24 -33.99
C THR F 213 -16.74 30.64 -34.20
N THR F 214 -16.47 31.29 -35.32
CA THR F 214 -15.16 31.91 -35.47
C THR F 214 -15.01 33.08 -34.50
N GLN F 215 -13.80 33.61 -34.42
CA GLN F 215 -13.48 34.71 -33.52
C GLN F 215 -13.38 35.99 -34.33
N SER F 216 -14.04 37.04 -33.85
CA SER F 216 -14.13 38.31 -34.58
C SER F 216 -13.41 39.40 -33.81
N LYS F 217 -12.49 40.08 -34.48
CA LYS F 217 -11.96 41.31 -33.95
C LYS F 217 -13.01 42.39 -34.09
N PHE F 218 -13.31 43.09 -32.99
CA PHE F 218 -14.34 44.11 -33.02
C PHE F 218 -13.93 45.43 -32.36
N LEU F 219 -12.74 45.52 -31.77
CA LEU F 219 -12.26 46.79 -31.23
C LEU F 219 -10.73 46.77 -31.17
N GLU F 220 -10.11 47.89 -31.53
CA GLU F 220 -8.68 48.09 -31.37
C GLU F 220 -8.44 49.41 -30.66
N ILE F 221 -7.57 49.40 -29.65
CA ILE F 221 -7.21 50.59 -28.89
C ILE F 221 -5.69 50.77 -28.94
N ASP F 222 -5.24 51.85 -29.57
CA ASP F 222 -3.83 52.20 -29.64
C ASP F 222 -3.64 53.44 -28.78
N LEU F 223 -2.96 53.28 -27.64
CA LEU F 223 -2.76 54.42 -26.76
C LEU F 223 -1.94 55.55 -27.38
N ASN F 224 -1.07 55.25 -28.34
CA ASN F 224 -0.31 56.35 -28.93
C ASN F 224 -1.18 57.19 -29.85
N THR F 225 -2.27 56.64 -30.38
CA THR F 225 -3.07 57.37 -31.35
C THR F 225 -4.39 57.86 -30.78
N ILE F 226 -4.93 57.16 -29.76
CA ILE F 226 -6.19 57.54 -29.16
C ILE F 226 -6.03 58.88 -28.43
N GLN F 227 -7.11 59.65 -28.41
CA GLN F 227 -7.18 60.96 -27.75
C GLN F 227 -8.26 60.88 -26.67
N PRO F 228 -8.17 61.71 -25.63
CA PRO F 228 -9.14 61.61 -24.52
C PRO F 228 -10.59 61.61 -24.97
N GLU F 229 -10.93 62.40 -25.99
CA GLU F 229 -12.31 62.46 -26.47
C GLU F 229 -12.79 61.15 -27.07
N ASP F 230 -11.88 60.32 -27.61
CA ASP F 230 -12.29 59.11 -28.32
C ASP F 230 -13.02 58.10 -27.44
N LEU F 231 -12.84 58.13 -26.13
CA LEU F 231 -13.40 57.10 -25.25
C LEU F 231 -14.64 57.62 -24.52
N LYS F 232 -15.60 58.15 -25.29
CA LYS F 232 -16.85 58.64 -24.71
C LYS F 232 -18.08 57.89 -25.17
N GLN F 233 -18.15 57.56 -26.46
CA GLN F 233 -19.20 56.70 -27.02
C GLN F 233 -18.54 55.83 -28.07
N ILE F 234 -18.43 54.54 -27.79
CA ILE F 234 -17.86 53.58 -28.74
C ILE F 234 -18.99 52.85 -29.43
N THR F 235 -19.05 52.99 -30.75
CA THR F 235 -19.99 52.25 -31.58
C THR F 235 -19.15 51.41 -32.52
N THR F 236 -19.29 50.09 -32.43
CA THR F 236 -18.46 49.21 -33.23
C THR F 236 -19.29 48.08 -33.81
N SER F 237 -18.56 47.25 -34.56
CA SER F 237 -19.06 46.22 -35.47
C SER F 237 -18.41 44.86 -35.21
N PHE F 238 -19.19 43.79 -35.42
CA PHE F 238 -18.58 42.47 -35.38
C PHE F 238 -19.31 41.51 -36.32
N GLU F 239 -18.60 40.44 -36.69
CA GLU F 239 -19.12 39.41 -37.58
C GLU F 239 -18.41 38.08 -37.31
N PHE F 240 -19.16 37.01 -37.08
CA PHE F 240 -18.58 35.67 -37.02
C PHE F 240 -19.54 34.66 -37.63
N THR F 241 -19.01 33.48 -37.92
CA THR F 241 -19.72 32.44 -38.64
C THR F 241 -19.85 31.20 -37.76
N SER F 242 -21.06 30.64 -37.70
CA SER F 242 -21.28 29.42 -36.93
C SER F 242 -20.67 28.21 -37.60
N GLN F 243 -20.06 27.34 -36.81
CA GLN F 243 -19.43 26.13 -37.31
C GLN F 243 -20.20 24.87 -36.96
N TYR F 244 -21.30 24.98 -36.22
CA TYR F 244 -21.99 23.79 -35.77
C TYR F 244 -23.50 24.02 -35.83
N GLN F 245 -24.24 22.89 -35.80
CA GLN F 245 -25.66 22.91 -35.47
C GLN F 245 -25.77 22.86 -33.95
N GLU F 246 -26.20 23.98 -33.36
CA GLU F 246 -26.10 24.12 -31.92
C GLU F 246 -26.95 25.31 -31.49
N TYR F 247 -27.39 25.28 -30.23
CA TYR F 247 -27.94 26.47 -29.58
C TYR F 247 -26.78 27.26 -28.98
N CYS F 248 -26.83 28.57 -29.18
CA CYS F 248 -25.86 29.49 -28.62
C CYS F 248 -26.50 30.22 -27.45
N GLN F 249 -25.89 30.13 -26.27
CA GLN F 249 -26.42 30.75 -25.06
C GLN F 249 -25.76 32.09 -24.74
N ALA F 250 -24.58 32.38 -25.31
CA ALA F 250 -23.85 33.56 -24.91
C ALA F 250 -22.78 33.91 -25.94
N PHE F 251 -22.37 35.17 -25.92
CA PHE F 251 -21.15 35.60 -26.60
C PHE F 251 -20.07 35.82 -25.55
N VAL F 252 -18.84 35.39 -25.86
CA VAL F 252 -17.71 35.60 -24.99
C VAL F 252 -16.72 36.55 -25.68
N ALA F 253 -16.14 37.44 -24.88
CA ALA F 253 -15.21 38.45 -25.36
C ALA F 253 -13.95 38.42 -24.50
N TRP F 254 -12.83 38.77 -25.12
CA TRP F 254 -11.56 38.89 -24.44
C TRP F 254 -10.70 39.88 -25.23
N PHE F 255 -9.53 40.19 -24.70
CA PHE F 255 -8.60 41.07 -25.40
C PHE F 255 -7.21 40.47 -25.38
N ASP F 256 -6.49 40.65 -26.48
CA ASP F 256 -5.06 40.41 -26.56
C ASP F 256 -4.38 41.77 -26.58
N CYS F 257 -3.15 41.83 -26.06
CA CYS F 257 -2.38 43.04 -26.31
C CYS F 257 -0.89 42.84 -26.25
N VAL F 258 -0.21 43.64 -27.06
CA VAL F 258 1.23 43.60 -27.28
C VAL F 258 1.78 44.96 -26.89
N PHE F 259 2.93 44.96 -26.22
CA PHE F 259 3.70 46.18 -25.98
C PHE F 259 4.72 46.31 -27.11
N SER F 260 4.51 47.29 -28.00
CA SER F 260 5.41 47.51 -29.14
C SER F 260 6.64 48.35 -28.78
N VAL F 267 6.58 41.53 -27.63
CA VAL F 267 5.92 40.80 -26.54
C VAL F 267 4.42 41.07 -26.52
N GLU F 268 3.64 39.99 -26.47
CA GLU F 268 2.20 40.07 -26.44
C GLU F 268 1.66 39.00 -25.51
N PHE F 269 0.43 39.20 -25.05
CA PHE F 269 -0.29 38.17 -24.30
C PHE F 269 -1.78 38.32 -24.56
N SER F 270 -2.51 37.23 -24.30
CA SER F 270 -3.96 37.21 -24.47
C SER F 270 -4.63 36.86 -23.15
N THR F 271 -5.87 37.34 -23.01
CA THR F 271 -6.71 36.95 -21.89
C THR F 271 -7.82 35.99 -22.31
N GLY F 272 -7.73 35.42 -23.52
CA GLY F 272 -8.73 34.53 -24.04
C GLY F 272 -8.60 33.12 -23.49
N PRO F 273 -9.56 32.27 -23.89
CA PRO F 273 -9.62 30.91 -23.34
C PRO F 273 -8.73 29.88 -24.02
N PHE F 274 -8.05 30.23 -25.10
CA PHE F 274 -7.13 29.29 -25.72
C PHE F 274 -5.79 29.24 -25.00
N THR F 275 -5.53 30.20 -24.12
CA THR F 275 -4.25 30.31 -23.43
C THR F 275 -4.47 30.29 -21.93
N GLU F 276 -3.37 30.32 -21.20
CA GLU F 276 -3.41 30.20 -19.75
C GLU F 276 -4.31 31.27 -19.12
N GLY F 277 -4.93 30.94 -18.00
CA GLY F 277 -5.84 31.89 -17.38
C GLY F 277 -5.10 33.14 -16.92
N THR F 278 -5.82 34.24 -16.96
CA THR F 278 -5.40 35.50 -16.37
C THR F 278 -6.45 36.04 -15.40
N HIS F 279 -6.01 36.99 -14.55
CA HIS F 279 -6.90 37.59 -13.56
C HIS F 279 -8.00 38.42 -14.21
N TRP F 280 -7.86 38.73 -15.49
CA TRP F 280 -8.90 39.38 -16.27
C TRP F 280 -9.98 38.40 -16.68
N LYS F 281 -9.68 37.09 -16.67
CA LYS F 281 -10.60 36.04 -17.06
C LYS F 281 -11.16 36.34 -18.45
N GLN F 282 -12.44 36.05 -18.67
CA GLN F 282 -13.15 36.44 -19.88
C GLN F 282 -14.45 37.12 -19.47
N THR F 283 -15.16 37.68 -20.45
CA THR F 283 -16.46 38.31 -20.21
C THR F 283 -17.51 37.63 -21.05
N VAL F 284 -18.58 37.18 -20.41
CA VAL F 284 -19.60 36.35 -21.03
C VAL F 284 -20.91 37.11 -21.06
N PHE F 285 -21.51 37.22 -22.25
CA PHE F 285 -22.76 37.94 -22.45
C PHE F 285 -23.87 36.94 -22.78
N TYR F 286 -24.72 36.65 -21.79
CA TYR F 286 -25.79 35.68 -22.00
C TYR F 286 -26.91 36.28 -22.84
N LEU F 287 -27.39 35.51 -23.81
CA LEU F 287 -28.50 35.92 -24.67
C LEU F 287 -29.84 35.73 -23.96
N GLU F 288 -30.77 36.64 -24.26
CA GLU F 288 -32.11 36.53 -23.67
C GLU F 288 -32.80 35.25 -24.11
N ASN F 289 -32.67 34.88 -25.38
CA ASN F 289 -33.20 33.63 -25.90
C ASN F 289 -32.11 32.91 -26.67
N ASP F 290 -32.01 31.60 -26.45
CA ASP F 290 -31.00 30.80 -27.12
C ASP F 290 -31.16 30.91 -28.63
N LEU F 291 -30.03 31.03 -29.34
CA LEU F 291 -30.00 31.12 -30.79
C LEU F 291 -29.88 29.74 -31.40
N PRO F 292 -30.81 29.31 -32.24
CA PRO F 292 -30.57 28.09 -33.01
C PRO F 292 -29.66 28.40 -34.19
N LEU F 293 -28.47 27.83 -34.17
CA LEU F 293 -27.47 28.08 -35.20
C LEU F 293 -27.23 26.82 -36.01
N LYS F 294 -26.99 27.01 -37.30
CA LYS F 294 -26.59 25.93 -38.20
C LYS F 294 -25.25 26.29 -38.81
N PRO F 295 -24.52 25.30 -39.33
CA PRO F 295 -23.21 25.60 -39.92
C PRO F 295 -23.32 26.64 -41.02
N ASN F 296 -22.39 27.59 -40.99
CA ASN F 296 -22.22 28.68 -41.95
C ASN F 296 -23.25 29.78 -41.77
N ASP F 297 -24.08 29.74 -40.73
CA ASP F 297 -24.89 30.90 -40.38
C ASP F 297 -23.98 32.08 -40.08
N VAL F 298 -24.31 33.24 -40.62
CA VAL F 298 -23.52 34.46 -40.43
C VAL F 298 -24.26 35.33 -39.43
N ILE F 299 -23.59 35.69 -38.35
CA ILE F 299 -24.15 36.53 -37.30
C ILE F 299 -23.44 37.87 -37.43
N LYS F 300 -24.08 38.82 -38.09
CA LYS F 300 -23.53 40.16 -38.30
C LYS F 300 -24.25 41.11 -37.37
N GLY F 301 -23.49 41.99 -36.71
CA GLY F 301 -24.12 42.86 -35.74
C GLY F 301 -23.26 44.04 -35.36
N THR F 302 -23.86 44.90 -34.53
CA THR F 302 -23.21 46.08 -33.98
C THR F 302 -23.32 46.03 -32.46
N ILE F 303 -22.24 46.43 -31.80
CA ILE F 303 -22.22 46.56 -30.34
C ILE F 303 -21.91 48.02 -30.03
N THR F 304 -22.78 48.67 -29.26
CA THR F 304 -22.58 50.04 -28.83
C THR F 304 -22.35 50.09 -27.32
N ILE F 305 -21.35 50.88 -26.91
CA ILE F 305 -20.92 50.97 -25.52
C ILE F 305 -20.89 52.43 -25.10
N SER F 306 -21.25 52.68 -23.84
CA SER F 306 -21.19 54.03 -23.31
C SER F 306 -20.97 53.97 -21.81
N GLN F 307 -20.37 55.03 -21.27
CA GLN F 307 -20.17 55.12 -19.82
C GLN F 307 -21.50 55.44 -19.16
N ASN F 308 -21.74 54.81 -18.01
CA ASN F 308 -22.97 55.10 -17.30
C ASN F 308 -22.90 56.51 -16.73
N LYS F 309 -23.95 57.30 -16.99
CA LYS F 309 -23.96 58.69 -16.56
C LYS F 309 -24.21 58.81 -15.06
N SER F 310 -25.03 57.91 -14.51
CA SER F 310 -25.33 57.93 -13.08
C SER F 310 -24.12 57.54 -12.26
N ASN F 311 -23.43 56.47 -12.66
CA ASN F 311 -22.25 55.98 -11.98
C ASN F 311 -21.11 55.89 -13.01
N HIS F 312 -20.15 56.81 -12.90
CA HIS F 312 -19.05 56.84 -13.85
C HIS F 312 -18.20 55.58 -13.78
N ARG F 313 -18.31 54.82 -12.67
CA ARG F 313 -17.63 53.54 -12.53
C ARG F 313 -18.37 52.38 -13.20
N ASP F 314 -19.62 52.57 -13.63
CA ASP F 314 -20.36 51.53 -14.34
C ASP F 314 -20.28 51.74 -15.84
N LEU F 315 -20.38 50.62 -16.59
CA LEU F 315 -20.24 50.61 -18.04
C LEU F 315 -21.48 49.99 -18.68
N ASP F 316 -22.15 50.77 -19.53
CA ASP F 316 -23.31 50.28 -20.27
C ASP F 316 -22.82 49.72 -21.61
N ILE F 317 -23.23 48.48 -21.90
CA ILE F 317 -22.88 47.81 -23.15
C ILE F 317 -24.17 47.38 -23.82
N SER F 318 -24.36 47.79 -25.08
CA SER F 318 -25.52 47.44 -25.89
C SER F 318 -25.09 46.68 -27.13
N MET F 319 -25.95 45.78 -27.58
CA MET F 319 -25.64 44.93 -28.72
C MET F 319 -26.88 44.73 -29.58
N LYS F 320 -26.69 44.71 -30.90
CA LYS F 320 -27.73 44.42 -31.87
C LYS F 320 -27.12 43.62 -33.01
N TYR F 321 -27.79 42.54 -33.43
CA TYR F 321 -27.20 41.65 -34.43
C TYR F 321 -28.30 40.96 -35.23
N THR F 322 -27.89 40.41 -36.38
CA THR F 322 -28.77 39.63 -37.24
C THR F 322 -28.14 38.28 -37.52
N VAL F 323 -28.97 37.32 -37.90
CA VAL F 323 -28.50 36.00 -38.33
C VAL F 323 -28.95 35.79 -39.78
N ASN F 324 -27.99 35.68 -40.70
CA ASN F 324 -28.25 35.57 -42.13
C ASN F 324 -29.18 36.67 -42.63
N GLY F 325 -29.06 37.86 -42.04
CA GLY F 325 -29.85 38.98 -42.49
C GLY F 325 -31.30 38.96 -42.08
N GLY F 326 -31.67 38.15 -41.10
CA GLY F 326 -33.04 38.13 -40.62
C GLY F 326 -33.36 39.36 -39.78
N ALA F 327 -34.46 39.32 -39.02
CA ALA F 327 -34.85 40.46 -38.20
C ALA F 327 -33.78 40.77 -37.16
N VAL F 328 -33.67 42.04 -36.80
CA VAL F 328 -32.65 42.49 -35.86
C VAL F 328 -33.04 42.08 -34.45
N ILE F 329 -32.13 41.37 -33.77
CA ILE F 329 -32.27 41.03 -32.35
C ILE F 329 -31.45 42.04 -31.54
N SER F 330 -31.99 42.51 -30.43
CA SER F 330 -31.32 43.46 -29.57
C SER F 330 -31.25 42.92 -28.15
N GLN F 331 -30.18 43.30 -27.44
CA GLN F 331 -30.06 43.04 -26.02
C GLN F 331 -29.12 44.08 -25.42
N ASP F 332 -29.45 44.57 -24.23
CA ASP F 332 -28.67 45.57 -23.54
C ASP F 332 -28.24 45.07 -22.16
N TYR F 333 -27.02 45.44 -21.76
CA TYR F 333 -26.38 44.98 -20.54
C TYR F 333 -25.84 46.18 -19.77
N ILE F 334 -25.69 46.01 -18.46
CA ILE F 334 -25.04 47.01 -17.62
C ILE F 334 -24.00 46.30 -16.75
N MET F 335 -22.73 46.67 -16.91
CA MET F 335 -21.65 46.17 -16.07
C MET F 335 -21.58 46.99 -14.79
N ARG F 336 -21.82 46.35 -13.65
CA ARG F 336 -21.71 47.03 -12.37
C ARG F 336 -20.70 46.24 -11.53
C1 EDO G . 29.65 1.92 41.88
O1 EDO G . 28.44 1.21 42.23
C2 EDO G . 29.95 1.72 40.39
O2 EDO G . 28.73 1.70 39.60
C1 EDO H . 28.83 -2.26 11.38
O1 EDO H . 30.00 -1.42 11.47
C2 EDO H . 27.59 -1.40 11.62
O2 EDO H . 27.20 -0.84 10.37
C1 EDO I . 10.83 -17.88 9.26
O1 EDO I . 10.83 -19.14 8.55
C2 EDO I . 9.63 -17.03 8.84
O2 EDO I . 8.50 -17.28 9.71
C1 EDO J . 3.14 -33.98 29.55
O1 EDO J . 1.79 -34.17 28.91
C2 EDO J . 3.25 -32.72 30.44
O2 EDO J . 4.54 -32.61 31.06
C1 EDO K . 1.53 -36.31 8.34
O1 EDO K . 2.80 -36.99 8.40
C2 EDO K . 0.83 -36.45 7.00
O2 EDO K . -0.55 -36.82 7.19
C1 EDO L . -12.09 -0.93 -0.09
O1 EDO L . -12.56 -0.51 -1.39
C2 EDO L . -12.22 -2.45 0.11
O2 EDO L . -11.03 -3.12 -0.36
C1 EDO M . -3.52 -24.57 -3.64
O1 EDO M . -3.87 -23.46 -2.79
C2 EDO M . -2.01 -24.62 -3.78
O2 EDO M . -1.52 -23.33 -4.17
C1 EDO N . -30.98 -19.30 4.85
O1 EDO N . -30.53 -19.65 6.17
C2 EDO N . -31.06 -20.53 3.94
O2 EDO N . -32.44 -20.93 3.76
C1 EDO O . -16.49 -3.45 -13.02
O1 EDO O . -16.13 -4.31 -11.93
C2 EDO O . -15.99 -4.09 -14.29
O2 EDO O . -16.60 -5.40 -14.36
C1 EDO P . -25.61 -10.62 -21.13
O1 EDO P . -26.99 -10.25 -21.33
C2 EDO P . -25.20 -11.37 -22.39
O2 EDO P . -26.31 -11.28 -23.29
C1 EDO Q . 11.72 17.23 12.00
O1 EDO Q . 12.17 18.57 11.72
C2 EDO Q . 12.23 16.28 10.93
O2 EDO Q . 12.32 14.94 11.45
C1 EDO R . -2.73 -8.15 -47.18
O1 EDO R . -2.35 -7.88 -45.83
C2 EDO R . -3.97 -9.05 -47.22
O2 EDO R . -5.11 -8.32 -46.72
C1 EDO S . 3.64 4.45 -24.51
O1 EDO S . 2.74 4.83 -25.55
C2 EDO S . 3.06 3.25 -23.77
O2 EDO S . 1.67 3.49 -23.60
C1 EDO T . -5.40 -1.94 12.07
O1 EDO T . -6.75 -1.51 11.91
C2 EDO T . -5.40 -3.21 12.92
O2 EDO T . -6.45 -4.05 12.44
C1 EDO U . 1.73 0.99 -16.55
O1 EDO U . 0.32 0.72 -16.65
C2 EDO U . 2.21 0.79 -15.11
O2 EDO U . 2.27 -0.61 -14.80
C1 EDO V . -1.22 3.89 -17.97
O1 EDO V . -1.48 2.68 -17.23
C2 EDO V . -2.11 5.02 -17.47
O2 EDO V . -1.87 5.26 -16.07
C1 EDO W . 14.91 -1.93 -21.21
O1 EDO W . 16.29 -1.55 -21.23
C2 EDO W . 14.86 -3.43 -20.95
O2 EDO W . 16.10 -3.79 -20.33
C1 EDO X . 17.18 11.51 5.39
O1 EDO X . 18.07 12.61 5.65
C2 EDO X . 17.58 10.25 6.16
O2 EDO X . 18.82 9.73 5.68
#